data_2MA1
# 
_entry.id   2MA1 
# 
_audit_conform.dict_name       mmcif_pdbx.dic 
_audit_conform.dict_version    5.392 
_audit_conform.dict_location   http://mmcif.pdb.org/dictionaries/ascii/mmcif_pdbx.dic 
# 
loop_
_database_2.database_id 
_database_2.database_code 
_database_2.pdbx_database_accession 
_database_2.pdbx_DOI 
PDB   2MA1         pdb_00002ma1 10.2210/pdb2ma1/pdb 
RCSB  RCSB103397   ?            ?                   
BMRB  19317        ?            10.13018/BMR19317   
WWPDB D_1000103397 ?            ?                   
# 
loop_
_pdbx_audit_revision_history.ordinal 
_pdbx_audit_revision_history.data_content_type 
_pdbx_audit_revision_history.major_revision 
_pdbx_audit_revision_history.minor_revision 
_pdbx_audit_revision_history.revision_date 
1 'Structure model' 1 0 2013-07-10 
2 'Structure model' 1 1 2023-06-14 
3 'Structure model' 1 2 2024-05-15 
# 
_pdbx_audit_revision_details.ordinal             1 
_pdbx_audit_revision_details.revision_ordinal    1 
_pdbx_audit_revision_details.data_content_type   'Structure model' 
_pdbx_audit_revision_details.provider            repository 
_pdbx_audit_revision_details.type                'Initial release' 
_pdbx_audit_revision_details.description         ? 
_pdbx_audit_revision_details.details             ? 
# 
loop_
_pdbx_audit_revision_group.ordinal 
_pdbx_audit_revision_group.revision_ordinal 
_pdbx_audit_revision_group.data_content_type 
_pdbx_audit_revision_group.group 
1 2 'Structure model' 'Database references' 
2 2 'Structure model' Other                 
3 3 'Structure model' 'Data collection'     
4 3 'Structure model' 'Database references' 
# 
loop_
_pdbx_audit_revision_category.ordinal 
_pdbx_audit_revision_category.revision_ordinal 
_pdbx_audit_revision_category.data_content_type 
_pdbx_audit_revision_category.category 
1 2 'Structure model' database_2           
2 2 'Structure model' pdbx_database_status 
3 3 'Structure model' chem_comp_atom       
4 3 'Structure model' chem_comp_bond       
5 3 'Structure model' database_2           
# 
loop_
_pdbx_audit_revision_item.ordinal 
_pdbx_audit_revision_item.revision_ordinal 
_pdbx_audit_revision_item.data_content_type 
_pdbx_audit_revision_item.item 
1 2 'Structure model' '_database_2.pdbx_DOI'                       
2 2 'Structure model' '_database_2.pdbx_database_accession'        
3 2 'Structure model' '_pdbx_database_status.status_code_nmr_data' 
4 3 'Structure model' '_database_2.pdbx_DOI'                       
# 
_pdbx_database_status.deposit_site                    BMRB 
_pdbx_database_status.entry_id                        2MA1 
_pdbx_database_status.methods_development_category    ? 
_pdbx_database_status.process_site                    PDBJ 
_pdbx_database_status.recvd_initial_deposition_date   2013-06-24 
_pdbx_database_status.SG_entry                        ? 
_pdbx_database_status.status_code                     REL 
_pdbx_database_status.status_code_mr                  REL 
_pdbx_database_status.status_code_sf                  ? 
_pdbx_database_status.status_code_cs                  REL 
_pdbx_database_status.pdb_format_compatible           Y 
_pdbx_database_status.status_code_nmr_data            REL 
# 
_pdbx_database_related.db_id          19317 
_pdbx_database_related.db_name        BMRB 
_pdbx_database_related.content_type   unspecified 
_pdbx_database_related.details        . 
# 
loop_
_audit_author.name 
_audit_author.pdbx_ordinal 
'Liu, S.'   1 
'Zhang, W.' 2 
'Gao, Z.'   3 
'Ming, Q.'  4 
'Hou, H.'   5 
'Lan, W.'   6 
'Wu, H.'    7 
'Cao, C.'   8 
'Dong, Y.'  9 
# 
_citation.id                        primary 
_citation.title                     
'NMR structure of the N-terminal-most HRDC1 domain of RecQ helicase from Deinococcus radiodurans' 
_citation.journal_abbrev            'To be Published' 
_citation.journal_volume            ? 
_citation.page_first                ? 
_citation.page_last                 ? 
_citation.year                      ? 
_citation.journal_id_ASTM           ? 
_citation.country                   ? 
_citation.journal_id_ISSN           ? 
_citation.journal_id_CSD            0353 
_citation.book_publisher            ? 
_citation.pdbx_database_id_PubMed   ? 
_citation.pdbx_database_id_DOI      ? 
# 
loop_
_citation_author.citation_id 
_citation_author.name 
_citation_author.ordinal 
_citation_author.identifier_ORCID 
primary 'Liu, S.'   1 ? 
primary 'Zhang, W.' 2 ? 
primary 'Gao, Z.'   3 ? 
primary 'Ming, Q.'  4 ? 
primary 'Hou, H.'   5 ? 
primary 'Lan, W.'   6 ? 
primary 'Wu, H.'    7 ? 
primary 'Cao, C.'   8 ? 
primary 'Dong, Y.'  9 ? 
# 
_entity.id                         1 
_entity.type                       polymer 
_entity.src_method                 man 
_entity.pdbx_description           'DNA helicase RecQ' 
_entity.formula_weight             8054.140 
_entity.pdbx_number_of_molecules   1 
_entity.pdbx_ec                    ? 
_entity.pdbx_mutation              ? 
_entity.pdbx_fragment              'UNP residues 536-610' 
_entity.details                    ? 
# 
_entity_poly.entity_id                      1 
_entity_poly.type                           'polypeptide(L)' 
_entity_poly.nstd_linkage                   no 
_entity_poly.nstd_monomer                   no 
_entity_poly.pdbx_seq_one_letter_code       HDAPLFEALRAWRLQKAKELSLPPYTIFHDATLKTIAELRPGSHATLGTVSGVGGRKLAAYGDEVLQVVRDSSGG 
_entity_poly.pdbx_seq_one_letter_code_can   HDAPLFEALRAWRLQKAKELSLPPYTIFHDATLKTIAELRPGSHATLGTVSGVGGRKLAAYGDEVLQVVRDSSGG 
_entity_poly.pdbx_strand_id                 A 
_entity_poly.pdbx_target_identifier         ? 
# 
loop_
_entity_poly_seq.entity_id 
_entity_poly_seq.num 
_entity_poly_seq.mon_id 
_entity_poly_seq.hetero 
1 1  HIS n 
1 2  ASP n 
1 3  ALA n 
1 4  PRO n 
1 5  LEU n 
1 6  PHE n 
1 7  GLU n 
1 8  ALA n 
1 9  LEU n 
1 10 ARG n 
1 11 ALA n 
1 12 TRP n 
1 13 ARG n 
1 14 LEU n 
1 15 GLN n 
1 16 LYS n 
1 17 ALA n 
1 18 LYS n 
1 19 GLU n 
1 20 LEU n 
1 21 SER n 
1 22 LEU n 
1 23 PRO n 
1 24 PRO n 
1 25 TYR n 
1 26 THR n 
1 27 ILE n 
1 28 PHE n 
1 29 HIS n 
1 30 ASP n 
1 31 ALA n 
1 32 THR n 
1 33 LEU n 
1 34 LYS n 
1 35 THR n 
1 36 ILE n 
1 37 ALA n 
1 38 GLU n 
1 39 LEU n 
1 40 ARG n 
1 41 PRO n 
1 42 GLY n 
1 43 SER n 
1 44 HIS n 
1 45 ALA n 
1 46 THR n 
1 47 LEU n 
1 48 GLY n 
1 49 THR n 
1 50 VAL n 
1 51 SER n 
1 52 GLY n 
1 53 VAL n 
1 54 GLY n 
1 55 GLY n 
1 56 ARG n 
1 57 LYS n 
1 58 LEU n 
1 59 ALA n 
1 60 ALA n 
1 61 TYR n 
1 62 GLY n 
1 63 ASP n 
1 64 GLU n 
1 65 VAL n 
1 66 LEU n 
1 67 GLN n 
1 68 VAL n 
1 69 VAL n 
1 70 ARG n 
1 71 ASP n 
1 72 SER n 
1 73 SER n 
1 74 GLY n 
1 75 GLY n 
# 
_entity_src_gen.entity_id                          1 
_entity_src_gen.pdbx_src_id                        1 
_entity_src_gen.pdbx_alt_source_flag               sample 
_entity_src_gen.pdbx_seq_type                      ? 
_entity_src_gen.pdbx_beg_seq_num                   ? 
_entity_src_gen.pdbx_end_seq_num                   ? 
_entity_src_gen.gene_src_common_name               ? 
_entity_src_gen.gene_src_genus                     ? 
_entity_src_gen.pdbx_gene_src_gene                 'DrRecQ, DR_1289' 
_entity_src_gen.gene_src_species                   ? 
_entity_src_gen.gene_src_strain                    
'ATCC 13939 / DSM 20539 / JCM 16871 / LMG 4051 / NBRC 15346 / NCIMB 9279 / R1 / VKM B-1422' 
_entity_src_gen.gene_src_tissue                    ? 
_entity_src_gen.gene_src_tissue_fraction           ? 
_entity_src_gen.gene_src_details                   ? 
_entity_src_gen.pdbx_gene_src_fragment             ? 
_entity_src_gen.pdbx_gene_src_scientific_name      'Deinococcus radiodurans' 
_entity_src_gen.pdbx_gene_src_ncbi_taxonomy_id     243230 
_entity_src_gen.pdbx_gene_src_variant              ? 
_entity_src_gen.pdbx_gene_src_cell_line            ? 
_entity_src_gen.pdbx_gene_src_atcc                 ? 
_entity_src_gen.pdbx_gene_src_organ                ? 
_entity_src_gen.pdbx_gene_src_organelle            ? 
_entity_src_gen.pdbx_gene_src_cell                 ? 
_entity_src_gen.pdbx_gene_src_cellular_location    ? 
_entity_src_gen.host_org_common_name               ? 
_entity_src_gen.pdbx_host_org_scientific_name      'Escherichia coli' 
_entity_src_gen.pdbx_host_org_ncbi_taxonomy_id     562 
_entity_src_gen.host_org_genus                     ? 
_entity_src_gen.pdbx_host_org_gene                 ? 
_entity_src_gen.pdbx_host_org_organ                ? 
_entity_src_gen.host_org_species                   ? 
_entity_src_gen.pdbx_host_org_tissue               ? 
_entity_src_gen.pdbx_host_org_tissue_fraction      ? 
_entity_src_gen.pdbx_host_org_strain               'BL21(DE3)' 
_entity_src_gen.pdbx_host_org_variant              ? 
_entity_src_gen.pdbx_host_org_cell_line            ? 
_entity_src_gen.pdbx_host_org_atcc                 ? 
_entity_src_gen.pdbx_host_org_culture_collection   ? 
_entity_src_gen.pdbx_host_org_cell                 ? 
_entity_src_gen.pdbx_host_org_organelle            ? 
_entity_src_gen.pdbx_host_org_cellular_location    ? 
_entity_src_gen.pdbx_host_org_vector_type          ? 
_entity_src_gen.pdbx_host_org_vector               pET28a 
_entity_src_gen.host_org_details                   ? 
_entity_src_gen.expression_system_id               ? 
_entity_src_gen.plasmid_name                       ? 
_entity_src_gen.plasmid_details                    ? 
_entity_src_gen.pdbx_description                   ? 
# 
loop_
_chem_comp.id 
_chem_comp.type 
_chem_comp.mon_nstd_flag 
_chem_comp.name 
_chem_comp.pdbx_synonyms 
_chem_comp.formula 
_chem_comp.formula_weight 
ALA 'L-peptide linking' y ALANINE         ? 'C3 H7 N O2'     89.093  
ARG 'L-peptide linking' y ARGININE        ? 'C6 H15 N4 O2 1' 175.209 
ASP 'L-peptide linking' y 'ASPARTIC ACID' ? 'C4 H7 N O4'     133.103 
GLN 'L-peptide linking' y GLUTAMINE       ? 'C5 H10 N2 O3'   146.144 
GLU 'L-peptide linking' y 'GLUTAMIC ACID' ? 'C5 H9 N O4'     147.129 
GLY 'peptide linking'   y GLYCINE         ? 'C2 H5 N O2'     75.067  
HIS 'L-peptide linking' y HISTIDINE       ? 'C6 H10 N3 O2 1' 156.162 
ILE 'L-peptide linking' y ISOLEUCINE      ? 'C6 H13 N O2'    131.173 
LEU 'L-peptide linking' y LEUCINE         ? 'C6 H13 N O2'    131.173 
LYS 'L-peptide linking' y LYSINE          ? 'C6 H15 N2 O2 1' 147.195 
PHE 'L-peptide linking' y PHENYLALANINE   ? 'C9 H11 N O2'    165.189 
PRO 'L-peptide linking' y PROLINE         ? 'C5 H9 N O2'     115.130 
SER 'L-peptide linking' y SERINE          ? 'C3 H7 N O3'     105.093 
THR 'L-peptide linking' y THREONINE       ? 'C4 H9 N O3'     119.119 
TRP 'L-peptide linking' y TRYPTOPHAN      ? 'C11 H12 N2 O2'  204.225 
TYR 'L-peptide linking' y TYROSINE        ? 'C9 H11 N O3'    181.189 
VAL 'L-peptide linking' y VALINE          ? 'C5 H11 N O2'    117.146 
# 
loop_
_pdbx_poly_seq_scheme.asym_id 
_pdbx_poly_seq_scheme.entity_id 
_pdbx_poly_seq_scheme.seq_id 
_pdbx_poly_seq_scheme.mon_id 
_pdbx_poly_seq_scheme.ndb_seq_num 
_pdbx_poly_seq_scheme.pdb_seq_num 
_pdbx_poly_seq_scheme.auth_seq_num 
_pdbx_poly_seq_scheme.pdb_mon_id 
_pdbx_poly_seq_scheme.auth_mon_id 
_pdbx_poly_seq_scheme.pdb_strand_id 
_pdbx_poly_seq_scheme.pdb_ins_code 
_pdbx_poly_seq_scheme.hetero 
A 1 1  HIS 1  536 536 HIS HIS A . n 
A 1 2  ASP 2  537 537 ASP ASP A . n 
A 1 3  ALA 3  538 538 ALA ALA A . n 
A 1 4  PRO 4  539 539 PRO PRO A . n 
A 1 5  LEU 5  540 540 LEU LEU A . n 
A 1 6  PHE 6  541 541 PHE PHE A . n 
A 1 7  GLU 7  542 542 GLU GLU A . n 
A 1 8  ALA 8  543 543 ALA ALA A . n 
A 1 9  LEU 9  544 544 LEU LEU A . n 
A 1 10 ARG 10 545 545 ARG ARG A . n 
A 1 11 ALA 11 546 546 ALA ALA A . n 
A 1 12 TRP 12 547 547 TRP TRP A . n 
A 1 13 ARG 13 548 548 ARG ARG A . n 
A 1 14 LEU 14 549 549 LEU LEU A . n 
A 1 15 GLN 15 550 550 GLN GLN A . n 
A 1 16 LYS 16 551 551 LYS LYS A . n 
A 1 17 ALA 17 552 552 ALA ALA A . n 
A 1 18 LYS 18 553 553 LYS LYS A . n 
A 1 19 GLU 19 554 554 GLU GLU A . n 
A 1 20 LEU 20 555 555 LEU LEU A . n 
A 1 21 SER 21 556 556 SER SER A . n 
A 1 22 LEU 22 557 557 LEU LEU A . n 
A 1 23 PRO 23 558 558 PRO PRO A . n 
A 1 24 PRO 24 559 559 PRO PRO A . n 
A 1 25 TYR 25 560 560 TYR TYR A . n 
A 1 26 THR 26 561 561 THR THR A . n 
A 1 27 ILE 27 562 562 ILE ILE A . n 
A 1 28 PHE 28 563 563 PHE PHE A . n 
A 1 29 HIS 29 564 564 HIS HIS A . n 
A 1 30 ASP 30 565 565 ASP ASP A . n 
A 1 31 ALA 31 566 566 ALA ALA A . n 
A 1 32 THR 32 567 567 THR THR A . n 
A 1 33 LEU 33 568 568 LEU LEU A . n 
A 1 34 LYS 34 569 569 LYS LYS A . n 
A 1 35 THR 35 570 570 THR THR A . n 
A 1 36 ILE 36 571 571 ILE ILE A . n 
A 1 37 ALA 37 572 572 ALA ALA A . n 
A 1 38 GLU 38 573 573 GLU GLU A . n 
A 1 39 LEU 39 574 574 LEU LEU A . n 
A 1 40 ARG 40 575 575 ARG ARG A . n 
A 1 41 PRO 41 576 576 PRO PRO A . n 
A 1 42 GLY 42 577 577 GLY GLY A . n 
A 1 43 SER 43 578 578 SER SER A . n 
A 1 44 HIS 44 579 579 HIS HIS A . n 
A 1 45 ALA 45 580 580 ALA ALA A . n 
A 1 46 THR 46 581 581 THR THR A . n 
A 1 47 LEU 47 582 582 LEU LEU A . n 
A 1 48 GLY 48 583 583 GLY GLY A . n 
A 1 49 THR 49 584 584 THR THR A . n 
A 1 50 VAL 50 585 585 VAL VAL A . n 
A 1 51 SER 51 586 586 SER SER A . n 
A 1 52 GLY 52 587 587 GLY GLY A . n 
A 1 53 VAL 53 588 588 VAL VAL A . n 
A 1 54 GLY 54 589 589 GLY GLY A . n 
A 1 55 GLY 55 590 590 GLY GLY A . n 
A 1 56 ARG 56 591 591 ARG ARG A . n 
A 1 57 LYS 57 592 592 LYS LYS A . n 
A 1 58 LEU 58 593 593 LEU LEU A . n 
A 1 59 ALA 59 594 594 ALA ALA A . n 
A 1 60 ALA 60 595 595 ALA ALA A . n 
A 1 61 TYR 61 596 596 TYR TYR A . n 
A 1 62 GLY 62 597 597 GLY GLY A . n 
A 1 63 ASP 63 598 598 ASP ASP A . n 
A 1 64 GLU 64 599 599 GLU GLU A . n 
A 1 65 VAL 65 600 600 VAL VAL A . n 
A 1 66 LEU 66 601 601 LEU LEU A . n 
A 1 67 GLN 67 602 602 GLN GLN A . n 
A 1 68 VAL 68 603 603 VAL VAL A . n 
A 1 69 VAL 69 604 604 VAL VAL A . n 
A 1 70 ARG 70 605 605 ARG ARG A . n 
A 1 71 ASP 71 606 606 ASP ASP A . n 
A 1 72 SER 72 607 607 SER SER A . n 
A 1 73 SER 73 608 608 SER SER A . n 
A 1 74 GLY 74 609 609 GLY GLY A . n 
A 1 75 GLY 75 610 610 GLY GLY A . n 
# 
_exptl.absorpt_coefficient_mu     ? 
_exptl.absorpt_correction_T_max   ? 
_exptl.absorpt_correction_T_min   ? 
_exptl.absorpt_correction_type    ? 
_exptl.absorpt_process_details    ? 
_exptl.crystals_number            ? 
_exptl.details                    ? 
_exptl.entry_id                   2MA1 
_exptl.method                     'SOLUTION NMR' 
_exptl.method_details             ? 
# 
_struct.entry_id                  2MA1 
_struct.title                     'Solution structure of HRDC1 domain of RecQ helicase from Deinococcus radiodurans' 
_struct.pdbx_model_details        'lowest energy, model1' 
_struct.pdbx_CASP_flag            ? 
_struct.pdbx_model_type_details   ? 
# 
_struct_keywords.entry_id        2MA1 
_struct_keywords.pdbx_keywords   'DNA BINDING PROTEIN' 
_struct_keywords.text            'DNA BINDING PROTEIN, RecQ HRDC domain 1' 
# 
_struct_asym.id                            A 
_struct_asym.pdbx_blank_PDB_chainid_flag   N 
_struct_asym.pdbx_modified                 N 
_struct_asym.entity_id                     1 
_struct_asym.details                       ? 
# 
_struct_ref.id                         1 
_struct_ref.db_name                    UNP 
_struct_ref.db_code                    Q9RUU2_DEIRA 
_struct_ref.pdbx_db_accession          Q9RUU2 
_struct_ref.entity_id                  1 
_struct_ref.pdbx_seq_one_letter_code   HDAPLFEALRAWRLQKAKELSLPPYTIFHDATLKTIAELRPGSHATLGTVSGVGGRKLAAYGDEVLQVVRDSSGG 
_struct_ref.pdbx_align_begin           536 
_struct_ref.pdbx_db_isoform            ? 
# 
_struct_ref_seq.align_id                      1 
_struct_ref_seq.ref_id                        1 
_struct_ref_seq.pdbx_PDB_id_code              2MA1 
_struct_ref_seq.pdbx_strand_id                A 
_struct_ref_seq.seq_align_beg                 1 
_struct_ref_seq.pdbx_seq_align_beg_ins_code   ? 
_struct_ref_seq.seq_align_end                 75 
_struct_ref_seq.pdbx_seq_align_end_ins_code   ? 
_struct_ref_seq.pdbx_db_accession             Q9RUU2 
_struct_ref_seq.db_align_beg                  536 
_struct_ref_seq.pdbx_db_align_beg_ins_code    ? 
_struct_ref_seq.db_align_end                  610 
_struct_ref_seq.pdbx_db_align_end_ins_code    ? 
_struct_ref_seq.pdbx_auth_seq_align_beg       536 
_struct_ref_seq.pdbx_auth_seq_align_end       610 
# 
_pdbx_struct_assembly.id                   1 
_pdbx_struct_assembly.details              author_defined_assembly 
_pdbx_struct_assembly.method_details       ? 
_pdbx_struct_assembly.oligomeric_details   monomeric 
_pdbx_struct_assembly.oligomeric_count     1 
# 
_pdbx_struct_assembly_gen.assembly_id       1 
_pdbx_struct_assembly_gen.oper_expression   1 
_pdbx_struct_assembly_gen.asym_id_list      A 
# 
_pdbx_struct_oper_list.id                   1 
_pdbx_struct_oper_list.type                 'identity operation' 
_pdbx_struct_oper_list.name                 1_555 
_pdbx_struct_oper_list.symmetry_operation   x,y,z 
_pdbx_struct_oper_list.matrix[1][1]         1.0000000000 
_pdbx_struct_oper_list.matrix[1][2]         0.0000000000 
_pdbx_struct_oper_list.matrix[1][3]         0.0000000000 
_pdbx_struct_oper_list.vector[1]            0.0000000000 
_pdbx_struct_oper_list.matrix[2][1]         0.0000000000 
_pdbx_struct_oper_list.matrix[2][2]         1.0000000000 
_pdbx_struct_oper_list.matrix[2][3]         0.0000000000 
_pdbx_struct_oper_list.vector[2]            0.0000000000 
_pdbx_struct_oper_list.matrix[3][1]         0.0000000000 
_pdbx_struct_oper_list.matrix[3][2]         0.0000000000 
_pdbx_struct_oper_list.matrix[3][3]         1.0000000000 
_pdbx_struct_oper_list.vector[3]            0.0000000000 
# 
_struct_biol.id        1 
_struct_biol.details   ? 
# 
loop_
_struct_conf.conf_type_id 
_struct_conf.id 
_struct_conf.pdbx_PDB_helix_id 
_struct_conf.beg_label_comp_id 
_struct_conf.beg_label_asym_id 
_struct_conf.beg_label_seq_id 
_struct_conf.pdbx_beg_PDB_ins_code 
_struct_conf.end_label_comp_id 
_struct_conf.end_label_asym_id 
_struct_conf.end_label_seq_id 
_struct_conf.pdbx_end_PDB_ins_code 
_struct_conf.beg_auth_comp_id 
_struct_conf.beg_auth_asym_id 
_struct_conf.beg_auth_seq_id 
_struct_conf.end_auth_comp_id 
_struct_conf.end_auth_asym_id 
_struct_conf.end_auth_seq_id 
_struct_conf.pdbx_PDB_helix_class 
_struct_conf.details 
_struct_conf.pdbx_PDB_helix_length 
HELX_P HELX_P1 1 ASP A 2  ? SER A 21 ? ASP A 537 SER A 556 1 ? 20 
HELX_P HELX_P2 2 PRO A 23 ? PHE A 28 ? PRO A 558 PHE A 563 1 ? 6  
HELX_P HELX_P3 3 HIS A 29 ? LEU A 39 ? HIS A 564 LEU A 574 1 ? 11 
HELX_P HELX_P4 4 SER A 43 ? GLY A 48 ? SER A 578 GLY A 583 1 ? 6  
HELX_P HELX_P5 5 GLY A 55 ? TYR A 61 ? GLY A 590 TYR A 596 1 ? 7  
HELX_P HELX_P6 6 GLY A 62 ? GLY A 74 ? GLY A 597 GLY A 609 1 ? 13 
# 
_struct_conf_type.id          HELX_P 
_struct_conf_type.criteria    ? 
_struct_conf_type.reference   ? 
# 
loop_
_pdbx_validate_torsion.id 
_pdbx_validate_torsion.PDB_model_num 
_pdbx_validate_torsion.auth_comp_id 
_pdbx_validate_torsion.auth_asym_id 
_pdbx_validate_torsion.auth_seq_id 
_pdbx_validate_torsion.PDB_ins_code 
_pdbx_validate_torsion.label_alt_id 
_pdbx_validate_torsion.phi 
_pdbx_validate_torsion.psi 
1 1 SER A 556 ? ? 80.53   14.35 
2 1 ARG A 575 ? ? -142.58 42.25 
# 
_pdbx_nmr_ensemble.average_constraint_violations_per_residue     ? 
_pdbx_nmr_ensemble.average_constraints_per_residue               ? 
_pdbx_nmr_ensemble.average_distance_constraint_violation         ? 
_pdbx_nmr_ensemble.average_torsion_angle_constraint_violation    ? 
_pdbx_nmr_ensemble.conformer_selection_criteria                  'structures for lowest energy' 
_pdbx_nmr_ensemble.conformers_calculated_total_number            100 
_pdbx_nmr_ensemble.conformers_submitted_total_number             1 
_pdbx_nmr_ensemble.distance_constraint_violation_method          ? 
_pdbx_nmr_ensemble.entry_id                                      2MA1 
_pdbx_nmr_ensemble.maximum_distance_constraint_violation         ? 
_pdbx_nmr_ensemble.maximum_lower_distance_constraint_violation   ? 
_pdbx_nmr_ensemble.maximum_torsion_angle_constraint_violation    ? 
_pdbx_nmr_ensemble.maximum_upper_distance_constraint_violation   ? 
_pdbx_nmr_ensemble.representative_conformer                      1 
_pdbx_nmr_ensemble.torsion_angle_constraint_violation_method     ? 
# 
_pdbx_nmr_representative.conformer_id         1 
_pdbx_nmr_representative.entry_id             2MA1 
_pdbx_nmr_representative.selection_criteria   'lowest energy' 
# 
_pdbx_nmr_sample_details.contents         '2mM [U-98% 13C; U-98% 15N] HRDC1-1, 90% H2O, 10% D2O' 
_pdbx_nmr_sample_details.solution_id      1 
_pdbx_nmr_sample_details.solvent_system   '90% H2O/10% D2O' 
# 
_pdbx_nmr_exptl_sample.component             HRDC1-1 
_pdbx_nmr_exptl_sample.concentration         2 
_pdbx_nmr_exptl_sample.concentration_range   ? 
_pdbx_nmr_exptl_sample.concentration_units   mM 
_pdbx_nmr_exptl_sample.isotopic_labeling     '[U-98% 13C; U-98% 15N]' 
_pdbx_nmr_exptl_sample.solution_id           1 
# 
_pdbx_nmr_exptl_sample_conditions.conditions_id       1 
_pdbx_nmr_exptl_sample_conditions.ionic_strength      0.05 
_pdbx_nmr_exptl_sample_conditions.pH                  7.0 
_pdbx_nmr_exptl_sample_conditions.pressure            ambient 
_pdbx_nmr_exptl_sample_conditions.pressure_units      ? 
_pdbx_nmr_exptl_sample_conditions.temperature         293 
_pdbx_nmr_exptl_sample_conditions.temperature_units   K 
# 
loop_
_pdbx_nmr_exptl.conditions_id 
_pdbx_nmr_exptl.experiment_id 
_pdbx_nmr_exptl.solution_id 
_pdbx_nmr_exptl.type 
1 1 1 '3D 1H-15N NOESY'           
1 2 1 '3D 1H-13C NOESY aliphatic' 
1 3 1 '3D 1H-13C NOESY aromatic'  
# 
_pdbx_nmr_constraints.disulfide_bond_constraints_total_count        ? 
_pdbx_nmr_constraints.entry_id                                      2MA1 
_pdbx_nmr_constraints.hydrogen_bond_constraints_total_count         26 
_pdbx_nmr_constraints.NA_alpha-angle_constraints_total_count        ? 
_pdbx_nmr_constraints.NA_beta-angle_constraints_total_count         ? 
_pdbx_nmr_constraints.NA_chi-angle_constraints_total_count          ? 
_pdbx_nmr_constraints.NA_delta-angle_constraints_total_count        ? 
_pdbx_nmr_constraints.NA_epsilon-angle_constraints_total_count      ? 
_pdbx_nmr_constraints.NA_gamma-angle_constraints_total_count        ? 
_pdbx_nmr_constraints.NA_other-angle_constraints_total_count        ? 
_pdbx_nmr_constraints.NA_sugar_pucker_constraints_total_count       ? 
_pdbx_nmr_constraints.NOE_constraints_total                         1230 
_pdbx_nmr_constraints.NOE_interentity_total_count                   ? 
_pdbx_nmr_constraints.NOE_interproton_distance_evaluation           ? 
_pdbx_nmr_constraints.NOE_intraresidue_total_count                  397 
_pdbx_nmr_constraints.NOE_long_range_total_count                    103 
_pdbx_nmr_constraints.NOE_medium_range_total_count                  338 
_pdbx_nmr_constraints.NOE_motional_averaging_correction             ? 
_pdbx_nmr_constraints.NOE_pseudoatom_corrections                    ? 
_pdbx_nmr_constraints.NOE_sequential_total_count                    392 
_pdbx_nmr_constraints.protein_chi_angle_constraints_total_count     0 
_pdbx_nmr_constraints.protein_other_angle_constraints_total_count   0 
_pdbx_nmr_constraints.protein_phi_angle_constraints_total_count     48 
_pdbx_nmr_constraints.protein_psi_angle_constraints_total_count     48 
# 
_pdbx_nmr_refine.entry_id           2MA1 
_pdbx_nmr_refine.method             'simulated annealing' 
_pdbx_nmr_refine.details            ? 
_pdbx_nmr_refine.software_ordinal   1 
# 
_pdbx_nmr_software.authors          'Brunger A. T. et.al.' 
_pdbx_nmr_software.classification   refinement 
_pdbx_nmr_software.name             CNS 
_pdbx_nmr_software.ordinal          1 
_pdbx_nmr_software.version          ? 
# 
loop_
_chem_comp_atom.comp_id 
_chem_comp_atom.atom_id 
_chem_comp_atom.type_symbol 
_chem_comp_atom.pdbx_aromatic_flag 
_chem_comp_atom.pdbx_stereo_config 
_chem_comp_atom.pdbx_ordinal 
ALA N    N N N 1   
ALA CA   C N S 2   
ALA C    C N N 3   
ALA O    O N N 4   
ALA CB   C N N 5   
ALA OXT  O N N 6   
ALA H    H N N 7   
ALA H2   H N N 8   
ALA HA   H N N 9   
ALA HB1  H N N 10  
ALA HB2  H N N 11  
ALA HB3  H N N 12  
ALA HXT  H N N 13  
ARG N    N N N 14  
ARG CA   C N S 15  
ARG C    C N N 16  
ARG O    O N N 17  
ARG CB   C N N 18  
ARG CG   C N N 19  
ARG CD   C N N 20  
ARG NE   N N N 21  
ARG CZ   C N N 22  
ARG NH1  N N N 23  
ARG NH2  N N N 24  
ARG OXT  O N N 25  
ARG H    H N N 26  
ARG H2   H N N 27  
ARG HA   H N N 28  
ARG HB2  H N N 29  
ARG HB3  H N N 30  
ARG HG2  H N N 31  
ARG HG3  H N N 32  
ARG HD2  H N N 33  
ARG HD3  H N N 34  
ARG HE   H N N 35  
ARG HH11 H N N 36  
ARG HH12 H N N 37  
ARG HH21 H N N 38  
ARG HH22 H N N 39  
ARG HXT  H N N 40  
ASP N    N N N 41  
ASP CA   C N S 42  
ASP C    C N N 43  
ASP O    O N N 44  
ASP CB   C N N 45  
ASP CG   C N N 46  
ASP OD1  O N N 47  
ASP OD2  O N N 48  
ASP OXT  O N N 49  
ASP H    H N N 50  
ASP H2   H N N 51  
ASP HA   H N N 52  
ASP HB2  H N N 53  
ASP HB3  H N N 54  
ASP HD2  H N N 55  
ASP HXT  H N N 56  
GLN N    N N N 57  
GLN CA   C N S 58  
GLN C    C N N 59  
GLN O    O N N 60  
GLN CB   C N N 61  
GLN CG   C N N 62  
GLN CD   C N N 63  
GLN OE1  O N N 64  
GLN NE2  N N N 65  
GLN OXT  O N N 66  
GLN H    H N N 67  
GLN H2   H N N 68  
GLN HA   H N N 69  
GLN HB2  H N N 70  
GLN HB3  H N N 71  
GLN HG2  H N N 72  
GLN HG3  H N N 73  
GLN HE21 H N N 74  
GLN HE22 H N N 75  
GLN HXT  H N N 76  
GLU N    N N N 77  
GLU CA   C N S 78  
GLU C    C N N 79  
GLU O    O N N 80  
GLU CB   C N N 81  
GLU CG   C N N 82  
GLU CD   C N N 83  
GLU OE1  O N N 84  
GLU OE2  O N N 85  
GLU OXT  O N N 86  
GLU H    H N N 87  
GLU H2   H N N 88  
GLU HA   H N N 89  
GLU HB2  H N N 90  
GLU HB3  H N N 91  
GLU HG2  H N N 92  
GLU HG3  H N N 93  
GLU HE2  H N N 94  
GLU HXT  H N N 95  
GLY N    N N N 96  
GLY CA   C N N 97  
GLY C    C N N 98  
GLY O    O N N 99  
GLY OXT  O N N 100 
GLY H    H N N 101 
GLY H2   H N N 102 
GLY HA2  H N N 103 
GLY HA3  H N N 104 
GLY HXT  H N N 105 
HIS N    N N N 106 
HIS CA   C N S 107 
HIS C    C N N 108 
HIS O    O N N 109 
HIS CB   C N N 110 
HIS CG   C Y N 111 
HIS ND1  N Y N 112 
HIS CD2  C Y N 113 
HIS CE1  C Y N 114 
HIS NE2  N Y N 115 
HIS OXT  O N N 116 
HIS H    H N N 117 
HIS H2   H N N 118 
HIS HA   H N N 119 
HIS HB2  H N N 120 
HIS HB3  H N N 121 
HIS HD1  H N N 122 
HIS HD2  H N N 123 
HIS HE1  H N N 124 
HIS HE2  H N N 125 
HIS HXT  H N N 126 
ILE N    N N N 127 
ILE CA   C N S 128 
ILE C    C N N 129 
ILE O    O N N 130 
ILE CB   C N S 131 
ILE CG1  C N N 132 
ILE CG2  C N N 133 
ILE CD1  C N N 134 
ILE OXT  O N N 135 
ILE H    H N N 136 
ILE H2   H N N 137 
ILE HA   H N N 138 
ILE HB   H N N 139 
ILE HG12 H N N 140 
ILE HG13 H N N 141 
ILE HG21 H N N 142 
ILE HG22 H N N 143 
ILE HG23 H N N 144 
ILE HD11 H N N 145 
ILE HD12 H N N 146 
ILE HD13 H N N 147 
ILE HXT  H N N 148 
LEU N    N N N 149 
LEU CA   C N S 150 
LEU C    C N N 151 
LEU O    O N N 152 
LEU CB   C N N 153 
LEU CG   C N N 154 
LEU CD1  C N N 155 
LEU CD2  C N N 156 
LEU OXT  O N N 157 
LEU H    H N N 158 
LEU H2   H N N 159 
LEU HA   H N N 160 
LEU HB2  H N N 161 
LEU HB3  H N N 162 
LEU HG   H N N 163 
LEU HD11 H N N 164 
LEU HD12 H N N 165 
LEU HD13 H N N 166 
LEU HD21 H N N 167 
LEU HD22 H N N 168 
LEU HD23 H N N 169 
LEU HXT  H N N 170 
LYS N    N N N 171 
LYS CA   C N S 172 
LYS C    C N N 173 
LYS O    O N N 174 
LYS CB   C N N 175 
LYS CG   C N N 176 
LYS CD   C N N 177 
LYS CE   C N N 178 
LYS NZ   N N N 179 
LYS OXT  O N N 180 
LYS H    H N N 181 
LYS H2   H N N 182 
LYS HA   H N N 183 
LYS HB2  H N N 184 
LYS HB3  H N N 185 
LYS HG2  H N N 186 
LYS HG3  H N N 187 
LYS HD2  H N N 188 
LYS HD3  H N N 189 
LYS HE2  H N N 190 
LYS HE3  H N N 191 
LYS HZ1  H N N 192 
LYS HZ2  H N N 193 
LYS HZ3  H N N 194 
LYS HXT  H N N 195 
PHE N    N N N 196 
PHE CA   C N S 197 
PHE C    C N N 198 
PHE O    O N N 199 
PHE CB   C N N 200 
PHE CG   C Y N 201 
PHE CD1  C Y N 202 
PHE CD2  C Y N 203 
PHE CE1  C Y N 204 
PHE CE2  C Y N 205 
PHE CZ   C Y N 206 
PHE OXT  O N N 207 
PHE H    H N N 208 
PHE H2   H N N 209 
PHE HA   H N N 210 
PHE HB2  H N N 211 
PHE HB3  H N N 212 
PHE HD1  H N N 213 
PHE HD2  H N N 214 
PHE HE1  H N N 215 
PHE HE2  H N N 216 
PHE HZ   H N N 217 
PHE HXT  H N N 218 
PRO N    N N N 219 
PRO CA   C N S 220 
PRO C    C N N 221 
PRO O    O N N 222 
PRO CB   C N N 223 
PRO CG   C N N 224 
PRO CD   C N N 225 
PRO OXT  O N N 226 
PRO H    H N N 227 
PRO HA   H N N 228 
PRO HB2  H N N 229 
PRO HB3  H N N 230 
PRO HG2  H N N 231 
PRO HG3  H N N 232 
PRO HD2  H N N 233 
PRO HD3  H N N 234 
PRO HXT  H N N 235 
SER N    N N N 236 
SER CA   C N S 237 
SER C    C N N 238 
SER O    O N N 239 
SER CB   C N N 240 
SER OG   O N N 241 
SER OXT  O N N 242 
SER H    H N N 243 
SER H2   H N N 244 
SER HA   H N N 245 
SER HB2  H N N 246 
SER HB3  H N N 247 
SER HG   H N N 248 
SER HXT  H N N 249 
THR N    N N N 250 
THR CA   C N S 251 
THR C    C N N 252 
THR O    O N N 253 
THR CB   C N R 254 
THR OG1  O N N 255 
THR CG2  C N N 256 
THR OXT  O N N 257 
THR H    H N N 258 
THR H2   H N N 259 
THR HA   H N N 260 
THR HB   H N N 261 
THR HG1  H N N 262 
THR HG21 H N N 263 
THR HG22 H N N 264 
THR HG23 H N N 265 
THR HXT  H N N 266 
TRP N    N N N 267 
TRP CA   C N S 268 
TRP C    C N N 269 
TRP O    O N N 270 
TRP CB   C N N 271 
TRP CG   C Y N 272 
TRP CD1  C Y N 273 
TRP CD2  C Y N 274 
TRP NE1  N Y N 275 
TRP CE2  C Y N 276 
TRP CE3  C Y N 277 
TRP CZ2  C Y N 278 
TRP CZ3  C Y N 279 
TRP CH2  C Y N 280 
TRP OXT  O N N 281 
TRP H    H N N 282 
TRP H2   H N N 283 
TRP HA   H N N 284 
TRP HB2  H N N 285 
TRP HB3  H N N 286 
TRP HD1  H N N 287 
TRP HE1  H N N 288 
TRP HE3  H N N 289 
TRP HZ2  H N N 290 
TRP HZ3  H N N 291 
TRP HH2  H N N 292 
TRP HXT  H N N 293 
TYR N    N N N 294 
TYR CA   C N S 295 
TYR C    C N N 296 
TYR O    O N N 297 
TYR CB   C N N 298 
TYR CG   C Y N 299 
TYR CD1  C Y N 300 
TYR CD2  C Y N 301 
TYR CE1  C Y N 302 
TYR CE2  C Y N 303 
TYR CZ   C Y N 304 
TYR OH   O N N 305 
TYR OXT  O N N 306 
TYR H    H N N 307 
TYR H2   H N N 308 
TYR HA   H N N 309 
TYR HB2  H N N 310 
TYR HB3  H N N 311 
TYR HD1  H N N 312 
TYR HD2  H N N 313 
TYR HE1  H N N 314 
TYR HE2  H N N 315 
TYR HH   H N N 316 
TYR HXT  H N N 317 
VAL N    N N N 318 
VAL CA   C N S 319 
VAL C    C N N 320 
VAL O    O N N 321 
VAL CB   C N N 322 
VAL CG1  C N N 323 
VAL CG2  C N N 324 
VAL OXT  O N N 325 
VAL H    H N N 326 
VAL H2   H N N 327 
VAL HA   H N N 328 
VAL HB   H N N 329 
VAL HG11 H N N 330 
VAL HG12 H N N 331 
VAL HG13 H N N 332 
VAL HG21 H N N 333 
VAL HG22 H N N 334 
VAL HG23 H N N 335 
VAL HXT  H N N 336 
# 
loop_
_chem_comp_bond.comp_id 
_chem_comp_bond.atom_id_1 
_chem_comp_bond.atom_id_2 
_chem_comp_bond.value_order 
_chem_comp_bond.pdbx_aromatic_flag 
_chem_comp_bond.pdbx_stereo_config 
_chem_comp_bond.pdbx_ordinal 
ALA N   CA   sing N N 1   
ALA N   H    sing N N 2   
ALA N   H2   sing N N 3   
ALA CA  C    sing N N 4   
ALA CA  CB   sing N N 5   
ALA CA  HA   sing N N 6   
ALA C   O    doub N N 7   
ALA C   OXT  sing N N 8   
ALA CB  HB1  sing N N 9   
ALA CB  HB2  sing N N 10  
ALA CB  HB3  sing N N 11  
ALA OXT HXT  sing N N 12  
ARG N   CA   sing N N 13  
ARG N   H    sing N N 14  
ARG N   H2   sing N N 15  
ARG CA  C    sing N N 16  
ARG CA  CB   sing N N 17  
ARG CA  HA   sing N N 18  
ARG C   O    doub N N 19  
ARG C   OXT  sing N N 20  
ARG CB  CG   sing N N 21  
ARG CB  HB2  sing N N 22  
ARG CB  HB3  sing N N 23  
ARG CG  CD   sing N N 24  
ARG CG  HG2  sing N N 25  
ARG CG  HG3  sing N N 26  
ARG CD  NE   sing N N 27  
ARG CD  HD2  sing N N 28  
ARG CD  HD3  sing N N 29  
ARG NE  CZ   sing N N 30  
ARG NE  HE   sing N N 31  
ARG CZ  NH1  sing N N 32  
ARG CZ  NH2  doub N N 33  
ARG NH1 HH11 sing N N 34  
ARG NH1 HH12 sing N N 35  
ARG NH2 HH21 sing N N 36  
ARG NH2 HH22 sing N N 37  
ARG OXT HXT  sing N N 38  
ASP N   CA   sing N N 39  
ASP N   H    sing N N 40  
ASP N   H2   sing N N 41  
ASP CA  C    sing N N 42  
ASP CA  CB   sing N N 43  
ASP CA  HA   sing N N 44  
ASP C   O    doub N N 45  
ASP C   OXT  sing N N 46  
ASP CB  CG   sing N N 47  
ASP CB  HB2  sing N N 48  
ASP CB  HB3  sing N N 49  
ASP CG  OD1  doub N N 50  
ASP CG  OD2  sing N N 51  
ASP OD2 HD2  sing N N 52  
ASP OXT HXT  sing N N 53  
GLN N   CA   sing N N 54  
GLN N   H    sing N N 55  
GLN N   H2   sing N N 56  
GLN CA  C    sing N N 57  
GLN CA  CB   sing N N 58  
GLN CA  HA   sing N N 59  
GLN C   O    doub N N 60  
GLN C   OXT  sing N N 61  
GLN CB  CG   sing N N 62  
GLN CB  HB2  sing N N 63  
GLN CB  HB3  sing N N 64  
GLN CG  CD   sing N N 65  
GLN CG  HG2  sing N N 66  
GLN CG  HG3  sing N N 67  
GLN CD  OE1  doub N N 68  
GLN CD  NE2  sing N N 69  
GLN NE2 HE21 sing N N 70  
GLN NE2 HE22 sing N N 71  
GLN OXT HXT  sing N N 72  
GLU N   CA   sing N N 73  
GLU N   H    sing N N 74  
GLU N   H2   sing N N 75  
GLU CA  C    sing N N 76  
GLU CA  CB   sing N N 77  
GLU CA  HA   sing N N 78  
GLU C   O    doub N N 79  
GLU C   OXT  sing N N 80  
GLU CB  CG   sing N N 81  
GLU CB  HB2  sing N N 82  
GLU CB  HB3  sing N N 83  
GLU CG  CD   sing N N 84  
GLU CG  HG2  sing N N 85  
GLU CG  HG3  sing N N 86  
GLU CD  OE1  doub N N 87  
GLU CD  OE2  sing N N 88  
GLU OE2 HE2  sing N N 89  
GLU OXT HXT  sing N N 90  
GLY N   CA   sing N N 91  
GLY N   H    sing N N 92  
GLY N   H2   sing N N 93  
GLY CA  C    sing N N 94  
GLY CA  HA2  sing N N 95  
GLY CA  HA3  sing N N 96  
GLY C   O    doub N N 97  
GLY C   OXT  sing N N 98  
GLY OXT HXT  sing N N 99  
HIS N   CA   sing N N 100 
HIS N   H    sing N N 101 
HIS N   H2   sing N N 102 
HIS CA  C    sing N N 103 
HIS CA  CB   sing N N 104 
HIS CA  HA   sing N N 105 
HIS C   O    doub N N 106 
HIS C   OXT  sing N N 107 
HIS CB  CG   sing N N 108 
HIS CB  HB2  sing N N 109 
HIS CB  HB3  sing N N 110 
HIS CG  ND1  sing Y N 111 
HIS CG  CD2  doub Y N 112 
HIS ND1 CE1  doub Y N 113 
HIS ND1 HD1  sing N N 114 
HIS CD2 NE2  sing Y N 115 
HIS CD2 HD2  sing N N 116 
HIS CE1 NE2  sing Y N 117 
HIS CE1 HE1  sing N N 118 
HIS NE2 HE2  sing N N 119 
HIS OXT HXT  sing N N 120 
ILE N   CA   sing N N 121 
ILE N   H    sing N N 122 
ILE N   H2   sing N N 123 
ILE CA  C    sing N N 124 
ILE CA  CB   sing N N 125 
ILE CA  HA   sing N N 126 
ILE C   O    doub N N 127 
ILE C   OXT  sing N N 128 
ILE CB  CG1  sing N N 129 
ILE CB  CG2  sing N N 130 
ILE CB  HB   sing N N 131 
ILE CG1 CD1  sing N N 132 
ILE CG1 HG12 sing N N 133 
ILE CG1 HG13 sing N N 134 
ILE CG2 HG21 sing N N 135 
ILE CG2 HG22 sing N N 136 
ILE CG2 HG23 sing N N 137 
ILE CD1 HD11 sing N N 138 
ILE CD1 HD12 sing N N 139 
ILE CD1 HD13 sing N N 140 
ILE OXT HXT  sing N N 141 
LEU N   CA   sing N N 142 
LEU N   H    sing N N 143 
LEU N   H2   sing N N 144 
LEU CA  C    sing N N 145 
LEU CA  CB   sing N N 146 
LEU CA  HA   sing N N 147 
LEU C   O    doub N N 148 
LEU C   OXT  sing N N 149 
LEU CB  CG   sing N N 150 
LEU CB  HB2  sing N N 151 
LEU CB  HB3  sing N N 152 
LEU CG  CD1  sing N N 153 
LEU CG  CD2  sing N N 154 
LEU CG  HG   sing N N 155 
LEU CD1 HD11 sing N N 156 
LEU CD1 HD12 sing N N 157 
LEU CD1 HD13 sing N N 158 
LEU CD2 HD21 sing N N 159 
LEU CD2 HD22 sing N N 160 
LEU CD2 HD23 sing N N 161 
LEU OXT HXT  sing N N 162 
LYS N   CA   sing N N 163 
LYS N   H    sing N N 164 
LYS N   H2   sing N N 165 
LYS CA  C    sing N N 166 
LYS CA  CB   sing N N 167 
LYS CA  HA   sing N N 168 
LYS C   O    doub N N 169 
LYS C   OXT  sing N N 170 
LYS CB  CG   sing N N 171 
LYS CB  HB2  sing N N 172 
LYS CB  HB3  sing N N 173 
LYS CG  CD   sing N N 174 
LYS CG  HG2  sing N N 175 
LYS CG  HG3  sing N N 176 
LYS CD  CE   sing N N 177 
LYS CD  HD2  sing N N 178 
LYS CD  HD3  sing N N 179 
LYS CE  NZ   sing N N 180 
LYS CE  HE2  sing N N 181 
LYS CE  HE3  sing N N 182 
LYS NZ  HZ1  sing N N 183 
LYS NZ  HZ2  sing N N 184 
LYS NZ  HZ3  sing N N 185 
LYS OXT HXT  sing N N 186 
PHE N   CA   sing N N 187 
PHE N   H    sing N N 188 
PHE N   H2   sing N N 189 
PHE CA  C    sing N N 190 
PHE CA  CB   sing N N 191 
PHE CA  HA   sing N N 192 
PHE C   O    doub N N 193 
PHE C   OXT  sing N N 194 
PHE CB  CG   sing N N 195 
PHE CB  HB2  sing N N 196 
PHE CB  HB3  sing N N 197 
PHE CG  CD1  doub Y N 198 
PHE CG  CD2  sing Y N 199 
PHE CD1 CE1  sing Y N 200 
PHE CD1 HD1  sing N N 201 
PHE CD2 CE2  doub Y N 202 
PHE CD2 HD2  sing N N 203 
PHE CE1 CZ   doub Y N 204 
PHE CE1 HE1  sing N N 205 
PHE CE2 CZ   sing Y N 206 
PHE CE2 HE2  sing N N 207 
PHE CZ  HZ   sing N N 208 
PHE OXT HXT  sing N N 209 
PRO N   CA   sing N N 210 
PRO N   CD   sing N N 211 
PRO N   H    sing N N 212 
PRO CA  C    sing N N 213 
PRO CA  CB   sing N N 214 
PRO CA  HA   sing N N 215 
PRO C   O    doub N N 216 
PRO C   OXT  sing N N 217 
PRO CB  CG   sing N N 218 
PRO CB  HB2  sing N N 219 
PRO CB  HB3  sing N N 220 
PRO CG  CD   sing N N 221 
PRO CG  HG2  sing N N 222 
PRO CG  HG3  sing N N 223 
PRO CD  HD2  sing N N 224 
PRO CD  HD3  sing N N 225 
PRO OXT HXT  sing N N 226 
SER N   CA   sing N N 227 
SER N   H    sing N N 228 
SER N   H2   sing N N 229 
SER CA  C    sing N N 230 
SER CA  CB   sing N N 231 
SER CA  HA   sing N N 232 
SER C   O    doub N N 233 
SER C   OXT  sing N N 234 
SER CB  OG   sing N N 235 
SER CB  HB2  sing N N 236 
SER CB  HB3  sing N N 237 
SER OG  HG   sing N N 238 
SER OXT HXT  sing N N 239 
THR N   CA   sing N N 240 
THR N   H    sing N N 241 
THR N   H2   sing N N 242 
THR CA  C    sing N N 243 
THR CA  CB   sing N N 244 
THR CA  HA   sing N N 245 
THR C   O    doub N N 246 
THR C   OXT  sing N N 247 
THR CB  OG1  sing N N 248 
THR CB  CG2  sing N N 249 
THR CB  HB   sing N N 250 
THR OG1 HG1  sing N N 251 
THR CG2 HG21 sing N N 252 
THR CG2 HG22 sing N N 253 
THR CG2 HG23 sing N N 254 
THR OXT HXT  sing N N 255 
TRP N   CA   sing N N 256 
TRP N   H    sing N N 257 
TRP N   H2   sing N N 258 
TRP CA  C    sing N N 259 
TRP CA  CB   sing N N 260 
TRP CA  HA   sing N N 261 
TRP C   O    doub N N 262 
TRP C   OXT  sing N N 263 
TRP CB  CG   sing N N 264 
TRP CB  HB2  sing N N 265 
TRP CB  HB3  sing N N 266 
TRP CG  CD1  doub Y N 267 
TRP CG  CD2  sing Y N 268 
TRP CD1 NE1  sing Y N 269 
TRP CD1 HD1  sing N N 270 
TRP CD2 CE2  doub Y N 271 
TRP CD2 CE3  sing Y N 272 
TRP NE1 CE2  sing Y N 273 
TRP NE1 HE1  sing N N 274 
TRP CE2 CZ2  sing Y N 275 
TRP CE3 CZ3  doub Y N 276 
TRP CE3 HE3  sing N N 277 
TRP CZ2 CH2  doub Y N 278 
TRP CZ2 HZ2  sing N N 279 
TRP CZ3 CH2  sing Y N 280 
TRP CZ3 HZ3  sing N N 281 
TRP CH2 HH2  sing N N 282 
TRP OXT HXT  sing N N 283 
TYR N   CA   sing N N 284 
TYR N   H    sing N N 285 
TYR N   H2   sing N N 286 
TYR CA  C    sing N N 287 
TYR CA  CB   sing N N 288 
TYR CA  HA   sing N N 289 
TYR C   O    doub N N 290 
TYR C   OXT  sing N N 291 
TYR CB  CG   sing N N 292 
TYR CB  HB2  sing N N 293 
TYR CB  HB3  sing N N 294 
TYR CG  CD1  doub Y N 295 
TYR CG  CD2  sing Y N 296 
TYR CD1 CE1  sing Y N 297 
TYR CD1 HD1  sing N N 298 
TYR CD2 CE2  doub Y N 299 
TYR CD2 HD2  sing N N 300 
TYR CE1 CZ   doub Y N 301 
TYR CE1 HE1  sing N N 302 
TYR CE2 CZ   sing Y N 303 
TYR CE2 HE2  sing N N 304 
TYR CZ  OH   sing N N 305 
TYR OH  HH   sing N N 306 
TYR OXT HXT  sing N N 307 
VAL N   CA   sing N N 308 
VAL N   H    sing N N 309 
VAL N   H2   sing N N 310 
VAL CA  C    sing N N 311 
VAL CA  CB   sing N N 312 
VAL CA  HA   sing N N 313 
VAL C   O    doub N N 314 
VAL C   OXT  sing N N 315 
VAL CB  CG1  sing N N 316 
VAL CB  CG2  sing N N 317 
VAL CB  HB   sing N N 318 
VAL CG1 HG11 sing N N 319 
VAL CG1 HG12 sing N N 320 
VAL CG1 HG13 sing N N 321 
VAL CG2 HG21 sing N N 322 
VAL CG2 HG22 sing N N 323 
VAL CG2 HG23 sing N N 324 
VAL OXT HXT  sing N N 325 
# 
_pdbx_nmr_spectrometer.field_strength    600 
_pdbx_nmr_spectrometer.manufacturer      Varian 
_pdbx_nmr_spectrometer.model             INOVA 
_pdbx_nmr_spectrometer.spectrometer_id   1 
_pdbx_nmr_spectrometer.type              'Varian INOVA' 
# 
_atom_sites.entry_id                    2MA1 
_atom_sites.fract_transf_matrix[1][1]   1.000000 
_atom_sites.fract_transf_matrix[1][2]   0.000000 
_atom_sites.fract_transf_matrix[1][3]   0.000000 
_atom_sites.fract_transf_matrix[2][1]   0.000000 
_atom_sites.fract_transf_matrix[2][2]   1.000000 
_atom_sites.fract_transf_matrix[2][3]   0.000000 
_atom_sites.fract_transf_matrix[3][1]   0.000000 
_atom_sites.fract_transf_matrix[3][2]   0.000000 
_atom_sites.fract_transf_matrix[3][3]   1.000000 
_atom_sites.fract_transf_vector[1]      0.00000 
_atom_sites.fract_transf_vector[2]      0.00000 
_atom_sites.fract_transf_vector[3]      0.00000 
# 
loop_
_atom_type.symbol 
C 
H 
N 
O 
# 
loop_
_atom_site.group_PDB 
_atom_site.id 
_atom_site.type_symbol 
_atom_site.label_atom_id 
_atom_site.label_alt_id 
_atom_site.label_comp_id 
_atom_site.label_asym_id 
_atom_site.label_entity_id 
_atom_site.label_seq_id 
_atom_site.pdbx_PDB_ins_code 
_atom_site.Cartn_x 
_atom_site.Cartn_y 
_atom_site.Cartn_z 
_atom_site.occupancy 
_atom_site.B_iso_or_equiv 
_atom_site.pdbx_formal_charge 
_atom_site.auth_seq_id 
_atom_site.auth_comp_id 
_atom_site.auth_asym_id 
_atom_site.auth_atom_id 
_atom_site.pdbx_PDB_model_num 
ATOM 1    N N    . HIS A 1 1  ? -17.665 -3.172  3.442   1.00 0.00 ? 536 HIS A N    1 
ATOM 2    C CA   . HIS A 1 1  ? -16.715 -3.069  2.298   1.00 0.00 ? 536 HIS A CA   1 
ATOM 3    C C    . HIS A 1 1  ? -15.449 -2.338  2.749   1.00 0.00 ? 536 HIS A C    1 
ATOM 4    O O    . HIS A 1 1  ? -15.507 -1.254  3.295   1.00 0.00 ? 536 HIS A O    1 
ATOM 5    C CB   . HIS A 1 1  ? -17.374 -2.290  1.157   1.00 0.00 ? 536 HIS A CB   1 
ATOM 6    C CG   . HIS A 1 1  ? -18.659 -2.968  0.765   1.00 0.00 ? 536 HIS A CG   1 
ATOM 7    N ND1  . HIS A 1 1  ? -18.682 -4.211  0.149   1.00 0.00 ? 536 HIS A ND1  1 
ATOM 8    C CD2  . HIS A 1 1  ? -19.973 -2.588  0.894   1.00 0.00 ? 536 HIS A CD2  1 
ATOM 9    C CE1  . HIS A 1 1  ? -19.972 -4.532  -0.068  1.00 0.00 ? 536 HIS A CE1  1 
ATOM 10   N NE2  . HIS A 1 1  ? -20.794 -3.577  0.368   1.00 0.00 ? 536 HIS A NE2  1 
ATOM 11   H H1   . HIS A 1 1  ? -18.510 -2.601  3.245   1.00 0.00 ? 536 HIS A H1   1 
ATOM 12   H H2   . HIS A 1 1  ? -17.203 -2.823  4.307   1.00 0.00 ? 536 HIS A H2   1 
ATOM 13   H H3   . HIS A 1 1  ? -17.942 -4.165  3.573   1.00 0.00 ? 536 HIS A H3   1 
ATOM 14   H HA   . HIS A 1 1  ? -16.456 -4.059  1.954   1.00 0.00 ? 536 HIS A HA   1 
ATOM 15   H HB2  . HIS A 1 1  ? -17.584 -1.281  1.484   1.00 0.00 ? 536 HIS A HB2  1 
ATOM 16   H HB3  . HIS A 1 1  ? -16.709 -2.263  0.308   1.00 0.00 ? 536 HIS A HB3  1 
ATOM 17   H HD1  . HIS A 1 1  ? -17.902 -4.756  -0.084  1.00 0.00 ? 536 HIS A HD1  1 
ATOM 18   H HD2  . HIS A 1 1  ? -20.315 -1.663  1.335   1.00 0.00 ? 536 HIS A HD2  1 
ATOM 19   H HE1  . HIS A 1 1  ? -20.298 -5.450  -0.536  1.00 0.00 ? 536 HIS A HE1  1 
ATOM 20   H HE2  . HIS A 1 1  ? -21.774 -3.575  0.325   1.00 0.00 ? 536 HIS A HE2  1 
ATOM 21   N N    . ASP A 1 2  ? -14.304 -2.925  2.528   1.00 0.00 ? 537 ASP A N    1 
ATOM 22   C CA   . ASP A 1 2  ? -13.034 -2.265  2.945   1.00 0.00 ? 537 ASP A CA   1 
ATOM 23   C C    . ASP A 1 2  ? -12.504 -1.404  1.798   1.00 0.00 ? 537 ASP A C    1 
ATOM 24   O O    . ASP A 1 2  ? -11.411 -0.875  1.860   1.00 0.00 ? 537 ASP A O    1 
ATOM 25   C CB   . ASP A 1 2  ? -11.998 -3.334  3.302   1.00 0.00 ? 537 ASP A CB   1 
ATOM 26   C CG   . ASP A 1 2  ? -12.455 -4.090  4.552   1.00 0.00 ? 537 ASP A CG   1 
ATOM 27   O OD1  . ASP A 1 2  ? -13.374 -3.620  5.201   1.00 0.00 ? 537 ASP A OD1  1 
ATOM 28   O OD2  . ASP A 1 2  ? -11.877 -5.124  4.838   1.00 0.00 ? 537 ASP A OD2  1 
ATOM 29   H H    . ASP A 1 2  ? -14.280 -3.800  2.087   1.00 0.00 ? 537 ASP A H    1 
ATOM 30   H HA   . ASP A 1 2  ? -13.220 -1.642  3.807   1.00 0.00 ? 537 ASP A HA   1 
ATOM 31   H HB2  . ASP A 1 2  ? -11.896 -4.025  2.479   1.00 0.00 ? 537 ASP A HB2  1 
ATOM 32   H HB3  . ASP A 1 2  ? -11.047 -2.862  3.498   1.00 0.00 ? 537 ASP A HB3  1 
ATOM 33   N N    . ALA A 1 3  ? -13.267 -1.259  0.748   1.00 0.00 ? 538 ALA A N    1 
ATOM 34   C CA   . ALA A 1 3  ? -12.803 -0.432  -0.401  1.00 0.00 ? 538 ALA A CA   1 
ATOM 35   C C    . ALA A 1 3  ? -12.335 0.939   0.099   1.00 0.00 ? 538 ALA A C    1 
ATOM 36   O O    . ALA A 1 3  ? -11.269 1.400   -0.257  1.00 0.00 ? 538 ALA A O    1 
ATOM 37   C CB   . ALA A 1 3  ? -13.945 -0.254  -1.405  1.00 0.00 ? 538 ALA A CB   1 
ATOM 38   H H    . ALA A 1 3  ? -14.144 -1.695  0.716   1.00 0.00 ? 538 ALA A H    1 
ATOM 39   H HA   . ALA A 1 3  ? -11.978 -0.933  -0.887  1.00 0.00 ? 538 ALA A HA   1 
ATOM 40   H HB1  . ALA A 1 3  ? -13.652 -0.665  -2.360  1.00 0.00 ? 538 ALA A HB1  1 
ATOM 41   H HB2  . ALA A 1 3  ? -14.165 0.797   -1.517  1.00 0.00 ? 538 ALA A HB2  1 
ATOM 42   H HB3  . ALA A 1 3  ? -14.824 -0.771  -1.046  1.00 0.00 ? 538 ALA A HB3  1 
ATOM 43   N N    . PRO A 1 4  ? -13.122 1.588   0.922   1.00 0.00 ? 539 PRO A N    1 
ATOM 44   C CA   . PRO A 1 4  ? -12.768 2.930   1.474   1.00 0.00 ? 539 PRO A CA   1 
ATOM 45   C C    . PRO A 1 4  ? -11.399 2.928   2.162   1.00 0.00 ? 539 PRO A C    1 
ATOM 46   O O    . PRO A 1 4  ? -10.729 3.938   2.233   1.00 0.00 ? 539 PRO A O    1 
ATOM 47   C CB   . PRO A 1 4  ? -13.874 3.219   2.493   1.00 0.00 ? 539 PRO A CB   1 
ATOM 48   C CG   . PRO A 1 4  ? -15.024 2.359   2.092   1.00 0.00 ? 539 PRO A CG   1 
ATOM 49   C CD   . PRO A 1 4  ? -14.431 1.125   1.414   1.00 0.00 ? 539 PRO A CD   1 
ATOM 50   H HA   . PRO A 1 4  ? -12.793 3.672   0.695   1.00 0.00 ? 539 PRO A HA   1 
ATOM 51   H HB2  . PRO A 1 4  ? -13.540 2.963   3.489   1.00 0.00 ? 539 PRO A HB2  1 
ATOM 52   H HB3  . PRO A 1 4  ? -14.160 4.259   2.450   1.00 0.00 ? 539 PRO A HB3  1 
ATOM 53   H HG2  . PRO A 1 4  ? -15.592 2.069   2.966   1.00 0.00 ? 539 PRO A HG2  1 
ATOM 54   H HG3  . PRO A 1 4  ? -15.658 2.885   1.395   1.00 0.00 ? 539 PRO A HG3  1 
ATOM 55   H HD2  . PRO A 1 4  ? -14.312 0.326   2.132   1.00 0.00 ? 539 PRO A HD2  1 
ATOM 56   H HD3  . PRO A 1 4  ? -15.052 0.811   0.592   1.00 0.00 ? 539 PRO A HD3  1 
ATOM 57   N N    . LEU A 1 5  ? -10.983 1.800   2.668   1.00 0.00 ? 540 LEU A N    1 
ATOM 58   C CA   . LEU A 1 5  ? -9.661  1.734   3.351   1.00 0.00 ? 540 LEU A CA   1 
ATOM 59   C C    . LEU A 1 5  ? -8.549  2.037   2.344   1.00 0.00 ? 540 LEU A C    1 
ATOM 60   O O    . LEU A 1 5  ? -7.561  2.668   2.665   1.00 0.00 ? 540 LEU A O    1 
ATOM 61   C CB   . LEU A 1 5  ? -9.456  0.331   3.929   1.00 0.00 ? 540 LEU A CB   1 
ATOM 62   C CG   . LEU A 1 5  ? -8.155  0.290   4.736   1.00 0.00 ? 540 LEU A CG   1 
ATOM 63   C CD1  . LEU A 1 5  ? -8.304  1.131   6.007   1.00 0.00 ? 540 LEU A CD1  1 
ATOM 64   C CD2  . LEU A 1 5  ? -7.843  -1.157  5.120   1.00 0.00 ? 540 LEU A CD2  1 
ATOM 65   H H    . LEU A 1 5  ? -11.541 0.998   2.599   1.00 0.00 ? 540 LEU A H    1 
ATOM 66   H HA   . LEU A 1 5  ? -9.630  2.459   4.148   1.00 0.00 ? 540 LEU A HA   1 
ATOM 67   H HB2  . LEU A 1 5  ? -10.290 0.081   4.570   1.00 0.00 ? 540 LEU A HB2  1 
ATOM 68   H HB3  . LEU A 1 5  ? -9.398  -0.384  3.122   1.00 0.00 ? 540 LEU A HB3  1 
ATOM 69   H HG   . LEU A 1 5  ? -7.349  0.686   4.137   1.00 0.00 ? 540 LEU A HG   1 
ATOM 70   H HD11 . LEU A 1 5  ? -8.067  2.161   5.787   1.00 0.00 ? 540 LEU A HD11 1 
ATOM 71   H HD12 . LEU A 1 5  ? -7.629  0.760   6.764   1.00 0.00 ? 540 LEU A HD12 1 
ATOM 72   H HD13 . LEU A 1 5  ? -9.320  1.064   6.369   1.00 0.00 ? 540 LEU A HD13 1 
ATOM 73   H HD21 . LEU A 1 5  ? -7.479  -1.190  6.136   1.00 0.00 ? 540 LEU A HD21 1 
ATOM 74   H HD22 . LEU A 1 5  ? -7.089  -1.552  4.455   1.00 0.00 ? 540 LEU A HD22 1 
ATOM 75   H HD23 . LEU A 1 5  ? -8.741  -1.752  5.040   1.00 0.00 ? 540 LEU A HD23 1 
ATOM 76   N N    . PHE A 1 6  ? -8.704  1.594   1.126   1.00 0.00 ? 541 PHE A N    1 
ATOM 77   C CA   . PHE A 1 6  ? -7.655  1.860   0.102   1.00 0.00 ? 541 PHE A CA   1 
ATOM 78   C C    . PHE A 1 6  ? -7.431  3.367   -0.017  1.00 0.00 ? 541 PHE A C    1 
ATOM 79   O O    . PHE A 1 6  ? -6.337  3.817   -0.291  1.00 0.00 ? 541 PHE A O    1 
ATOM 80   C CB   . PHE A 1 6  ? -8.090  1.303   -1.255  1.00 0.00 ? 541 PHE A CB   1 
ATOM 81   C CG   . PHE A 1 6  ? -6.957  1.474   -2.241  1.00 0.00 ? 541 PHE A CG   1 
ATOM 82   C CD1  . PHE A 1 6  ? -5.942  0.513   -2.314  1.00 0.00 ? 541 PHE A CD1  1 
ATOM 83   C CD2  . PHE A 1 6  ? -6.917  2.597   -3.077  1.00 0.00 ? 541 PHE A CD2  1 
ATOM 84   C CE1  . PHE A 1 6  ? -4.887  0.674   -3.222  1.00 0.00 ? 541 PHE A CE1  1 
ATOM 85   C CE2  . PHE A 1 6  ? -5.864  2.758   -3.985  1.00 0.00 ? 541 PHE A CE2  1 
ATOM 86   C CZ   . PHE A 1 6  ? -4.848  1.797   -4.058  1.00 0.00 ? 541 PHE A CZ   1 
ATOM 87   H H    . PHE A 1 6  ? -9.508  1.089   0.887   1.00 0.00 ? 541 PHE A H    1 
ATOM 88   H HA   . PHE A 1 6  ? -6.733  1.385   0.405   1.00 0.00 ? 541 PHE A HA   1 
ATOM 89   H HB2  . PHE A 1 6  ? -8.329  0.254   -1.156  1.00 0.00 ? 541 PHE A HB2  1 
ATOM 90   H HB3  . PHE A 1 6  ? -8.957  1.842   -1.606  1.00 0.00 ? 541 PHE A HB3  1 
ATOM 91   H HD1  . PHE A 1 6  ? -5.972  -0.354  -1.670  1.00 0.00 ? 541 PHE A HD1  1 
ATOM 92   H HD2  . PHE A 1 6  ? -7.701  3.339   -3.021  1.00 0.00 ? 541 PHE A HD2  1 
ATOM 93   H HE1  . PHE A 1 6  ? -4.105  -0.069  -3.278  1.00 0.00 ? 541 PHE A HE1  1 
ATOM 94   H HE2  . PHE A 1 6  ? -5.833  3.625   -4.630  1.00 0.00 ? 541 PHE A HE2  1 
ATOM 95   H HZ   . PHE A 1 6  ? -4.032  1.923   -4.757  1.00 0.00 ? 541 PHE A HZ   1 
ATOM 96   N N    . GLU A 1 7  ? -8.456  4.153   0.176   1.00 0.00 ? 542 GLU A N    1 
ATOM 97   C CA   . GLU A 1 7  ? -8.285  5.627   0.059   1.00 0.00 ? 542 GLU A CA   1 
ATOM 98   C C    . GLU A 1 7  ? -7.126  6.070   0.953   1.00 0.00 ? 542 GLU A C    1 
ATOM 99   O O    . GLU A 1 7  ? -6.348  6.930   0.593   1.00 0.00 ? 542 GLU A O    1 
ATOM 100  C CB   . GLU A 1 7  ? -9.571  6.328   0.504   1.00 0.00 ? 542 GLU A CB   1 
ATOM 101  C CG   . GLU A 1 7  ? -10.711 5.954   -0.445  1.00 0.00 ? 542 GLU A CG   1 
ATOM 102  C CD   . GLU A 1 7  ? -11.981 6.705   -0.039  1.00 0.00 ? 542 GLU A CD   1 
ATOM 103  O OE1  . GLU A 1 7  ? -11.971 7.317   1.016   1.00 0.00 ? 542 GLU A OE1  1 
ATOM 104  O OE2  . GLU A 1 7  ? -12.940 6.655   -0.791  1.00 0.00 ? 542 GLU A OE2  1 
ATOM 105  H H    . GLU A 1 7  ? -9.333  3.773   0.389   1.00 0.00 ? 542 GLU A H    1 
ATOM 106  H HA   . GLU A 1 7  ? -8.068  5.885   -0.964  1.00 0.00 ? 542 GLU A HA   1 
ATOM 107  H HB2  . GLU A 1 7  ? -9.820  6.019   1.509   1.00 0.00 ? 542 GLU A HB2  1 
ATOM 108  H HB3  . GLU A 1 7  ? -9.424  7.397   0.482   1.00 0.00 ? 542 GLU A HB3  1 
ATOM 109  H HG2  . GLU A 1 7  ? -10.440 6.222   -1.456  1.00 0.00 ? 542 GLU A HG2  1 
ATOM 110  H HG3  . GLU A 1 7  ? -10.891 4.890   -0.390  1.00 0.00 ? 542 GLU A HG3  1 
ATOM 111  N N    . ALA A 1 8  ? -6.992  5.477   2.106   1.00 0.00 ? 543 ALA A N    1 
ATOM 112  C CA   . ALA A 1 8  ? -5.865  5.857   3.004   1.00 0.00 ? 543 ALA A CA   1 
ATOM 113  C C    . ALA A 1 8  ? -4.557  5.388   2.366   1.00 0.00 ? 543 ALA A C    1 
ATOM 114  O O    . ALA A 1 8  ? -3.591  6.124   2.280   1.00 0.00 ? 543 ALA A O    1 
ATOM 115  C CB   . ALA A 1 8  ? -6.044  5.184   4.366   1.00 0.00 ? 543 ALA A CB   1 
ATOM 116  H H    . ALA A 1 8  ? -7.620  4.775   2.375   1.00 0.00 ? 543 ALA A H    1 
ATOM 117  H HA   . ALA A 1 8  ? -5.846  6.931   3.127   1.00 0.00 ? 543 ALA A HA   1 
ATOM 118  H HB1  . ALA A 1 8  ? -7.014  5.439   4.769   1.00 0.00 ? 543 ALA A HB1  1 
ATOM 119  H HB2  . ALA A 1 8  ? -5.273  5.527   5.041   1.00 0.00 ? 543 ALA A HB2  1 
ATOM 120  H HB3  . ALA A 1 8  ? -5.972  4.113   4.251   1.00 0.00 ? 543 ALA A HB3  1 
ATOM 121  N N    . LEU A 1 9  ? -4.527  4.168   1.903   1.00 0.00 ? 544 LEU A N    1 
ATOM 122  C CA   . LEU A 1 9  ? -3.297  3.647   1.255   1.00 0.00 ? 544 LEU A CA   1 
ATOM 123  C C    . LEU A 1 9  ? -3.018  4.471   0.001   1.00 0.00 ? 544 LEU A C    1 
ATOM 124  O O    . LEU A 1 9  ? -1.884  4.746   -0.339  1.00 0.00 ? 544 LEU A O    1 
ATOM 125  C CB   . LEU A 1 9  ? -3.514  2.191   0.863   1.00 0.00 ? 544 LEU A CB   1 
ATOM 126  C CG   . LEU A 1 9  ? -3.961  1.387   2.084   1.00 0.00 ? 544 LEU A CG   1 
ATOM 127  C CD1  . LEU A 1 9  ? -3.929  -0.093  1.735   1.00 0.00 ? 544 LEU A CD1  1 
ATOM 128  C CD2  . LEU A 1 9  ? -3.015  1.649   3.260   1.00 0.00 ? 544 LEU A CD2  1 
ATOM 129  H H    . LEU A 1 9  ? -5.320  3.597   1.972   1.00 0.00 ? 544 LEU A H    1 
ATOM 130  H HA   . LEU A 1 9  ? -2.464  3.721   1.933   1.00 0.00 ? 544 LEU A HA   1 
ATOM 131  H HB2  . LEU A 1 9  ? -4.273  2.134   0.097   1.00 0.00 ? 544 LEU A HB2  1 
ATOM 132  H HB3  . LEU A 1 9  ? -2.592  1.781   0.485   1.00 0.00 ? 544 LEU A HB3  1 
ATOM 133  H HG   . LEU A 1 9  ? -4.968  1.672   2.354   1.00 0.00 ? 544 LEU A HG   1 
ATOM 134  H HD11 . LEU A 1 9  ? -4.060  -0.678  2.633   1.00 0.00 ? 544 LEU A HD11 1 
ATOM 135  H HD12 . LEU A 1 9  ? -2.977  -0.330  1.284   1.00 0.00 ? 544 LEU A HD12 1 
ATOM 136  H HD13 . LEU A 1 9  ? -4.724  -0.315  1.039   1.00 0.00 ? 544 LEU A HD13 1 
ATOM 137  H HD21 . LEU A 1 9  ? -1.999  1.704   2.901   1.00 0.00 ? 544 LEU A HD21 1 
ATOM 138  H HD22 . LEU A 1 9  ? -3.100  0.845   3.976   1.00 0.00 ? 544 LEU A HD22 1 
ATOM 139  H HD23 . LEU A 1 9  ? -3.282  2.583   3.735   1.00 0.00 ? 544 LEU A HD23 1 
ATOM 140  N N    . ARG A 1 10 ? -4.052  4.872   -0.684  1.00 0.00 ? 545 ARG A N    1 
ATOM 141  C CA   . ARG A 1 10 ? -3.864  5.684   -1.913  1.00 0.00 ? 545 ARG A CA   1 
ATOM 142  C C    . ARG A 1 10 ? -3.067  6.936   -1.562  1.00 0.00 ? 545 ARG A C    1 
ATOM 143  O O    . ARG A 1 10 ? -2.256  7.404   -2.335  1.00 0.00 ? 545 ARG A O    1 
ATOM 144  C CB   . ARG A 1 10 ? -5.229  6.088   -2.477  1.00 0.00 ? 545 ARG A CB   1 
ATOM 145  C CG   . ARG A 1 10 ? -5.034  6.830   -3.801  1.00 0.00 ? 545 ARG A CG   1 
ATOM 146  C CD   . ARG A 1 10 ? -6.393  7.281   -4.339  1.00 0.00 ? 545 ARG A CD   1 
ATOM 147  N NE   . ARG A 1 10 ? -6.215  7.899   -5.683  1.00 0.00 ? 545 ARG A NE   1 
ATOM 148  C CZ   . ARG A 1 10 ? -7.238  8.033   -6.481  1.00 0.00 ? 545 ARG A CZ   1 
ATOM 149  N NH1  . ARG A 1 10 ? -8.419  7.626   -6.102  1.00 0.00 ? 545 ARG A NH1  1 
ATOM 150  N NH2  . ARG A 1 10 ? -7.081  8.575   -7.658  1.00 0.00 ? 545 ARG A NH2  1 
ATOM 151  H H    . ARG A 1 10 ? -4.954  4.641   -0.384  1.00 0.00 ? 545 ARG A H    1 
ATOM 152  H HA   . ARG A 1 10 ? -3.325  5.108   -2.649  1.00 0.00 ? 545 ARG A HA   1 
ATOM 153  H HB2  . ARG A 1 10 ? -5.825  5.202   -2.643  1.00 0.00 ? 545 ARG A HB2  1 
ATOM 154  H HB3  . ARG A 1 10 ? -5.732  6.735   -1.774  1.00 0.00 ? 545 ARG A HB3  1 
ATOM 155  H HG2  . ARG A 1 10 ? -4.405  7.693   -3.641  1.00 0.00 ? 545 ARG A HG2  1 
ATOM 156  H HG3  . ARG A 1 10 ? -4.566  6.171   -4.518  1.00 0.00 ? 545 ARG A HG3  1 
ATOM 157  H HD2  . ARG A 1 10 ? -7.050  6.427   -4.421  1.00 0.00 ? 545 ARG A HD2  1 
ATOM 158  H HD3  . ARG A 1 10 ? -6.825  8.005   -3.664  1.00 0.00 ? 545 ARG A HD3  1 
ATOM 159  H HE   . ARG A 1 10 ? -5.328  8.205   -5.967  1.00 0.00 ? 545 ARG A HE   1 
ATOM 160  H HH11 . ARG A 1 10 ? -8.538  7.211   -5.201  1.00 0.00 ? 545 ARG A HH11 1 
ATOM 161  H HH12 . ARG A 1 10 ? -9.203  7.728   -6.713  1.00 0.00 ? 545 ARG A HH12 1 
ATOM 162  H HH21 . ARG A 1 10 ? -6.177  8.887   -7.949  1.00 0.00 ? 545 ARG A HH21 1 
ATOM 163  H HH22 . ARG A 1 10 ? -7.866  8.678   -8.270  1.00 0.00 ? 545 ARG A HH22 1 
ATOM 164  N N    . ALA A 1 11 ? -3.285  7.479   -0.397  1.00 0.00 ? 546 ALA A N    1 
ATOM 165  C CA   . ALA A 1 11 ? -2.528  8.699   -0.002  1.00 0.00 ? 546 ALA A CA   1 
ATOM 166  C C    . ALA A 1 11 ? -1.042  8.358   0.037   1.00 0.00 ? 546 ALA A C    1 
ATOM 167  O O    . ALA A 1 11 ? -0.214  9.067   -0.499  1.00 0.00 ? 546 ALA A O    1 
ATOM 168  C CB   . ALA A 1 11 ? -2.985  9.161   1.383   1.00 0.00 ? 546 ALA A CB   1 
ATOM 169  H H    . ALA A 1 11 ? -3.939  7.082   0.216   1.00 0.00 ? 546 ALA A H    1 
ATOM 170  H HA   . ALA A 1 11 ? -2.701  9.481   -0.723  1.00 0.00 ? 546 ALA A HA   1 
ATOM 171  H HB1  . ALA A 1 11 ? -2.570  10.135  1.593   1.00 0.00 ? 546 ALA A HB1  1 
ATOM 172  H HB2  . ALA A 1 11 ? -2.645  8.455   2.128   1.00 0.00 ? 546 ALA A HB2  1 
ATOM 173  H HB3  . ALA A 1 11 ? -4.064  9.217   1.407   1.00 0.00 ? 546 ALA A HB3  1 
ATOM 174  N N    . TRP A 1 12 ? -0.700  7.259   0.650   1.00 0.00 ? 547 TRP A N    1 
ATOM 175  C CA   . TRP A 1 12 ? 0.732   6.857   0.701   1.00 0.00 ? 547 TRP A CA   1 
ATOM 176  C C    . TRP A 1 12 ? 1.203   6.536   -0.716  1.00 0.00 ? 547 TRP A C    1 
ATOM 177  O O    . TRP A 1 12 ? 2.329   6.806   -1.088  1.00 0.00 ? 547 TRP A O    1 
ATOM 178  C CB   . TRP A 1 12 ? 0.894   5.618   1.585   1.00 0.00 ? 547 TRP A CB   1 
ATOM 179  C CG   . TRP A 1 12 ? 2.350   5.334   1.768   1.00 0.00 ? 547 TRP A CG   1 
ATOM 180  C CD1  . TRP A 1 12 ? 2.983   4.216   1.343   1.00 0.00 ? 547 TRP A CD1  1 
ATOM 181  C CD2  . TRP A 1 12 ? 3.366   6.161   2.405   1.00 0.00 ? 547 TRP A CD2  1 
ATOM 182  N NE1  . TRP A 1 12 ? 4.321   4.303   1.683   1.00 0.00 ? 547 TRP A NE1  1 
ATOM 183  C CE2  . TRP A 1 12 ? 4.606   5.485   2.340   1.00 0.00 ? 547 TRP A CE2  1 
ATOM 184  C CE3  . TRP A 1 12 ? 3.331   7.421   3.031   1.00 0.00 ? 547 TRP A CE3  1 
ATOM 185  C CZ2  . TRP A 1 12 ? 5.770   6.037   2.874   1.00 0.00 ? 547 TRP A CZ2  1 
ATOM 186  C CZ3  . TRP A 1 12 ? 4.501   7.981   3.569   1.00 0.00 ? 547 TRP A CZ3  1 
ATOM 187  C CH2  . TRP A 1 12 ? 5.718   7.291   3.490   1.00 0.00 ? 547 TRP A CH2  1 
ATOM 188  H H    . TRP A 1 12 ? -1.388  6.694   1.062   1.00 0.00 ? 547 TRP A H    1 
ATOM 189  H HA   . TRP A 1 12 ? 1.320   7.668   1.102   1.00 0.00 ? 547 TRP A HA   1 
ATOM 190  H HB2  . TRP A 1 12 ? 0.437   5.798   2.546   1.00 0.00 ? 547 TRP A HB2  1 
ATOM 191  H HB3  . TRP A 1 12 ? 0.419   4.772   1.111   1.00 0.00 ? 547 TRP A HB3  1 
ATOM 192  H HD1  . TRP A 1 12 ? 2.519   3.389   0.825   1.00 0.00 ? 547 TRP A HD1  1 
ATOM 193  H HE1  . TRP A 1 12 ? 4.999   3.622   1.490   1.00 0.00 ? 547 TRP A HE1  1 
ATOM 194  H HE3  . TRP A 1 12 ? 2.398   7.961   3.098   1.00 0.00 ? 547 TRP A HE3  1 
ATOM 195  H HZ2  . TRP A 1 12 ? 6.706   5.501   2.810   1.00 0.00 ? 547 TRP A HZ2  1 
ATOM 196  H HZ3  . TRP A 1 12 ? 4.463   8.949   4.047   1.00 0.00 ? 547 TRP A HZ3  1 
ATOM 197  H HH2  . TRP A 1 12 ? 6.615   7.727   3.906   1.00 0.00 ? 547 TRP A HH2  1 
ATOM 198  N N    . ARG A 1 13 ? 0.345   5.951   -1.504  1.00 0.00 ? 548 ARG A N    1 
ATOM 199  C CA   . ARG A 1 13 ? 0.725   5.593   -2.899  1.00 0.00 ? 548 ARG A CA   1 
ATOM 200  C C    . ARG A 1 13 ? 1.219   6.836   -3.640  1.00 0.00 ? 548 ARG A C    1 
ATOM 201  O O    . ARG A 1 13 ? 2.190   6.789   -4.370  1.00 0.00 ? 548 ARG A O    1 
ATOM 202  C CB   . ARG A 1 13 ? -0.499  5.024   -3.621  1.00 0.00 ? 548 ARG A CB   1 
ATOM 203  C CG   . ARG A 1 13 ? -0.084  4.494   -4.994  1.00 0.00 ? 548 ARG A CG   1 
ATOM 204  C CD   . ARG A 1 13 ? -1.310  3.927   -5.713  1.00 0.00 ? 548 ARG A CD   1 
ATOM 205  N NE   . ARG A 1 13 ? -2.234  5.039   -6.072  1.00 0.00 ? 548 ARG A NE   1 
ATOM 206  C CZ   . ARG A 1 13 ? -3.137  4.864   -6.997  1.00 0.00 ? 548 ARG A CZ   1 
ATOM 207  N NH1  . ARG A 1 13 ? -3.231  3.715   -7.609  1.00 0.00 ? 548 ARG A NH1  1 
ATOM 208  N NH2  . ARG A 1 13 ? -3.948  5.838   -7.310  1.00 0.00 ? 548 ARG A NH2  1 
ATOM 209  H H    . ARG A 1 13 ? -0.553  5.739   -1.175  1.00 0.00 ? 548 ARG A H    1 
ATOM 210  H HA   . ARG A 1 13 ? 1.508   4.852   -2.880  1.00 0.00 ? 548 ARG A HA   1 
ATOM 211  H HB2  . ARG A 1 13 ? -0.919  4.219   -3.036  1.00 0.00 ? 548 ARG A HB2  1 
ATOM 212  H HB3  . ARG A 1 13 ? -1.236  5.802   -3.746  1.00 0.00 ? 548 ARG A HB3  1 
ATOM 213  H HG2  . ARG A 1 13 ? 0.340   5.298   -5.578  1.00 0.00 ? 548 ARG A HG2  1 
ATOM 214  H HG3  . ARG A 1 13 ? 0.650   3.713   -4.870  1.00 0.00 ? 548 ARG A HG3  1 
ATOM 215  H HD2  . ARG A 1 13 ? -0.995  3.416   -6.612  1.00 0.00 ? 548 ARG A HD2  1 
ATOM 216  H HD3  . ARG A 1 13 ? -1.818  3.231   -5.064  1.00 0.00 ? 548 ARG A HD3  1 
ATOM 217  H HE   . ARG A 1 13 ? -2.163  5.902   -5.611  1.00 0.00 ? 548 ARG A HE   1 
ATOM 218  H HH11 . ARG A 1 13 ? -2.610  2.969   -7.370  1.00 0.00 ? 548 ARG A HH11 1 
ATOM 219  H HH12 . ARG A 1 13 ? -3.923  3.581   -8.318  1.00 0.00 ? 548 ARG A HH12 1 
ATOM 220  H HH21 . ARG A 1 13 ? -3.877  6.718   -6.841  1.00 0.00 ? 548 ARG A HH21 1 
ATOM 221  H HH22 . ARG A 1 13 ? -4.640  5.704   -8.019  1.00 0.00 ? 548 ARG A HH22 1 
ATOM 222  N N    . LEU A 1 14 ? 0.564   7.950   -3.461  1.00 0.00 ? 549 LEU A N    1 
ATOM 223  C CA   . LEU A 1 14 ? 1.007   9.188   -4.163  1.00 0.00 ? 549 LEU A CA   1 
ATOM 224  C C    . LEU A 1 14 ? 2.406   9.573   -3.683  1.00 0.00 ? 549 LEU A C    1 
ATOM 225  O O    . LEU A 1 14 ? 3.266   9.924   -4.466  1.00 0.00 ? 549 LEU A O    1 
ATOM 226  C CB   . LEU A 1 14 ? 0.032   10.329  -3.862  1.00 0.00 ? 549 LEU A CB   1 
ATOM 227  C CG   . LEU A 1 14 ? -1.372  9.948   -4.339  1.00 0.00 ? 549 LEU A CG   1 
ATOM 228  C CD1  . LEU A 1 14 ? -2.333  11.109  -4.074  1.00 0.00 ? 549 LEU A CD1  1 
ATOM 229  C CD2  . LEU A 1 14 ? -1.340  9.652   -5.840  1.00 0.00 ? 549 LEU A CD2  1 
ATOM 230  H H    . LEU A 1 14 ? -0.217  7.970   -2.870  1.00 0.00 ? 549 LEU A H    1 
ATOM 231  H HA   . LEU A 1 14 ? 1.033   9.007   -5.226  1.00 0.00 ? 549 LEU A HA   1 
ATOM 232  H HB2  . LEU A 1 14 ? 0.012   10.513  -2.797  1.00 0.00 ? 549 LEU A HB2  1 
ATOM 233  H HB3  . LEU A 1 14 ? 0.353   11.222  -4.375  1.00 0.00 ? 549 LEU A HB3  1 
ATOM 234  H HG   . LEU A 1 14 ? -1.710  9.074   -3.804  1.00 0.00 ? 549 LEU A HG   1 
ATOM 235  H HD11 . LEU A 1 14 ? -1.971  11.997  -4.572  1.00 0.00 ? 549 LEU A HD11 1 
ATOM 236  H HD12 . LEU A 1 14 ? -2.392  11.291  -3.011  1.00 0.00 ? 549 LEU A HD12 1 
ATOM 237  H HD13 . LEU A 1 14 ? -3.313  10.858  -4.452  1.00 0.00 ? 549 LEU A HD13 1 
ATOM 238  H HD21 . LEU A 1 14 ? -2.305  9.871   -6.271  1.00 0.00 ? 549 LEU A HD21 1 
ATOM 239  H HD22 . LEU A 1 14 ? -1.102  8.611   -5.996  1.00 0.00 ? 549 LEU A HD22 1 
ATOM 240  H HD23 . LEU A 1 14 ? -0.588  10.268  -6.313  1.00 0.00 ? 549 LEU A HD23 1 
ATOM 241  N N    . GLN A 1 15 ? 2.646   9.498   -2.404  1.00 0.00 ? 550 GLN A N    1 
ATOM 242  C CA   . GLN A 1 15 ? 3.995   9.847   -1.881  1.00 0.00 ? 550 GLN A CA   1 
ATOM 243  C C    . GLN A 1 15 ? 4.993   8.809   -2.382  1.00 0.00 ? 550 GLN A C    1 
ATOM 244  O O    . GLN A 1 15 ? 6.106   9.121   -2.757  1.00 0.00 ? 550 GLN A O    1 
ATOM 245  C CB   . GLN A 1 15 ? 3.971   9.841   -0.351  1.00 0.00 ? 550 GLN A CB   1 
ATOM 246  C CG   . GLN A 1 15 ? 3.038   10.947  0.149   1.00 0.00 ? 550 GLN A CG   1 
ATOM 247  C CD   . GLN A 1 15 ? 2.974   10.910  1.677   1.00 0.00 ? 550 GLN A CD   1 
ATOM 248  O OE1  . GLN A 1 15 ? 3.347   9.929   2.289   1.00 0.00 ? 550 GLN A OE1  1 
ATOM 249  N NE2  . GLN A 1 15 ? 2.513   11.945  2.324   1.00 0.00 ? 550 GLN A NE2  1 
ATOM 250  H H    . GLN A 1 15 ? 1.944   9.198   -1.791  1.00 0.00 ? 550 GLN A H    1 
ATOM 251  H HA   . GLN A 1 15 ? 4.280   10.825  -2.238  1.00 0.00 ? 550 GLN A HA   1 
ATOM 252  H HB2  . GLN A 1 15 ? 3.616   8.883   0.000   1.00 0.00 ? 550 GLN A HB2  1 
ATOM 253  H HB3  . GLN A 1 15 ? 4.967   10.018  0.025   1.00 0.00 ? 550 GLN A HB3  1 
ATOM 254  H HG2  . GLN A 1 15 ? 3.413   11.908  -0.174  1.00 0.00 ? 550 GLN A HG2  1 
ATOM 255  H HG3  . GLN A 1 15 ? 2.048   10.793  -0.254  1.00 0.00 ? 550 GLN A HG3  1 
ATOM 256  H HE21 . GLN A 1 15 ? 2.212   12.737  1.830   1.00 0.00 ? 550 GLN A HE21 1 
ATOM 257  H HE22 . GLN A 1 15 ? 2.469   11.932  3.303   1.00 0.00 ? 550 GLN A HE22 1 
ATOM 258  N N    . LYS A 1 16 ? 4.588   7.572   -2.391  1.00 0.00 ? 551 LYS A N    1 
ATOM 259  C CA   . LYS A 1 16 ? 5.485   6.489   -2.866  1.00 0.00 ? 551 LYS A CA   1 
ATOM 260  C C    . LYS A 1 16 ? 5.843   6.725   -4.333  1.00 0.00 ? 551 LYS A C    1 
ATOM 261  O O    . LYS A 1 16 ? 6.958   6.497   -4.756  1.00 0.00 ? 551 LYS A O    1 
ATOM 262  C CB   . LYS A 1 16 ? 4.767   5.146   -2.723  1.00 0.00 ? 551 LYS A CB   1 
ATOM 263  C CG   . LYS A 1 16 ? 5.732   4.019   -3.075  1.00 0.00 ? 551 LYS A CG   1 
ATOM 264  C CD   . LYS A 1 16 ? 5.004   2.677   -2.995  1.00 0.00 ? 551 LYS A CD   1 
ATOM 265  C CE   . LYS A 1 16 ? 6.004   1.540   -3.208  1.00 0.00 ? 551 LYS A CE   1 
ATOM 266  N NZ   . LYS A 1 16 ? 5.271   0.246   -3.307  1.00 0.00 ? 551 LYS A NZ   1 
ATOM 267  H H    . LYS A 1 16 ? 3.682   7.355   -2.086  1.00 0.00 ? 551 LYS A H    1 
ATOM 268  H HA   . LYS A 1 16 ? 6.385   6.481   -2.273  1.00 0.00 ? 551 LYS A HA   1 
ATOM 269  H HB2  . LYS A 1 16 ? 4.427   5.027   -1.705  1.00 0.00 ? 551 LYS A HB2  1 
ATOM 270  H HB3  . LYS A 1 16 ? 3.921   5.117   -3.393  1.00 0.00 ? 551 LYS A HB3  1 
ATOM 271  H HG2  . LYS A 1 16 ? 6.105   4.171   -4.077  1.00 0.00 ? 551 LYS A HG2  1 
ATOM 272  H HG3  . LYS A 1 16 ? 6.555   4.024   -2.379  1.00 0.00 ? 551 LYS A HG3  1 
ATOM 273  H HD2  . LYS A 1 16 ? 4.542   2.575   -2.024  1.00 0.00 ? 551 LYS A HD2  1 
ATOM 274  H HD3  . LYS A 1 16 ? 4.243   2.633   -3.761  1.00 0.00 ? 551 LYS A HD3  1 
ATOM 275  H HE2  . LYS A 1 16 ? 6.556   1.711   -4.120  1.00 0.00 ? 551 LYS A HE2  1 
ATOM 276  H HE3  . LYS A 1 16 ? 6.689   1.502   -2.374  1.00 0.00 ? 551 LYS A HE3  1 
ATOM 277  H HZ1  . LYS A 1 16 ? 5.455   -0.188  -4.233  1.00 0.00 ? 551 LYS A HZ1  1 
ATOM 278  H HZ2  . LYS A 1 16 ? 4.250   0.417   -3.201  1.00 0.00 ? 551 LYS A HZ2  1 
ATOM 279  H HZ3  . LYS A 1 16 ? 5.595   -0.395  -2.556  1.00 0.00 ? 551 LYS A HZ3  1 
ATOM 280  N N    . ALA A 1 17 ? 4.901   7.177   -5.110  1.00 0.00 ? 552 ALA A N    1 
ATOM 281  C CA   . ALA A 1 17 ? 5.177   7.426   -6.553  1.00 0.00 ? 552 ALA A CA   1 
ATOM 282  C C    . ALA A 1 17 ? 6.256   8.500   -6.695  1.00 0.00 ? 552 ALA A C    1 
ATOM 283  O O    . ALA A 1 17 ? 7.101   8.432   -7.564  1.00 0.00 ? 552 ALA A O    1 
ATOM 284  C CB   . ALA A 1 17 ? 3.896   7.897   -7.243  1.00 0.00 ? 552 ALA A CB   1 
ATOM 285  H H    . ALA A 1 17 ? 4.009   7.351   -4.745  1.00 0.00 ? 552 ALA A H    1 
ATOM 286  H HA   . ALA A 1 17 ? 5.518   6.512   -7.015  1.00 0.00 ? 552 ALA A HA   1 
ATOM 287  H HB1  . ALA A 1 17 ? 3.087   7.912   -6.528  1.00 0.00 ? 552 ALA A HB1  1 
ATOM 288  H HB2  . ALA A 1 17 ? 3.651   7.220   -8.049  1.00 0.00 ? 552 ALA A HB2  1 
ATOM 289  H HB3  . ALA A 1 17 ? 4.044   8.891   -7.639  1.00 0.00 ? 552 ALA A HB3  1 
ATOM 290  N N    . LYS A 1 18 ? 6.235   9.491   -5.850  1.00 0.00 ? 553 LYS A N    1 
ATOM 291  C CA   . LYS A 1 18 ? 7.262   10.566  -5.945  1.00 0.00 ? 553 LYS A CA   1 
ATOM 292  C C    . LYS A 1 18 ? 8.654   9.954   -5.799  1.00 0.00 ? 553 LYS A C    1 
ATOM 293  O O    . LYS A 1 18 ? 9.572   10.294  -6.519  1.00 0.00 ? 553 LYS A O    1 
ATOM 294  C CB   . LYS A 1 18 ? 7.036   11.593  -4.833  1.00 0.00 ? 553 LYS A CB   1 
ATOM 295  C CG   . LYS A 1 18 ? 8.000   12.766  -5.018  1.00 0.00 ? 553 LYS A CG   1 
ATOM 296  C CD   . LYS A 1 18 ? 7.820   13.762  -3.870  1.00 0.00 ? 553 LYS A CD   1 
ATOM 297  C CE   . LYS A 1 18 ? 8.668   15.007  -4.137  1.00 0.00 ? 553 LYS A CE   1 
ATOM 298  N NZ   . LYS A 1 18 ? 9.292   15.466  -2.864  1.00 0.00 ? 553 LYS A NZ   1 
ATOM 299  H H    . LYS A 1 18 ? 5.545   9.531   -5.156  1.00 0.00 ? 553 LYS A H    1 
ATOM 300  H HA   . LYS A 1 18 ? 7.184   11.051  -6.904  1.00 0.00 ? 553 LYS A HA   1 
ATOM 301  H HB2  . LYS A 1 18 ? 6.016   11.952  -4.878  1.00 0.00 ? 553 LYS A HB2  1 
ATOM 302  H HB3  . LYS A 1 18 ? 7.213   11.130  -3.874  1.00 0.00 ? 553 LYS A HB3  1 
ATOM 303  H HG2  . LYS A 1 18 ? 9.016   12.398  -5.021  1.00 0.00 ? 553 LYS A HG2  1 
ATOM 304  H HG3  . LYS A 1 18 ? 7.792   13.259  -5.955  1.00 0.00 ? 553 LYS A HG3  1 
ATOM 305  H HD2  . LYS A 1 18 ? 6.779   14.043  -3.798  1.00 0.00 ? 553 LYS A HD2  1 
ATOM 306  H HD3  . LYS A 1 18 ? 8.135   13.306  -2.944  1.00 0.00 ? 553 LYS A HD3  1 
ATOM 307  H HE2  . LYS A 1 18 ? 9.442   14.768  -4.852  1.00 0.00 ? 553 LYS A HE2  1 
ATOM 308  H HE3  . LYS A 1 18 ? 8.041   15.791  -4.534  1.00 0.00 ? 553 LYS A HE3  1 
ATOM 309  H HZ1  . LYS A 1 18 ? 9.993   16.205  -3.068  1.00 0.00 ? 553 LYS A HZ1  1 
ATOM 310  H HZ2  . LYS A 1 18 ? 9.761   14.660  -2.399  1.00 0.00 ? 553 LYS A HZ2  1 
ATOM 311  H HZ3  . LYS A 1 18 ? 8.558   15.849  -2.237  1.00 0.00 ? 553 LYS A HZ3  1 
ATOM 312  N N    . GLU A 1 19 ? 8.817   9.052   -4.875  1.00 0.00 ? 554 GLU A N    1 
ATOM 313  C CA   . GLU A 1 19 ? 10.151  8.416   -4.686  1.00 0.00 ? 554 GLU A CA   1 
ATOM 314  C C    . GLU A 1 19 ? 10.489  7.562   -5.910  1.00 0.00 ? 554 GLU A C    1 
ATOM 315  O O    . GLU A 1 19 ? 11.602  7.565   -6.394  1.00 0.00 ? 554 GLU A O    1 
ATOM 316  C CB   . GLU A 1 19 ? 10.120  7.529   -3.439  1.00 0.00 ? 554 GLU A CB   1 
ATOM 317  C CG   . GLU A 1 19 ? 11.524  6.990   -3.159  1.00 0.00 ? 554 GLU A CG   1 
ATOM 318  C CD   . GLU A 1 19 ? 11.475  6.024   -1.975  1.00 0.00 ? 554 GLU A CD   1 
ATOM 319  O OE1  . GLU A 1 19 ? 10.391  5.804   -1.459  1.00 0.00 ? 554 GLU A OE1  1 
ATOM 320  O OE2  . GLU A 1 19 ? 12.522  5.519   -1.603  1.00 0.00 ? 554 GLU A OE2  1 
ATOM 321  H H    . GLU A 1 19 ? 8.062   8.792   -4.308  1.00 0.00 ? 554 GLU A H    1 
ATOM 322  H HA   . GLU A 1 19 ? 10.901  9.181   -4.564  1.00 0.00 ? 554 GLU A HA   1 
ATOM 323  H HB2  . GLU A 1 19 ? 9.781   8.110   -2.593  1.00 0.00 ? 554 GLU A HB2  1 
ATOM 324  H HB3  . GLU A 1 19 ? 9.446   6.702   -3.602  1.00 0.00 ? 554 GLU A HB3  1 
ATOM 325  H HG2  . GLU A 1 19 ? 11.892  6.473   -4.033  1.00 0.00 ? 554 GLU A HG2  1 
ATOM 326  H HG3  . GLU A 1 19 ? 12.185  7.811   -2.923  1.00 0.00 ? 554 GLU A HG3  1 
ATOM 327  N N    . LEU A 1 20 ? 9.530   6.836   -6.415  1.00 0.00 ? 555 LEU A N    1 
ATOM 328  C CA   . LEU A 1 20 ? 9.787   5.984   -7.610  1.00 0.00 ? 555 LEU A CA   1 
ATOM 329  C C    . LEU A 1 20 ? 9.930   6.872   -8.849  1.00 0.00 ? 555 LEU A C    1 
ATOM 330  O O    . LEU A 1 20 ? 10.652  6.552   -9.772  1.00 0.00 ? 555 LEU A O    1 
ATOM 331  C CB   . LEU A 1 20 ? 8.623   5.009   -7.805  1.00 0.00 ? 555 LEU A CB   1 
ATOM 332  C CG   . LEU A 1 20 ? 8.443   4.161   -6.544  1.00 0.00 ? 555 LEU A CG   1 
ATOM 333  C CD1  . LEU A 1 20 ? 7.341   3.128   -6.777  1.00 0.00 ? 555 LEU A CD1  1 
ATOM 334  C CD2  . LEU A 1 20 ? 9.751   3.436   -6.221  1.00 0.00 ? 555 LEU A CD2  1 
ATOM 335  H H    . LEU A 1 20 ? 8.640   6.853   -6.008  1.00 0.00 ? 555 LEU A H    1 
ATOM 336  H HA   . LEU A 1 20 ? 10.701  5.429   -7.463  1.00 0.00 ? 555 LEU A HA   1 
ATOM 337  H HB2  . LEU A 1 20 ? 7.717   5.566   -7.998  1.00 0.00 ? 555 LEU A HB2  1 
ATOM 338  H HB3  . LEU A 1 20 ? 8.833   4.362   -8.643  1.00 0.00 ? 555 LEU A HB3  1 
ATOM 339  H HG   . LEU A 1 20 ? 8.169   4.800   -5.717  1.00 0.00 ? 555 LEU A HG   1 
ATOM 340  H HD11 . LEU A 1 20 ? 7.691   2.152   -6.475  1.00 0.00 ? 555 LEU A HD11 1 
ATOM 341  H HD12 . LEU A 1 20 ? 7.080   3.110   -7.825  1.00 0.00 ? 555 LEU A HD12 1 
ATOM 342  H HD13 . LEU A 1 20 ? 6.470   3.393   -6.194  1.00 0.00 ? 555 LEU A HD13 1 
ATOM 343  H HD21 . LEU A 1 20 ? 10.271  3.205   -7.139  1.00 0.00 ? 555 LEU A HD21 1 
ATOM 344  H HD22 . LEU A 1 20 ? 9.533   2.521   -5.690  1.00 0.00 ? 555 LEU A HD22 1 
ATOM 345  H HD23 . LEU A 1 20 ? 10.372  4.070   -5.605  1.00 0.00 ? 555 LEU A HD23 1 
ATOM 346  N N    . SER A 1 21 ? 9.244   7.985   -8.873  1.00 0.00 ? 556 SER A N    1 
ATOM 347  C CA   . SER A 1 21 ? 9.331   8.903   -10.047 1.00 0.00 ? 556 SER A CA   1 
ATOM 348  C C    . SER A 1 21 ? 8.428   8.393   -11.174 1.00 0.00 ? 556 SER A C    1 
ATOM 349  O O    . SER A 1 21 ? 8.527   8.832   -12.302 1.00 0.00 ? 556 SER A O    1 
ATOM 350  C CB   . SER A 1 21 ? 10.776  8.972   -10.543 1.00 0.00 ? 556 SER A CB   1 
ATOM 351  O OG   . SER A 1 21 ? 11.028  10.269  -11.070 1.00 0.00 ? 556 SER A OG   1 
ATOM 352  H H    . SER A 1 21 ? 8.669   8.217   -8.114  1.00 0.00 ? 556 SER A H    1 
ATOM 353  H HA   . SER A 1 21 ? 9.008   9.890   -9.750  1.00 0.00 ? 556 SER A HA   1 
ATOM 354  H HB2  . SER A 1 21 ? 11.450  8.785   -9.725  1.00 0.00 ? 556 SER A HB2  1 
ATOM 355  H HB3  . SER A 1 21 ? 10.929  8.225   -11.311 1.00 0.00 ? 556 SER A HB3  1 
ATOM 356  H HG   . SER A 1 21 ? 10.187  10.655  -11.323 1.00 0.00 ? 556 SER A HG   1 
ATOM 357  N N    . LEU A 1 22 ? 7.544   7.476   -10.875 1.00 0.00 ? 557 LEU A N    1 
ATOM 358  C CA   . LEU A 1 22 ? 6.627   6.939   -11.925 1.00 0.00 ? 557 LEU A CA   1 
ATOM 359  C C    . LEU A 1 22 ? 5.176   7.138   -11.467 1.00 0.00 ? 557 LEU A C    1 
ATOM 360  O O    . LEU A 1 22 ? 4.933   7.607   -10.373 1.00 0.00 ? 557 LEU A O    1 
ATOM 361  C CB   . LEU A 1 22 ? 6.898   5.444   -12.150 1.00 0.00 ? 557 LEU A CB   1 
ATOM 362  C CG   . LEU A 1 22 ? 8.310   5.075   -11.680 1.00 0.00 ? 557 LEU A CG   1 
ATOM 363  C CD1  . LEU A 1 22 ? 8.499   3.562   -11.790 1.00 0.00 ? 557 LEU A CD1  1 
ATOM 364  C CD2  . LEU A 1 22 ? 9.348   5.777   -12.560 1.00 0.00 ? 557 LEU A CD2  1 
ATOM 365  H H    . LEU A 1 22 ? 7.482   7.142   -9.955  1.00 0.00 ? 557 LEU A H    1 
ATOM 366  H HA   . LEU A 1 22 ? 6.790   7.478   -12.846 1.00 0.00 ? 557 LEU A HA   1 
ATOM 367  H HB2  . LEU A 1 22 ? 6.174   4.863   -11.599 1.00 0.00 ? 557 LEU A HB2  1 
ATOM 368  H HB3  . LEU A 1 22 ? 6.808   5.221   -13.203 1.00 0.00 ? 557 LEU A HB3  1 
ATOM 369  H HG   . LEU A 1 22 ? 8.442   5.374   -10.651 1.00 0.00 ? 557 LEU A HG   1 
ATOM 370  H HD11 . LEU A 1 22 ? 9.505   3.302   -11.493 1.00 0.00 ? 557 LEU A HD11 1 
ATOM 371  H HD12 . LEU A 1 22 ? 8.335   3.252   -12.811 1.00 0.00 ? 557 LEU A HD12 1 
ATOM 372  H HD13 . LEU A 1 22 ? 7.793   3.062   -11.144 1.00 0.00 ? 557 LEU A HD13 1 
ATOM 373  H HD21 . LEU A 1 22 ? 9.655   5.112   -13.354 1.00 0.00 ? 557 LEU A HD21 1 
ATOM 374  H HD22 . LEU A 1 22 ? 10.207  6.042   -11.963 1.00 0.00 ? 557 LEU A HD22 1 
ATOM 375  H HD23 . LEU A 1 22 ? 8.918   6.671   -12.987 1.00 0.00 ? 557 LEU A HD23 1 
ATOM 376  N N    . PRO A 1 23 ? 4.213   6.797   -12.291 1.00 0.00 ? 558 PRO A N    1 
ATOM 377  C CA   . PRO A 1 23 ? 2.770   6.959   -11.942 1.00 0.00 ? 558 PRO A CA   1 
ATOM 378  C C    . PRO A 1 23 ? 2.360   6.071   -10.759 1.00 0.00 ? 558 PRO A C    1 
ATOM 379  O O    . PRO A 1 23 ? 2.923   5.013   -10.550 1.00 0.00 ? 558 PRO A O    1 
ATOM 380  C CB   . PRO A 1 23 ? 2.015   6.537   -13.209 1.00 0.00 ? 558 PRO A CB   1 
ATOM 381  C CG   . PRO A 1 23 ? 3.034   6.474   -14.301 1.00 0.00 ? 558 PRO A CG   1 
ATOM 382  C CD   . PRO A 1 23 ? 4.381   6.219   -13.633 1.00 0.00 ? 558 PRO A CD   1 
ATOM 383  H HA   . PRO A 1 23 ? 2.560   7.992   -11.729 1.00 0.00 ? 558 PRO A HA   1 
ATOM 384  H HB2  . PRO A 1 23 ? 1.562   5.567   -13.063 1.00 0.00 ? 558 PRO A HB2  1 
ATOM 385  H HB3  . PRO A 1 23 ? 1.260   7.268   -13.452 1.00 0.00 ? 558 PRO A HB3  1 
ATOM 386  H HG2  . PRO A 1 23 ? 2.795   5.668   -14.982 1.00 0.00 ? 558 PRO A HG2  1 
ATOM 387  H HG3  . PRO A 1 23 ? 3.065   7.412   -14.833 1.00 0.00 ? 558 PRO A HG3  1 
ATOM 388  H HD2  . PRO A 1 23 ? 4.575   5.157   -13.574 1.00 0.00 ? 558 PRO A HD2  1 
ATOM 389  H HD3  . PRO A 1 23 ? 5.168   6.724   -14.167 1.00 0.00 ? 558 PRO A HD3  1 
ATOM 390  N N    . PRO A 1 24 ? 1.392   6.495   -9.985  1.00 0.00 ? 559 PRO A N    1 
ATOM 391  C CA   . PRO A 1 24 ? 0.916   5.722   -8.801  1.00 0.00 ? 559 PRO A CA   1 
ATOM 392  C C    . PRO A 1 24 ? 0.284   4.384   -9.188  1.00 0.00 ? 559 PRO A C    1 
ATOM 393  O O    . PRO A 1 24 ? 0.542   3.366   -8.577  1.00 0.00 ? 559 PRO A O    1 
ATOM 394  C CB   . PRO A 1 24 ? -0.127  6.634   -8.147  1.00 0.00 ? 559 PRO A CB   1 
ATOM 395  C CG   . PRO A 1 24 ? -0.544  7.599   -9.207  1.00 0.00 ? 559 PRO A CG   1 
ATOM 396  C CD   . PRO A 1 24 ? 0.645   7.751   -10.154 1.00 0.00 ? 559 PRO A CD   1 
ATOM 397  H HA   . PRO A 1 24 ? 1.727   5.560   -8.117  1.00 0.00 ? 559 PRO A HA   1 
ATOM 398  H HB2  . PRO A 1 24 ? -0.975  6.051   -7.815  1.00 0.00 ? 559 PRO A HB2  1 
ATOM 399  H HB3  . PRO A 1 24 ? 0.309   7.167   -7.316  1.00 0.00 ? 559 PRO A HB3  1 
ATOM 400  H HG2  . PRO A 1 24 ? -1.401  7.210   -9.742  1.00 0.00 ? 559 PRO A HG2  1 
ATOM 401  H HG3  . PRO A 1 24 ? -0.782  8.554   -8.767  1.00 0.00 ? 559 PRO A HG3  1 
ATOM 402  H HD2  . PRO A 1 24 ? 0.303   7.859   -11.175 1.00 0.00 ? 559 PRO A HD2  1 
ATOM 403  H HD3  . PRO A 1 24 ? 1.256   8.590   -9.864  1.00 0.00 ? 559 PRO A HD3  1 
ATOM 404  N N    . TYR A 1 25 ? -0.536  4.375   -10.198 1.00 0.00 ? 560 TYR A N    1 
ATOM 405  C CA   . TYR A 1 25 ? -1.175  3.099   -10.619 1.00 0.00 ? 560 TYR A CA   1 
ATOM 406  C C    . TYR A 1 25 ? -0.099  2.136   -11.114 1.00 0.00 ? 560 TYR A C    1 
ATOM 407  O O    . TYR A 1 25 ? -0.246  0.933   -11.046 1.00 0.00 ? 560 TYR A O    1 
ATOM 408  C CB   . TYR A 1 25 ? -2.177  3.366   -11.745 1.00 0.00 ? 560 TYR A CB   1 
ATOM 409  C CG   . TYR A 1 25 ? -1.436  3.735   -13.008 1.00 0.00 ? 560 TYR A CG   1 
ATOM 410  C CD1  . TYR A 1 25 ? -0.949  2.732   -13.855 1.00 0.00 ? 560 TYR A CD1  1 
ATOM 411  C CD2  . TYR A 1 25 ? -1.245  5.083   -13.339 1.00 0.00 ? 560 TYR A CD2  1 
ATOM 412  C CE1  . TYR A 1 25 ? -0.270  3.075   -15.030 1.00 0.00 ? 560 TYR A CE1  1 
ATOM 413  C CE2  . TYR A 1 25 ? -0.564  5.425   -14.514 1.00 0.00 ? 560 TYR A CE2  1 
ATOM 414  C CZ   . TYR A 1 25 ? -0.077  4.421   -15.359 1.00 0.00 ? 560 TYR A CZ   1 
ATOM 415  O OH   . TYR A 1 25 ? 0.592   4.760   -16.518 1.00 0.00 ? 560 TYR A OH   1 
ATOM 416  H H    . TYR A 1 25 ? -0.729  5.206   -10.679 1.00 0.00 ? 560 TYR A H    1 
ATOM 417  H HA   . TYR A 1 25 ? -1.688  2.659   -9.778  1.00 0.00 ? 560 TYR A HA   1 
ATOM 418  H HB2  . TYR A 1 25 ? -2.767  2.478   -11.920 1.00 0.00 ? 560 TYR A HB2  1 
ATOM 419  H HB3  . TYR A 1 25 ? -2.829  4.179   -11.460 1.00 0.00 ? 560 TYR A HB3  1 
ATOM 420  H HD1  . TYR A 1 25 ? -1.094  1.693   -13.601 1.00 0.00 ? 560 TYR A HD1  1 
ATOM 421  H HD2  . TYR A 1 25 ? -1.620  5.856   -12.687 1.00 0.00 ? 560 TYR A HD2  1 
ATOM 422  H HE1  . TYR A 1 25 ? 0.105   2.300   -15.683 1.00 0.00 ? 560 TYR A HE1  1 
ATOM 423  H HE2  . TYR A 1 25 ? -0.417  6.464   -14.769 1.00 0.00 ? 560 TYR A HE2  1 
ATOM 424  H HH   . TYR A 1 25 ? 0.533   5.712   -16.628 1.00 0.00 ? 560 TYR A HH   1 
ATOM 425  N N    . THR A 1 26 ? 0.984   2.659   -11.611 1.00 0.00 ? 561 THR A N    1 
ATOM 426  C CA   . THR A 1 26 ? 2.078   1.781   -12.109 1.00 0.00 ? 561 THR A CA   1 
ATOM 427  C C    . THR A 1 26 ? 2.709   1.042   -10.931 1.00 0.00 ? 561 THR A C    1 
ATOM 428  O O    . THR A 1 26 ? 3.175   -0.073  -11.059 1.00 0.00 ? 561 THR A O    1 
ATOM 429  C CB   . THR A 1 26 ? 3.135   2.635   -12.811 1.00 0.00 ? 561 THR A CB   1 
ATOM 430  O OG1  . THR A 1 26 ? 2.513   3.402   -13.833 1.00 0.00 ? 561 THR A OG1  1 
ATOM 431  C CG2  . THR A 1 26 ? 4.201   1.729   -13.427 1.00 0.00 ? 561 THR A CG2  1 
ATOM 432  H H    . THR A 1 26 ? 1.082   3.633   -11.648 1.00 0.00 ? 561 THR A H    1 
ATOM 433  H HA   . THR A 1 26 ? 1.673   1.065   -12.808 1.00 0.00 ? 561 THR A HA   1 
ATOM 434  H HB   . THR A 1 26 ? 3.599   3.296   -12.095 1.00 0.00 ? 561 THR A HB   1 
ATOM 435  H HG1  . THR A 1 26 ? 1.588   3.142   -13.878 1.00 0.00 ? 561 THR A HG1  1 
ATOM 436  H HG21 . THR A 1 26 ? 4.896   2.327   -13.998 1.00 0.00 ? 561 THR A HG21 1 
ATOM 437  H HG22 . THR A 1 26 ? 3.729   1.007   -14.078 1.00 0.00 ? 561 THR A HG22 1 
ATOM 438  H HG23 . THR A 1 26 ? 4.732   1.211   -12.641 1.00 0.00 ? 561 THR A HG23 1 
ATOM 439  N N    . ILE A 1 27 ? 2.732   1.661   -9.784  1.00 0.00 ? 562 ILE A N    1 
ATOM 440  C CA   . ILE A 1 27 ? 3.335   1.013   -8.593  1.00 0.00 ? 562 ILE A CA   1 
ATOM 441  C C    . ILE A 1 27 ? 2.646   -0.326  -8.332  1.00 0.00 ? 562 ILE A C    1 
ATOM 442  O O    . ILE A 1 27 ? 3.278   -1.301  -7.977  1.00 0.00 ? 562 ILE A O    1 
ATOM 443  C CB   . ILE A 1 27 ? 3.130   1.925   -7.387  1.00 0.00 ? 562 ILE A CB   1 
ATOM 444  C CG1  . ILE A 1 27 ? 3.727   3.299   -7.676  1.00 0.00 ? 562 ILE A CG1  1 
ATOM 445  C CG2  . ILE A 1 27 ? 3.836   1.330   -6.180  1.00 0.00 ? 562 ILE A CG2  1 
ATOM 446  C CD1  . ILE A 1 27 ? 3.347   4.265   -6.552  1.00 0.00 ? 562 ILE A CD1  1 
ATOM 447  H H    . ILE A 1 27 ? 2.354   2.559   -9.705  1.00 0.00 ? 562 ILE A H    1 
ATOM 448  H HA   . ILE A 1 27 ? 4.389   0.856   -8.756  1.00 0.00 ? 562 ILE A HA   1 
ATOM 449  H HB   . ILE A 1 27 ? 2.075   2.022   -7.178  1.00 0.00 ? 562 ILE A HB   1 
ATOM 450  H HG12 . ILE A 1 27 ? 4.802   3.220   -7.738  1.00 0.00 ? 562 ILE A HG12 1 
ATOM 451  H HG13 . ILE A 1 27 ? 3.341   3.666   -8.608  1.00 0.00 ? 562 ILE A HG13 1 
ATOM 452  H HG21 . ILE A 1 27 ? 3.144   1.263   -5.357  1.00 0.00 ? 562 ILE A HG21 1 
ATOM 453  H HG22 . ILE A 1 27 ? 4.663   1.966   -5.910  1.00 0.00 ? 562 ILE A HG22 1 
ATOM 454  H HG23 . ILE A 1 27 ? 4.202   0.346   -6.430  1.00 0.00 ? 562 ILE A HG23 1 
ATOM 455  H HD11 . ILE A 1 27 ? 3.882   3.999   -5.652  1.00 0.00 ? 562 ILE A HD11 1 
ATOM 456  H HD12 . ILE A 1 27 ? 2.284   4.201   -6.369  1.00 0.00 ? 562 ILE A HD12 1 
ATOM 457  H HD13 . ILE A 1 27 ? 3.604   5.273   -6.840  1.00 0.00 ? 562 ILE A HD13 1 
ATOM 458  N N    . PHE A 1 28 ? 1.354   -0.372  -8.496  1.00 0.00 ? 563 PHE A N    1 
ATOM 459  C CA   . PHE A 1 28 ? 0.607   -1.638  -8.249  1.00 0.00 ? 563 PHE A CA   1 
ATOM 460  C C    . PHE A 1 28 ? -0.137  -2.055  -9.518  1.00 0.00 ? 563 PHE A C    1 
ATOM 461  O O    . PHE A 1 28 ? -0.458  -1.239  -10.356 1.00 0.00 ? 563 PHE A O    1 
ATOM 462  C CB   . PHE A 1 28 ? -0.403  -1.407  -7.125  1.00 0.00 ? 563 PHE A CB   1 
ATOM 463  C CG   . PHE A 1 28 ? 0.326   -0.997  -5.868  1.00 0.00 ? 563 PHE A CG   1 
ATOM 464  C CD1  . PHE A 1 28 ? 1.152   -1.913  -5.205  1.00 0.00 ? 563 PHE A CD1  1 
ATOM 465  C CD2  . PHE A 1 28 ? 0.180   0.302   -5.367  1.00 0.00 ? 563 PHE A CD2  1 
ATOM 466  C CE1  . PHE A 1 28 ? 1.832   -1.530  -4.041  1.00 0.00 ? 563 PHE A CE1  1 
ATOM 467  C CE2  . PHE A 1 28 ? 0.859   0.685   -4.204  1.00 0.00 ? 563 PHE A CE2  1 
ATOM 468  C CZ   . PHE A 1 28 ? 1.684   -0.230  -3.541  1.00 0.00 ? 563 PHE A CZ   1 
ATOM 469  H H    . PHE A 1 28 ? 0.870   0.432   -8.775  1.00 0.00 ? 563 PHE A H    1 
ATOM 470  H HA   . PHE A 1 28 ? 1.295   -2.418  -7.960  1.00 0.00 ? 563 PHE A HA   1 
ATOM 471  H HB2  . PHE A 1 28 ? -1.086  -0.621  -7.417  1.00 0.00 ? 563 PHE A HB2  1 
ATOM 472  H HB3  . PHE A 1 28 ? -0.955  -2.317  -6.943  1.00 0.00 ? 563 PHE A HB3  1 
ATOM 473  H HD1  . PHE A 1 28 ? 1.265   -2.915  -5.592  1.00 0.00 ? 563 PHE A HD1  1 
ATOM 474  H HD2  . PHE A 1 28 ? -0.457  1.009   -5.878  1.00 0.00 ? 563 PHE A HD2  1 
ATOM 475  H HE1  . PHE A 1 28 ? 2.470   -2.237  -3.531  1.00 0.00 ? 563 PHE A HE1  1 
ATOM 476  H HE2  . PHE A 1 28 ? 0.746   1.687   -3.818  1.00 0.00 ? 563 PHE A HE2  1 
ATOM 477  H HZ   . PHE A 1 28 ? 2.207   0.067   -2.641  1.00 0.00 ? 563 PHE A HZ   1 
ATOM 478  N N    . HIS A 1 29 ? -0.423  -3.320  -9.665  1.00 0.00 ? 564 HIS A N    1 
ATOM 479  C CA   . HIS A 1 29 ? -1.156  -3.773  -10.881 1.00 0.00 ? 564 HIS A CA   1 
ATOM 480  C C    . HIS A 1 29 ? -2.649  -3.490  -10.700 1.00 0.00 ? 564 HIS A C    1 
ATOM 481  O O    . HIS A 1 29 ? -3.150  -3.444  -9.595  1.00 0.00 ? 564 HIS A O    1 
ATOM 482  C CB   . HIS A 1 29 ? -0.941  -5.271  -11.095 1.00 0.00 ? 564 HIS A CB   1 
ATOM 483  C CG   . HIS A 1 29 ? -1.640  -5.689  -12.358 1.00 0.00 ? 564 HIS A CG   1 
ATOM 484  N ND1  . HIS A 1 29 ? -2.817  -6.422  -12.346 1.00 0.00 ? 564 HIS A ND1  1 
ATOM 485  C CD2  . HIS A 1 29 ? -1.348  -5.471  -13.682 1.00 0.00 ? 564 HIS A CD2  1 
ATOM 486  C CE1  . HIS A 1 29 ? -3.188  -6.616  -13.627 1.00 0.00 ? 564 HIS A CE1  1 
ATOM 487  N NE2  . HIS A 1 29 ? -2.326  -6.057  -14.475 1.00 0.00 ? 564 HIS A NE2  1 
ATOM 488  H H    . HIS A 1 29 ? -0.163  -3.966  -8.976  1.00 0.00 ? 564 HIS A H    1 
ATOM 489  H HA   . HIS A 1 29 ? -0.792  -3.231  -11.741 1.00 0.00 ? 564 HIS A HA   1 
ATOM 490  H HB2  . HIS A 1 29 ? 0.115   -5.476  -11.179 1.00 0.00 ? 564 HIS A HB2  1 
ATOM 491  H HB3  . HIS A 1 29 ? -1.351  -5.819  -10.259 1.00 0.00 ? 564 HIS A HB3  1 
ATOM 492  H HD1  . HIS A 1 29 ? -3.293  -6.740  -11.550 1.00 0.00 ? 564 HIS A HD1  1 
ATOM 493  H HD2  . HIS A 1 29 ? -0.494  -4.921  -14.048 1.00 0.00 ? 564 HIS A HD2  1 
ATOM 494  H HE1  . HIS A 1 29 ? -4.074  -7.154  -13.928 1.00 0.00 ? 564 HIS A HE1  1 
ATOM 495  H HE2  . HIS A 1 29 ? -2.372  -6.058  -15.455 1.00 0.00 ? 564 HIS A HE2  1 
ATOM 496  N N    . ASP A 1 30 ? -3.360  -3.286  -11.774 1.00 0.00 ? 565 ASP A N    1 
ATOM 497  C CA   . ASP A 1 30 ? -4.814  -2.990  -11.653 1.00 0.00 ? 565 ASP A CA   1 
ATOM 498  C C    . ASP A 1 30 ? -5.520  -4.112  -10.887 1.00 0.00 ? 565 ASP A C    1 
ATOM 499  O O    . ASP A 1 30 ? -6.318  -3.863  -10.006 1.00 0.00 ? 565 ASP A O    1 
ATOM 500  C CB   . ASP A 1 30 ? -5.423  -2.871  -13.051 1.00 0.00 ? 565 ASP A CB   1 
ATOM 501  C CG   . ASP A 1 30 ? -4.864  -1.631  -13.749 1.00 0.00 ? 565 ASP A CG   1 
ATOM 502  O OD1  . ASP A 1 30 ? -4.247  -0.823  -13.074 1.00 0.00 ? 565 ASP A OD1  1 
ATOM 503  O OD2  . ASP A 1 30 ? -5.064  -1.507  -14.947 1.00 0.00 ? 565 ASP A OD2  1 
ATOM 504  H H    . ASP A 1 30 ? -2.936  -3.317  -12.657 1.00 0.00 ? 565 ASP A H    1 
ATOM 505  H HA   . ASP A 1 30 ? -4.945  -2.058  -11.127 1.00 0.00 ? 565 ASP A HA   1 
ATOM 506  H HB2  . ASP A 1 30 ? -5.176  -3.752  -13.628 1.00 0.00 ? 565 ASP A HB2  1 
ATOM 507  H HB3  . ASP A 1 30 ? -6.497  -2.784  -12.970 1.00 0.00 ? 565 ASP A HB3  1 
ATOM 508  N N    . ALA A 1 31 ? -5.237  -5.346  -11.208 1.00 0.00 ? 566 ALA A N    1 
ATOM 509  C CA   . ALA A 1 31 ? -5.903  -6.467  -10.485 1.00 0.00 ? 566 ALA A CA   1 
ATOM 510  C C    . ALA A 1 31 ? -5.365  -6.548  -9.057  1.00 0.00 ? 566 ALA A C    1 
ATOM 511  O O    . ALA A 1 31 ? -6.105  -6.740  -8.113  1.00 0.00 ? 566 ALA A O    1 
ATOM 512  C CB   . ALA A 1 31 ? -5.628  -7.786  -11.211 1.00 0.00 ? 566 ALA A CB   1 
ATOM 513  H H    . ALA A 1 31 ? -4.590  -5.533  -11.919 1.00 0.00 ? 566 ALA A H    1 
ATOM 514  H HA   . ALA A 1 31 ? -6.965  -6.290  -10.455 1.00 0.00 ? 566 ALA A HA   1 
ATOM 515  H HB1  . ALA A 1 31 ? -5.487  -8.573  -10.484 1.00 0.00 ? 566 ALA A HB1  1 
ATOM 516  H HB2  . ALA A 1 31 ? -4.737  -7.688  -11.812 1.00 0.00 ? 566 ALA A HB2  1 
ATOM 517  H HB3  . ALA A 1 31 ? -6.466  -8.029  -11.847 1.00 0.00 ? 566 ALA A HB3  1 
ATOM 518  N N    . THR A 1 32 ? -4.082  -6.408  -8.897  1.00 0.00 ? 567 THR A N    1 
ATOM 519  C CA   . THR A 1 32 ? -3.485  -6.478  -7.541  1.00 0.00 ? 567 THR A CA   1 
ATOM 520  C C    . THR A 1 32 ? -4.043  -5.356  -6.666  1.00 0.00 ? 567 THR A C    1 
ATOM 521  O O    . THR A 1 32 ? -4.319  -5.544  -5.498  1.00 0.00 ? 567 THR A O    1 
ATOM 522  C CB   . THR A 1 32 ? -1.970  -6.329  -7.658  1.00 0.00 ? 567 THR A CB   1 
ATOM 523  O OG1  . THR A 1 32 ? -1.463  -7.328  -8.532  1.00 0.00 ? 567 THR A OG1  1 
ATOM 524  C CG2  . THR A 1 32 ? -1.338  -6.482  -6.281  1.00 0.00 ? 567 THR A CG2  1 
ATOM 525  H H    . THR A 1 32 ? -3.507  -6.257  -9.671  1.00 0.00 ? 567 THR A H    1 
ATOM 526  H HA   . THR A 1 32 ? -3.719  -7.430  -7.094  1.00 0.00 ? 567 THR A HA   1 
ATOM 527  H HB   . THR A 1 32 ? -1.732  -5.352  -8.051  1.00 0.00 ? 567 THR A HB   1 
ATOM 528  H HG1  . THR A 1 32 ? -0.584  -7.060  -8.812  1.00 0.00 ? 567 THR A HG1  1 
ATOM 529  H HG21 . THR A 1 32 ? -0.264  -6.489  -6.377  1.00 0.00 ? 567 THR A HG21 1 
ATOM 530  H HG22 . THR A 1 32 ? -1.669  -7.410  -5.839  1.00 0.00 ? 567 THR A HG22 1 
ATOM 531  H HG23 . THR A 1 32 ? -1.640  -5.657  -5.656  1.00 0.00 ? 567 THR A HG23 1 
ATOM 532  N N    . LEU A 1 33 ? -4.205  -4.189  -7.220  1.00 0.00 ? 568 LEU A N    1 
ATOM 533  C CA   . LEU A 1 33 ? -4.736  -3.052  -6.423  1.00 0.00 ? 568 LEU A CA   1 
ATOM 534  C C    . LEU A 1 33 ? -6.104  -3.415  -5.845  1.00 0.00 ? 568 LEU A C    1 
ATOM 535  O O    . LEU A 1 33 ? -6.411  -3.104  -4.713  1.00 0.00 ? 568 LEU A O    1 
ATOM 536  C CB   . LEU A 1 33 ? -4.862  -1.829  -7.334  1.00 0.00 ? 568 LEU A CB   1 
ATOM 537  C CG   . LEU A 1 33 ? -5.254  -0.603  -6.509  1.00 0.00 ? 568 LEU A CG   1 
ATOM 538  C CD1  . LEU A 1 33 ? -4.523  0.623   -7.055  1.00 0.00 ? 568 LEU A CD1  1 
ATOM 539  C CD2  . LEU A 1 33 ? -6.764  -0.378  -6.615  1.00 0.00 ? 568 LEU A CD2  1 
ATOM 540  H H    . LEU A 1 33 ? -3.973  -4.058  -8.160  1.00 0.00 ? 568 LEU A H    1 
ATOM 541  H HA   . LEU A 1 33 ? -4.055  -2.832  -5.619  1.00 0.00 ? 568 LEU A HA   1 
ATOM 542  H HB2  . LEU A 1 33 ? -3.913  -1.647  -7.818  1.00 0.00 ? 568 LEU A HB2  1 
ATOM 543  H HB3  . LEU A 1 33 ? -5.616  -2.014  -8.083  1.00 0.00 ? 568 LEU A HB3  1 
ATOM 544  H HG   . LEU A 1 33 ? -4.980  -0.757  -5.475  1.00 0.00 ? 568 LEU A HG   1 
ATOM 545  H HD11 . LEU A 1 33 ? -5.066  1.516   -6.786  1.00 0.00 ? 568 LEU A HD11 1 
ATOM 546  H HD12 . LEU A 1 33 ? -4.454  0.551   -8.130  1.00 0.00 ? 568 LEU A HD12 1 
ATOM 547  H HD13 . LEU A 1 33 ? -3.529  0.665   -6.634  1.00 0.00 ? 568 LEU A HD13 1 
ATOM 548  H HD21 . LEU A 1 33 ? -6.980  0.202   -7.500  1.00 0.00 ? 568 LEU A HD21 1 
ATOM 549  H HD22 . LEU A 1 33 ? -7.111  0.155   -5.742  1.00 0.00 ? 568 LEU A HD22 1 
ATOM 550  H HD23 . LEU A 1 33 ? -7.269  -1.331  -6.679  1.00 0.00 ? 568 LEU A HD23 1 
ATOM 551  N N    . LYS A 1 34 ? -6.925  -4.072  -6.611  1.00 0.00 ? 569 LYS A N    1 
ATOM 552  C CA   . LYS A 1 34 ? -8.270  -4.457  -6.103  1.00 0.00 ? 569 LYS A CA   1 
ATOM 553  C C    . LYS A 1 34 ? -8.109  -5.432  -4.940  1.00 0.00 ? 569 LYS A C    1 
ATOM 554  O O    . LYS A 1 34 ? -8.828  -5.380  -3.962  1.00 0.00 ? 569 LYS A O    1 
ATOM 555  C CB   . LYS A 1 34 ? -9.054  -5.132  -7.225  1.00 0.00 ? 569 LYS A CB   1 
ATOM 556  C CG   . LYS A 1 34 ? -9.227  -4.149  -8.380  1.00 0.00 ? 569 LYS A CG   1 
ATOM 557  C CD   . LYS A 1 34 ? -10.113 -4.776  -9.458  1.00 0.00 ? 569 LYS A CD   1 
ATOM 558  C CE   . LYS A 1 34 ? -10.180 -3.843  -10.669 1.00 0.00 ? 569 LYS A CE   1 
ATOM 559  N NZ   . LYS A 1 34 ? -10.609 -4.616  -11.870 1.00 0.00 ? 569 LYS A NZ   1 
ATOM 560  H H    . LYS A 1 34 ? -6.659  -4.316  -7.522  1.00 0.00 ? 569 LYS A H    1 
ATOM 561  H HA   . LYS A 1 34 ? -8.798  -3.577  -5.770  1.00 0.00 ? 569 LYS A HA   1 
ATOM 562  H HB2  . LYS A 1 34 ? -8.512  -6.003  -7.568  1.00 0.00 ? 569 LYS A HB2  1 
ATOM 563  H HB3  . LYS A 1 34 ? -10.021 -5.431  -6.860  1.00 0.00 ? 569 LYS A HB3  1 
ATOM 564  H HG2  . LYS A 1 34 ? -9.687  -3.244  -8.012  1.00 0.00 ? 569 LYS A HG2  1 
ATOM 565  H HG3  . LYS A 1 34 ? -8.260  -3.918  -8.798  1.00 0.00 ? 569 LYS A HG3  1 
ATOM 566  H HD2  . LYS A 1 34 ? -9.697  -5.726  -9.758  1.00 0.00 ? 569 LYS A HD2  1 
ATOM 567  H HD3  . LYS A 1 34 ? -11.108 -4.925  -9.067  1.00 0.00 ? 569 LYS A HD3  1 
ATOM 568  H HE2  . LYS A 1 34 ? -10.891 -3.054  -10.477 1.00 0.00 ? 569 LYS A HE2  1 
ATOM 569  H HE3  . LYS A 1 34 ? -9.205  -3.414  -10.847 1.00 0.00 ? 569 LYS A HE3  1 
ATOM 570  H HZ1  . LYS A 1 34 ? -10.714 -5.619  -11.616 1.00 0.00 ? 569 LYS A HZ1  1 
ATOM 571  H HZ2  . LYS A 1 34 ? -9.892  -4.519  -12.618 1.00 0.00 ? 569 LYS A HZ2  1 
ATOM 572  H HZ3  . LYS A 1 34 ? -11.520 -4.250  -12.211 1.00 0.00 ? 569 LYS A HZ3  1 
ATOM 573  N N    . THR A 1 35 ? -7.165  -6.319  -5.046  1.00 0.00 ? 570 THR A N    1 
ATOM 574  C CA   . THR A 1 35 ? -6.932  -7.307  -3.966  1.00 0.00 ? 570 THR A CA   1 
ATOM 575  C C    . THR A 1 35 ? -6.566  -6.586  -2.670  1.00 0.00 ? 570 THR A C    1 
ATOM 576  O O    . THR A 1 35 ? -6.958  -6.986  -1.593  1.00 0.00 ? 570 THR A O    1 
ATOM 577  C CB   . THR A 1 35 ? -5.789  -8.224  -4.390  1.00 0.00 ? 570 THR A CB   1 
ATOM 578  O OG1  . THR A 1 35 ? -6.144  -8.897  -5.589  1.00 0.00 ? 570 THR A OG1  1 
ATOM 579  C CG2  . THR A 1 35 ? -5.516  -9.241  -3.289  1.00 0.00 ? 570 THR A CG2  1 
ATOM 580  H H    . THR A 1 35 ? -6.599  -6.339  -5.844  1.00 0.00 ? 570 THR A H    1 
ATOM 581  H HA   . THR A 1 35 ? -7.824  -7.890  -3.812  1.00 0.00 ? 570 THR A HA   1 
ATOM 582  H HB   . THR A 1 35 ? -4.903  -7.632  -4.560  1.00 0.00 ? 570 THR A HB   1 
ATOM 583  H HG1  . THR A 1 35 ? -5.825  -9.800  -5.528  1.00 0.00 ? 570 THR A HG1  1 
ATOM 584  H HG21 . THR A 1 35 ? -4.792  -9.962  -3.637  1.00 0.00 ? 570 THR A HG21 1 
ATOM 585  H HG22 . THR A 1 35 ? -6.434  -9.746  -3.032  1.00 0.00 ? 570 THR A HG22 1 
ATOM 586  H HG23 . THR A 1 35 ? -5.128  -8.730  -2.420  1.00 0.00 ? 570 THR A HG23 1 
ATOM 587  N N    . ILE A 1 36 ? -5.813  -5.530  -2.766  1.00 0.00 ? 571 ILE A N    1 
ATOM 588  C CA   . ILE A 1 36 ? -5.414  -4.787  -1.547  1.00 0.00 ? 571 ILE A CA   1 
ATOM 589  C C    . ILE A 1 36 ? -6.656  -4.248  -0.835  1.00 0.00 ? 571 ILE A C    1 
ATOM 590  O O    . ILE A 1 36 ? -6.757  -4.293  0.373   1.00 0.00 ? 571 ILE A O    1 
ATOM 591  C CB   . ILE A 1 36 ? -4.514  -3.623  -1.949  1.00 0.00 ? 571 ILE A CB   1 
ATOM 592  C CG1  . ILE A 1 36 ? -3.263  -4.160  -2.649  1.00 0.00 ? 571 ILE A CG1  1 
ATOM 593  C CG2  . ILE A 1 36 ? -4.108  -2.854  -0.701  1.00 0.00 ? 571 ILE A CG2  1 
ATOM 594  C CD1  . ILE A 1 36 ? -2.412  -2.991  -3.149  1.00 0.00 ? 571 ILE A CD1  1 
ATOM 595  H H    . ILE A 1 36 ? -5.504  -5.225  -3.642  1.00 0.00 ? 571 ILE A H    1 
ATOM 596  H HA   . ILE A 1 36 ? -4.875  -5.446  -0.884  1.00 0.00 ? 571 ILE A HA   1 
ATOM 597  H HB   . ILE A 1 36 ? -5.052  -2.967  -2.618  1.00 0.00 ? 571 ILE A HB   1 
ATOM 598  H HG12 . ILE A 1 36 ? -2.688  -4.752  -1.952  1.00 0.00 ? 571 ILE A HG12 1 
ATOM 599  H HG13 . ILE A 1 36 ? -3.556  -4.774  -3.486  1.00 0.00 ? 571 ILE A HG13 1 
ATOM 600  H HG21 . ILE A 1 36 ? -3.032  -2.798  -0.649  1.00 0.00 ? 571 ILE A HG21 1 
ATOM 601  H HG22 . ILE A 1 36 ? -4.486  -3.368  0.170   1.00 0.00 ? 571 ILE A HG22 1 
ATOM 602  H HG23 . ILE A 1 36 ? -4.521  -1.860  -0.743  1.00 0.00 ? 571 ILE A HG23 1 
ATOM 603  H HD11 . ILE A 1 36 ? -3.037  -2.120  -3.279  1.00 0.00 ? 571 ILE A HD11 1 
ATOM 604  H HD12 . ILE A 1 36 ? -1.961  -3.253  -4.094  1.00 0.00 ? 571 ILE A HD12 1 
ATOM 605  H HD13 . ILE A 1 36 ? -1.638  -2.775  -2.428  1.00 0.00 ? 571 ILE A HD13 1 
ATOM 606  N N    . ALA A 1 37 ? -7.600  -3.733  -1.571  1.00 0.00 ? 572 ALA A N    1 
ATOM 607  C CA   . ALA A 1 37 ? -8.830  -3.187  -0.929  1.00 0.00 ? 572 ALA A CA   1 
ATOM 608  C C    . ALA A 1 37 ? -9.597  -4.315  -0.238  1.00 0.00 ? 572 ALA A C    1 
ATOM 609  O O    . ALA A 1 37 ? -10.101 -4.158  0.857   1.00 0.00 ? 572 ALA A O    1 
ATOM 610  C CB   . ALA A 1 37 ? -9.720  -2.545  -1.996  1.00 0.00 ? 572 ALA A CB   1 
ATOM 611  H H    . ALA A 1 37 ? -7.498  -3.702  -2.545  1.00 0.00 ? 572 ALA A H    1 
ATOM 612  H HA   . ALA A 1 37 ? -8.552  -2.445  -0.199  1.00 0.00 ? 572 ALA A HA   1 
ATOM 613  H HB1  . ALA A 1 37 ? -10.757 -2.682  -1.728  1.00 0.00 ? 572 ALA A HB1  1 
ATOM 614  H HB2  . ALA A 1 37 ? -9.529  -3.011  -2.951  1.00 0.00 ? 572 ALA A HB2  1 
ATOM 615  H HB3  . ALA A 1 37 ? -9.501  -1.490  -2.060  1.00 0.00 ? 572 ALA A HB3  1 
ATOM 616  N N    . GLU A 1 38 ? -9.692  -5.449  -0.872  1.00 0.00 ? 573 GLU A N    1 
ATOM 617  C CA   . GLU A 1 38 ? -10.428 -6.590  -0.262  1.00 0.00 ? 573 GLU A CA   1 
ATOM 618  C C    . GLU A 1 38 ? -9.699  -7.067  0.995   1.00 0.00 ? 573 GLU A C    1 
ATOM 619  O O    . GLU A 1 38 ? -10.311 -7.434  1.979   1.00 0.00 ? 573 GLU A O    1 
ATOM 620  C CB   . GLU A 1 38 ? -10.502 -7.734  -1.273  1.00 0.00 ? 573 GLU A CB   1 
ATOM 621  C CG   . GLU A 1 38 ? -11.336 -7.299  -2.479  1.00 0.00 ? 573 GLU A CG   1 
ATOM 622  C CD   . GLU A 1 38 ? -11.464 -8.467  -3.460  1.00 0.00 ? 573 GLU A CD   1 
ATOM 623  O OE1  . GLU A 1 38 ? -10.786 -9.461  -3.258  1.00 0.00 ? 573 GLU A OE1  1 
ATOM 624  O OE2  . GLU A 1 38 ? -12.238 -8.347  -4.395  1.00 0.00 ? 573 GLU A OE2  1 
ATOM 625  H H    . GLU A 1 38 ? -9.280  -5.551  -1.753  1.00 0.00 ? 573 GLU A H    1 
ATOM 626  H HA   . GLU A 1 38 ? -11.426 -6.276  -0.002  1.00 0.00 ? 573 GLU A HA   1 
ATOM 627  H HB2  . GLU A 1 38 ? -9.504  -7.991  -1.599  1.00 0.00 ? 573 GLU A HB2  1 
ATOM 628  H HB3  . GLU A 1 38 ? -10.961 -8.592  -0.811  1.00 0.00 ? 573 GLU A HB3  1 
ATOM 629  H HG2  . GLU A 1 38 ? -12.320 -6.998  -2.145  1.00 0.00 ? 573 GLU A HG2  1 
ATOM 630  H HG3  . GLU A 1 38 ? -10.854 -6.470  -2.972  1.00 0.00 ? 573 GLU A HG3  1 
ATOM 631  N N    . LEU A 1 39 ? -8.397  -7.073  0.965   1.00 0.00 ? 574 LEU A N    1 
ATOM 632  C CA   . LEU A 1 39 ? -7.621  -7.533  2.149   1.00 0.00 ? 574 LEU A CA   1 
ATOM 633  C C    . LEU A 1 39 ? -7.164  -6.326  2.970   1.00 0.00 ? 574 LEU A C    1 
ATOM 634  O O    . LEU A 1 39 ? -6.776  -5.309  2.431   1.00 0.00 ? 574 LEU A O    1 
ATOM 635  C CB   . LEU A 1 39 ? -6.398  -8.316  1.669   1.00 0.00 ? 574 LEU A CB   1 
ATOM 636  C CG   . LEU A 1 39 ? -6.848  -9.477  0.781   1.00 0.00 ? 574 LEU A CG   1 
ATOM 637  C CD1  . LEU A 1 39 ? -5.629  -10.308 0.377   1.00 0.00 ? 574 LEU A CD1  1 
ATOM 638  C CD2  . LEU A 1 39 ? -7.828  -10.360 1.555   1.00 0.00 ? 574 LEU A CD2  1 
ATOM 639  H H    . LEU A 1 39 ? -7.928  -6.779  0.159   1.00 0.00 ? 574 LEU A H    1 
ATOM 640  H HA   . LEU A 1 39 ? -8.240  -8.170  2.759   1.00 0.00 ? 574 LEU A HA   1 
ATOM 641  H HB2  . LEU A 1 39 ? -5.754  -7.659  1.103   1.00 0.00 ? 574 LEU A HB2  1 
ATOM 642  H HB3  . LEU A 1 39 ? -5.860  -8.705  2.517   1.00 0.00 ? 574 LEU A HB3  1 
ATOM 643  H HG   . LEU A 1 39 ? -7.329  -9.088  -0.105  1.00 0.00 ? 574 LEU A HG   1 
ATOM 644  H HD11 . LEU A 1 39 ? -5.055  -9.770  -0.362  1.00 0.00 ? 574 LEU A HD11 1 
ATOM 645  H HD12 . LEU A 1 39 ? -5.956  -11.250 -0.037  1.00 0.00 ? 574 LEU A HD12 1 
ATOM 646  H HD13 . LEU A 1 39 ? -5.014  -10.492 1.247   1.00 0.00 ? 574 LEU A HD13 1 
ATOM 647  H HD21 . LEU A 1 39 ? -7.778  -11.371 1.178   1.00 0.00 ? 574 LEU A HD21 1 
ATOM 648  H HD22 . LEU A 1 39 ? -8.831  -9.979  1.431   1.00 0.00 ? 574 LEU A HD22 1 
ATOM 649  H HD23 . LEU A 1 39 ? -7.568  -10.353 2.603   1.00 0.00 ? 574 LEU A HD23 1 
ATOM 650  N N    . ARG A 1 40 ? -7.203  -6.426  4.271   1.00 0.00 ? 575 ARG A N    1 
ATOM 651  C CA   . ARG A 1 40 ? -6.766  -5.278  5.112   1.00 0.00 ? 575 ARG A CA   1 
ATOM 652  C C    . ARG A 1 40 ? -6.024  -5.785  6.353   1.00 0.00 ? 575 ARG A C    1 
ATOM 653  O O    . ARG A 1 40 ? -6.212  -5.282  7.442   1.00 0.00 ? 575 ARG A O    1 
ATOM 654  C CB   . ARG A 1 40 ? -7.989  -4.468  5.545   1.00 0.00 ? 575 ARG A CB   1 
ATOM 655  C CG   . ARG A 1 40 ? -9.021  -5.402  6.183   1.00 0.00 ? 575 ARG A CG   1 
ATOM 656  C CD   . ARG A 1 40 ? -9.835  -4.633  7.226   1.00 0.00 ? 575 ARG A CD   1 
ATOM 657  N NE   . ARG A 1 40 ? -9.227  -4.830  8.573   1.00 0.00 ? 575 ARG A NE   1 
ATOM 658  C CZ   . ARG A 1 40 ? -9.477  -5.920  9.247   1.00 0.00 ? 575 ARG A CZ   1 
ATOM 659  N NH1  . ARG A 1 40 ? -10.257 -6.835  8.741   1.00 0.00 ? 575 ARG A NH1  1 
ATOM 660  N NH2  . ARG A 1 40 ? -8.946  -6.093  10.426  1.00 0.00 ? 575 ARG A NH2  1 
ATOM 661  H H    . ARG A 1 40 ? -7.515  -7.252  4.692   1.00 0.00 ? 575 ARG A H    1 
ATOM 662  H HA   . ARG A 1 40 ? -6.107  -4.649  4.535   1.00 0.00 ? 575 ARG A HA   1 
ATOM 663  H HB2  . ARG A 1 40 ? -7.686  -3.719  6.262   1.00 0.00 ? 575 ARG A HB2  1 
ATOM 664  H HB3  . ARG A 1 40 ? -8.425  -3.987  4.684   1.00 0.00 ? 575 ARG A HB3  1 
ATOM 665  H HG2  . ARG A 1 40 ? -9.682  -5.781  5.418   1.00 0.00 ? 575 ARG A HG2  1 
ATOM 666  H HG3  . ARG A 1 40 ? -8.513  -6.225  6.661   1.00 0.00 ? 575 ARG A HG3  1 
ATOM 667  H HD2  . ARG A 1 40 ? -9.836  -3.581  6.982   1.00 0.00 ? 575 ARG A HD2  1 
ATOM 668  H HD3  . ARG A 1 40 ? -10.850 -5.002  7.233   1.00 0.00 ? 575 ARG A HD3  1 
ATOM 669  H HE   . ARG A 1 40 ? -8.642  -4.143  8.953   1.00 0.00 ? 575 ARG A HE   1 
ATOM 670  H HH11 . ARG A 1 40 ? -10.664 -6.703  7.838   1.00 0.00 ? 575 ARG A HH11 1 
ATOM 671  H HH12 . ARG A 1 40 ? -10.448 -7.671  9.257   1.00 0.00 ? 575 ARG A HH12 1 
ATOM 672  H HH21 . ARG A 1 40 ? -8.348  -5.392  10.814  1.00 0.00 ? 575 ARG A HH21 1 
ATOM 673  H HH22 . ARG A 1 40 ? -9.136  -6.928  10.943  1.00 0.00 ? 575 ARG A HH22 1 
ATOM 674  N N    . PRO A 1 41 ? -5.175  -6.763  6.186   1.00 0.00 ? 576 PRO A N    1 
ATOM 675  C CA   . PRO A 1 41 ? -4.378  -7.337  7.307   1.00 0.00 ? 576 PRO A CA   1 
ATOM 676  C C    . PRO A 1 41 ? -3.532  -6.263  7.995   1.00 0.00 ? 576 PRO A C    1 
ATOM 677  O O    . PRO A 1 41 ? -3.202  -6.363  9.159   1.00 0.00 ? 576 PRO A O    1 
ATOM 678  C CB   . PRO A 1 41 ? -3.478  -8.386  6.642   1.00 0.00 ? 576 PRO A CB   1 
ATOM 679  C CG   . PRO A 1 41 ? -3.548  -8.119  5.173   1.00 0.00 ? 576 PRO A CG   1 
ATOM 680  C CD   . PRO A 1 41 ? -4.885  -7.431  4.915   1.00 0.00 ? 576 PRO A CD   1 
ATOM 681  H HA   . PRO A 1 41 ? -5.028  -7.816  8.022   1.00 0.00 ? 576 PRO A HA   1 
ATOM 682  H HB2  . PRO A 1 41 ? -2.462  -8.282  6.996   1.00 0.00 ? 576 PRO A HB2  1 
ATOM 683  H HB3  . PRO A 1 41 ? -3.846  -9.379  6.853   1.00 0.00 ? 576 PRO A HB3  1 
ATOM 684  H HG2  . PRO A 1 41 ? -2.731  -7.473  4.877   1.00 0.00 ? 576 PRO A HG2  1 
ATOM 685  H HG3  . PRO A 1 41 ? -3.506  -9.046  4.625   1.00 0.00 ? 576 PRO A HG3  1 
ATOM 686  H HD2  . PRO A 1 41 ? -4.794  -6.712  4.113   1.00 0.00 ? 576 PRO A HD2  1 
ATOM 687  H HD3  . PRO A 1 41 ? -5.650  -8.158  4.697   1.00 0.00 ? 576 PRO A HD3  1 
ATOM 688  N N    . GLY A 1 42 ? -3.193  -5.228  7.277   1.00 0.00 ? 577 GLY A N    1 
ATOM 689  C CA   . GLY A 1 42 ? -2.383  -4.132  7.877   1.00 0.00 ? 577 GLY A CA   1 
ATOM 690  C C    . GLY A 1 42 ? -0.914  -4.276  7.472   1.00 0.00 ? 577 GLY A C    1 
ATOM 691  O O    . GLY A 1 42 ? -0.205  -3.298  7.341   1.00 0.00 ? 577 GLY A O    1 
ATOM 692  H H    . GLY A 1 42 ? -3.481  -5.167  6.342   1.00 0.00 ? 577 GLY A H    1 
ATOM 693  H HA2  . GLY A 1 42 ? -2.758  -3.181  7.531   1.00 0.00 ? 577 GLY A HA2  1 
ATOM 694  H HA3  . GLY A 1 42 ? -2.461  -4.179  8.950   1.00 0.00 ? 577 GLY A HA3  1 
ATOM 695  N N    . SER A 1 43 ? -0.450  -5.481  7.271   1.00 0.00 ? 578 SER A N    1 
ATOM 696  C CA   . SER A 1 43 ? 0.976   -5.678  6.881   1.00 0.00 ? 578 SER A CA   1 
ATOM 697  C C    . SER A 1 43 ? 1.062   -6.120  5.420   1.00 0.00 ? 578 SER A C    1 
ATOM 698  O O    . SER A 1 43 ? 0.310   -6.960  4.966   1.00 0.00 ? 578 SER A O    1 
ATOM 699  C CB   . SER A 1 43 ? 1.603   -6.749  7.772   1.00 0.00 ? 578 SER A CB   1 
ATOM 700  O OG   . SER A 1 43 ? 2.988   -6.859  7.472   1.00 0.00 ? 578 SER A OG   1 
ATOM 701  H H    . SER A 1 43 ? -1.035  -6.252  7.384   1.00 0.00 ? 578 SER A H    1 
ATOM 702  H HA   . SER A 1 43 ? 1.512   -4.754  7.004   1.00 0.00 ? 578 SER A HA   1 
ATOM 703  H HB2  . SER A 1 43 ? 1.485   -6.474  8.807   1.00 0.00 ? 578 SER A HB2  1 
ATOM 704  H HB3  . SER A 1 43 ? 1.110   -7.696  7.596   1.00 0.00 ? 578 SER A HB3  1 
ATOM 705  H HG   . SER A 1 43 ? 3.361   -5.973  7.467   1.00 0.00 ? 578 SER A HG   1 
ATOM 706  N N    . HIS A 1 44 ? 1.979   -5.556  4.679   1.00 0.00 ? 579 HIS A N    1 
ATOM 707  C CA   . HIS A 1 44 ? 2.125   -5.937  3.247   1.00 0.00 ? 579 HIS A CA   1 
ATOM 708  C C    . HIS A 1 44 ? 2.559   -7.400  3.140   1.00 0.00 ? 579 HIS A C    1 
ATOM 709  O O    . HIS A 1 44 ? 2.091   -8.134  2.297   1.00 0.00 ? 579 HIS A O    1 
ATOM 710  C CB   . HIS A 1 44 ? 3.177   -5.043  2.587   1.00 0.00 ? 579 HIS A CB   1 
ATOM 711  C CG   . HIS A 1 44 ? 2.687   -3.620  2.575   1.00 0.00 ? 579 HIS A CG   1 
ATOM 712  N ND1  . HIS A 1 44 ? 3.528   -2.550  2.301   1.00 0.00 ? 579 HIS A ND1  1 
ATOM 713  C CD2  . HIS A 1 44 ? 1.447   -3.074  2.801   1.00 0.00 ? 579 HIS A CD2  1 
ATOM 714  C CE1  . HIS A 1 44 ? 2.790   -1.427  2.368   1.00 0.00 ? 579 HIS A CE1  1 
ATOM 715  N NE2  . HIS A 1 44 ? 1.518   -1.692  2.669   1.00 0.00 ? 579 HIS A NE2  1 
ATOM 716  H H    . HIS A 1 44 ? 2.574   -4.883  5.068   1.00 0.00 ? 579 HIS A H    1 
ATOM 717  H HA   . HIS A 1 44 ? 1.180   -5.809  2.744   1.00 0.00 ? 579 HIS A HA   1 
ATOM 718  H HB2  . HIS A 1 44 ? 4.100   -5.101  3.144   1.00 0.00 ? 579 HIS A HB2  1 
ATOM 719  H HB3  . HIS A 1 44 ? 3.346   -5.373  1.573   1.00 0.00 ? 579 HIS A HB3  1 
ATOM 720  H HD1  . HIS A 1 44 ? 4.486   -2.604  2.096   1.00 0.00 ? 579 HIS A HD1  1 
ATOM 721  H HD2  . HIS A 1 44 ? 0.555   -3.632  3.045   1.00 0.00 ? 579 HIS A HD2  1 
ATOM 722  H HE1  . HIS A 1 44 ? 3.179   -0.434  2.198   1.00 0.00 ? 579 HIS A HE1  1 
ATOM 723  H HE2  . HIS A 1 44 ? 0.787   -1.048  2.775   1.00 0.00 ? 579 HIS A HE2  1 
ATOM 724  N N    . ALA A 1 45 ? 3.451   -7.831  3.987   1.00 0.00 ? 580 ALA A N    1 
ATOM 725  C CA   . ALA A 1 45 ? 3.907   -9.249  3.923   1.00 0.00 ? 580 ALA A CA   1 
ATOM 726  C C    . ALA A 1 45 ? 2.722   -10.172 4.206   1.00 0.00 ? 580 ALA A C    1 
ATOM 727  O O    . ALA A 1 45 ? 2.590   -11.231 3.625   1.00 0.00 ? 580 ALA A O    1 
ATOM 728  C CB   . ALA A 1 45 ? 4.998   -9.482  4.971   1.00 0.00 ? 580 ALA A CB   1 
ATOM 729  H H    . ALA A 1 45 ? 3.819   -7.225  4.662   1.00 0.00 ? 580 ALA A H    1 
ATOM 730  H HA   . ALA A 1 45 ? 4.299   -9.458  2.940   1.00 0.00 ? 580 ALA A HA   1 
ATOM 731  H HB1  . ALA A 1 45 ? 4.767   -8.918  5.862   1.00 0.00 ? 580 ALA A HB1  1 
ATOM 732  H HB2  . ALA A 1 45 ? 5.950   -9.160  4.577   1.00 0.00 ? 580 ALA A HB2  1 
ATOM 733  H HB3  . ALA A 1 45 ? 5.045   -10.534 5.212   1.00 0.00 ? 580 ALA A HB3  1 
ATOM 734  N N    . THR A 1 46 ? 1.856   -9.769  5.090   1.00 0.00 ? 581 THR A N    1 
ATOM 735  C CA   . THR A 1 46 ? 0.672   -10.597 5.418   1.00 0.00 ? 581 THR A CA   1 
ATOM 736  C C    . THR A 1 46 ? -0.289  -10.577 4.238   1.00 0.00 ? 581 THR A C    1 
ATOM 737  O O    . THR A 1 46 ? -1.017  -11.519 3.995   1.00 0.00 ? 581 THR A O    1 
ATOM 738  C CB   . THR A 1 46 ? -0.012  -10.027 6.659   1.00 0.00 ? 581 THR A CB   1 
ATOM 739  O OG1  . THR A 1 46 ? 0.918   -9.980  7.732   1.00 0.00 ? 581 THR A OG1  1 
ATOM 740  C CG2  . THR A 1 46 ? -1.189  -10.916 7.041   1.00 0.00 ? 581 THR A CG2  1 
ATOM 741  H H    . THR A 1 46 ? 1.980   -8.910  5.533   1.00 0.00 ? 581 THR A H    1 
ATOM 742  H HA   . THR A 1 46 ? 0.984   -11.611 5.606   1.00 0.00 ? 581 THR A HA   1 
ATOM 743  H HB   . THR A 1 46 ? -0.372  -9.032  6.448   1.00 0.00 ? 581 THR A HB   1 
ATOM 744  H HG1  . THR A 1 46 ? 0.548   -9.423  8.421   1.00 0.00 ? 581 THR A HG1  1 
ATOM 745  H HG21 . THR A 1 46 ? -1.954  -10.841 6.284   1.00 0.00 ? 581 THR A HG21 1 
ATOM 746  H HG22 . THR A 1 46 ? -1.588  -10.595 7.991   1.00 0.00 ? 581 THR A HG22 1 
ATOM 747  H HG23 . THR A 1 46 ? -0.854  -11.939 7.115   1.00 0.00 ? 581 THR A HG23 1 
ATOM 748  N N    . LEU A 1 47 ? -0.289  -9.509  3.496   1.00 0.00 ? 582 LEU A N    1 
ATOM 749  C CA   . LEU A 1 47 ? -1.192  -9.426  2.323   1.00 0.00 ? 582 LEU A CA   1 
ATOM 750  C C    . LEU A 1 47 ? -1.019  -10.696 1.499   1.00 0.00 ? 582 LEU A C    1 
ATOM 751  O O    . LEU A 1 47 ? -1.942  -11.175 0.871   1.00 0.00 ? 582 LEU A O    1 
ATOM 752  C CB   . LEU A 1 47 ? -0.811  -8.204  1.480   1.00 0.00 ? 582 LEU A CB   1 
ATOM 753  C CG   . LEU A 1 47 ? -1.789  -8.041  0.321   1.00 0.00 ? 582 LEU A CG   1 
ATOM 754  C CD1  . LEU A 1 47 ? -3.179  -7.713  0.865   1.00 0.00 ? 582 LEU A CD1  1 
ATOM 755  C CD2  . LEU A 1 47 ? -1.313  -6.898  -0.580  1.00 0.00 ? 582 LEU A CD2  1 
ATOM 756  H H    . LEU A 1 47 ? 0.311   -8.765  3.705   1.00 0.00 ? 582 LEU A H    1 
ATOM 757  H HA   . LEU A 1 47 ? -2.215  -9.338  2.655   1.00 0.00 ? 582 LEU A HA   1 
ATOM 758  H HB2  . LEU A 1 47 ? -0.835  -7.321  2.095   1.00 0.00 ? 582 LEU A HB2  1 
ATOM 759  H HB3  . LEU A 1 47 ? 0.185   -8.340  1.086   1.00 0.00 ? 582 LEU A HB3  1 
ATOM 760  H HG   . LEU A 1 47 ? -1.827  -8.956  -0.245  1.00 0.00 ? 582 LEU A HG   1 
ATOM 761  H HD11 . LEU A 1 47 ? -3.732  -7.152  0.127   1.00 0.00 ? 582 LEU A HD11 1 
ATOM 762  H HD12 . LEU A 1 47 ? -3.085  -7.127  1.768   1.00 0.00 ? 582 LEU A HD12 1 
ATOM 763  H HD13 . LEU A 1 47 ? -3.702  -8.631  1.085   1.00 0.00 ? 582 LEU A HD13 1 
ATOM 764  H HD21 . LEU A 1 47 ? -0.268  -7.036  -0.816  1.00 0.00 ? 582 LEU A HD21 1 
ATOM 765  H HD22 . LEU A 1 47 ? -1.446  -5.956  -0.068  1.00 0.00 ? 582 LEU A HD22 1 
ATOM 766  H HD23 . LEU A 1 47 ? -1.891  -6.897  -1.494  1.00 0.00 ? 582 LEU A HD23 1 
ATOM 767  N N    . GLY A 1 48 ? 0.168   -11.239 1.489   1.00 0.00 ? 583 GLY A N    1 
ATOM 768  C CA   . GLY A 1 48 ? 0.409   -12.472 0.698   1.00 0.00 ? 583 GLY A CA   1 
ATOM 769  C C    . GLY A 1 48 ? 0.406   -12.083 -0.770  1.00 0.00 ? 583 GLY A C    1 
ATOM 770  O O    . GLY A 1 48 ? 0.227   -12.902 -1.650  1.00 0.00 ? 583 GLY A O    1 
ATOM 771  H H    . GLY A 1 48 ? 0.899   -10.831 1.998   1.00 0.00 ? 583 GLY A H    1 
ATOM 772  H HA2  . GLY A 1 48 ? 1.367   -12.897 0.966   1.00 0.00 ? 583 GLY A HA2  1 
ATOM 773  H HA3  . GLY A 1 48 ? -0.375  -13.189 0.882   1.00 0.00 ? 583 GLY A HA3  1 
ATOM 774  N N    . THR A 1 49 ? 0.590   -10.821 -1.034  1.00 0.00 ? 584 THR A N    1 
ATOM 775  C CA   . THR A 1 49 ? 0.586   -10.348 -2.446  1.00 0.00 ? 584 THR A CA   1 
ATOM 776  C C    . THR A 1 49 ? 1.717   -9.345  -2.666  1.00 0.00 ? 584 THR A C    1 
ATOM 777  O O    . THR A 1 49 ? 1.562   -8.372  -3.379  1.00 0.00 ? 584 THR A O    1 
ATOM 778  C CB   . THR A 1 49 ? -0.755  -9.678  -2.752  1.00 0.00 ? 584 THR A CB   1 
ATOM 779  O OG1  . THR A 1 49 ? -1.799  -10.397 -2.111  1.00 0.00 ? 584 THR A OG1  1 
ATOM 780  C CG2  . THR A 1 49 ? -0.990  -9.670  -4.264  1.00 0.00 ? 584 THR A CG2  1 
ATOM 781  H H    . THR A 1 49 ? 0.724   -10.182 -0.295  1.00 0.00 ? 584 THR A H    1 
ATOM 782  H HA   . THR A 1 49 ? 0.723   -11.191 -3.103  1.00 0.00 ? 584 THR A HA   1 
ATOM 783  H HB   . THR A 1 49 ? -0.742  -8.662  -2.390  1.00 0.00 ? 584 THR A HB   1 
ATOM 784  H HG1  . THR A 1 49 ? -1.505  -10.621 -1.225  1.00 0.00 ? 584 THR A HG1  1 
ATOM 785  H HG21 . THR A 1 49 ? -0.964  -10.683 -4.637  1.00 0.00 ? 584 THR A HG21 1 
ATOM 786  H HG22 . THR A 1 49 ? -0.218  -9.089  -4.745  1.00 0.00 ? 584 THR A HG22 1 
ATOM 787  H HG23 . THR A 1 49 ? -1.955  -9.234  -4.476  1.00 0.00 ? 584 THR A HG23 1 
ATOM 788  N N    . VAL A 1 50 ? 2.853   -9.565  -2.067  1.00 0.00 ? 585 VAL A N    1 
ATOM 789  C CA   . VAL A 1 50 ? 3.980   -8.613  -2.258  1.00 0.00 ? 585 VAL A CA   1 
ATOM 790  C C    . VAL A 1 50 ? 4.926   -9.159  -3.329  1.00 0.00 ? 585 VAL A C    1 
ATOM 791  O O    . VAL A 1 50 ? 5.400   -10.275 -3.242  1.00 0.00 ? 585 VAL A O    1 
ATOM 792  C CB   . VAL A 1 50 ? 4.741   -8.457  -0.942  1.00 0.00 ? 585 VAL A CB   1 
ATOM 793  C CG1  . VAL A 1 50 ? 5.782   -7.345  -1.079  1.00 0.00 ? 585 VAL A CG1  1 
ATOM 794  C CG2  . VAL A 1 50 ? 3.758   -8.103  0.175   1.00 0.00 ? 585 VAL A CG2  1 
ATOM 795  H H    . VAL A 1 50 ? 2.965   -10.351 -1.495  1.00 0.00 ? 585 VAL A H    1 
ATOM 796  H HA   . VAL A 1 50 ? 3.592   -7.656  -2.568  1.00 0.00 ? 585 VAL A HA   1 
ATOM 797  H HB   . VAL A 1 50 ? 5.239   -9.386  -0.704  1.00 0.00 ? 585 VAL A HB   1 
ATOM 798  H HG11 . VAL A 1 50 ? 5.285   -6.386  -1.085  1.00 0.00 ? 585 VAL A HG11 1 
ATOM 799  H HG12 . VAL A 1 50 ? 6.326   -7.474  -2.003  1.00 0.00 ? 585 VAL A HG12 1 
ATOM 800  H HG13 . VAL A 1 50 ? 6.468   -7.390  -0.247  1.00 0.00 ? 585 VAL A HG13 1 
ATOM 801  H HG21 . VAL A 1 50 ? 3.531   -8.992  0.746   1.00 0.00 ? 585 VAL A HG21 1 
ATOM 802  H HG22 . VAL A 1 50 ? 2.849   -7.710  -0.256  1.00 0.00 ? 585 VAL A HG22 1 
ATOM 803  H HG23 . VAL A 1 50 ? 4.200   -7.361  0.823   1.00 0.00 ? 585 VAL A HG23 1 
ATOM 804  N N    . SER A 1 51 ? 5.209   -8.381  -4.338  1.00 0.00 ? 586 SER A N    1 
ATOM 805  C CA   . SER A 1 51 ? 6.127   -8.855  -5.410  1.00 0.00 ? 586 SER A CA   1 
ATOM 806  C C    . SER A 1 51 ? 6.691   -7.653  -6.169  1.00 0.00 ? 586 SER A C    1 
ATOM 807  O O    . SER A 1 51 ? 6.020   -6.659  -6.361  1.00 0.00 ? 586 SER A O    1 
ATOM 808  C CB   . SER A 1 51 ? 5.362   -9.755  -6.381  1.00 0.00 ? 586 SER A CB   1 
ATOM 809  O OG   . SER A 1 51 ? 6.277   -10.336 -7.300  1.00 0.00 ? 586 SER A OG   1 
ATOM 810  H H    . SER A 1 51 ? 4.819   -7.484  -4.389  1.00 0.00 ? 586 SER A H    1 
ATOM 811  H HA   . SER A 1 51 ? 6.938   -9.413  -4.967  1.00 0.00 ? 586 SER A HA   1 
ATOM 812  H HB2  . SER A 1 51 ? 4.864   -10.536 -5.833  1.00 0.00 ? 586 SER A HB2  1 
ATOM 813  H HB3  . SER A 1 51 ? 4.628   -9.164  -6.912  1.00 0.00 ? 586 SER A HB3  1 
ATOM 814  H HG   . SER A 1 51 ? 7.115   -9.876  -7.218  1.00 0.00 ? 586 SER A HG   1 
ATOM 815  N N    . GLY A 1 52 ? 7.916   -7.740  -6.606  1.00 0.00 ? 587 GLY A N    1 
ATOM 816  C CA   . GLY A 1 52 ? 8.524   -6.604  -7.357  1.00 0.00 ? 587 GLY A CA   1 
ATOM 817  C C    . GLY A 1 52 ? 8.753   -5.426  -6.409  1.00 0.00 ? 587 GLY A C    1 
ATOM 818  O O    . GLY A 1 52 ? 9.763   -4.754  -6.470  1.00 0.00 ? 587 GLY A O    1 
ATOM 819  H H    . GLY A 1 52 ? 8.435   -8.554  -6.443  1.00 0.00 ? 587 GLY A H    1 
ATOM 820  H HA2  . GLY A 1 52 ? 9.467   -6.916  -7.779  1.00 0.00 ? 587 GLY A HA2  1 
ATOM 821  H HA3  . GLY A 1 52 ? 7.857   -6.299  -8.149  1.00 0.00 ? 587 GLY A HA3  1 
ATOM 822  N N    . VAL A 1 53 ? 7.823   -5.172  -5.532  1.00 0.00 ? 588 VAL A N    1 
ATOM 823  C CA   . VAL A 1 53 ? 7.982   -4.040  -4.579  1.00 0.00 ? 588 VAL A CA   1 
ATOM 824  C C    . VAL A 1 53 ? 9.033   -4.405  -3.527  1.00 0.00 ? 588 VAL A C    1 
ATOM 825  O O    . VAL A 1 53 ? 9.628   -3.546  -2.906  1.00 0.00 ? 588 VAL A O    1 
ATOM 826  C CB   . VAL A 1 53 ? 6.645   -3.762  -3.890  1.00 0.00 ? 588 VAL A CB   1 
ATOM 827  C CG1  . VAL A 1 53 ? 5.576   -3.472  -4.946  1.00 0.00 ? 588 VAL A CG1  1 
ATOM 828  C CG2  . VAL A 1 53 ? 6.231   -4.986  -3.070  1.00 0.00 ? 588 VAL A CG2  1 
ATOM 829  H H    . VAL A 1 53 ? 7.017   -5.727  -5.501  1.00 0.00 ? 588 VAL A H    1 
ATOM 830  H HA   . VAL A 1 53 ? 8.300   -3.159  -5.115  1.00 0.00 ? 588 VAL A HA   1 
ATOM 831  H HB   . VAL A 1 53 ? 6.747   -2.906  -3.238  1.00 0.00 ? 588 VAL A HB   1 
ATOM 832  H HG11 . VAL A 1 53 ? 5.869   -3.916  -5.886  1.00 0.00 ? 588 VAL A HG11 1 
ATOM 833  H HG12 . VAL A 1 53 ? 5.472   -2.404  -5.069  1.00 0.00 ? 588 VAL A HG12 1 
ATOM 834  H HG13 . VAL A 1 53 ? 4.633   -3.891  -4.628  1.00 0.00 ? 588 VAL A HG13 1 
ATOM 835  H HG21 . VAL A 1 53 ? 6.799   -5.014  -2.152  1.00 0.00 ? 588 VAL A HG21 1 
ATOM 836  H HG22 . VAL A 1 53 ? 6.422   -5.881  -3.641  1.00 0.00 ? 588 VAL A HG22 1 
ATOM 837  H HG23 . VAL A 1 53 ? 5.178   -4.924  -2.839  1.00 0.00 ? 588 VAL A HG23 1 
ATOM 838  N N    . GLY A 1 54 ? 9.266   -5.672  -3.324  1.00 0.00 ? 589 GLY A N    1 
ATOM 839  C CA   . GLY A 1 54 ? 10.278  -6.091  -2.312  1.00 0.00 ? 589 GLY A CA   1 
ATOM 840  C C    . GLY A 1 54 ? 11.658  -5.577  -2.725  1.00 0.00 ? 589 GLY A C    1 
ATOM 841  O O    . GLY A 1 54 ? 12.048  -5.665  -3.872  1.00 0.00 ? 589 GLY A O    1 
ATOM 842  H H    . GLY A 1 54 ? 8.775   -6.350  -3.835  1.00 0.00 ? 589 GLY A H    1 
ATOM 843  H HA2  . GLY A 1 54 ? 10.013  -5.681  -1.348  1.00 0.00 ? 589 GLY A HA2  1 
ATOM 844  H HA3  . GLY A 1 54 ? 10.303  -7.168  -2.252  1.00 0.00 ? 589 GLY A HA3  1 
ATOM 845  N N    . GLY A 1 55 ? 12.402  -5.040  -1.796  1.00 0.00 ? 590 GLY A N    1 
ATOM 846  C CA   . GLY A 1 55 ? 13.756  -4.518  -2.131  1.00 0.00 ? 590 GLY A CA   1 
ATOM 847  C C    . GLY A 1 55 ? 14.146  -3.440  -1.120  1.00 0.00 ? 590 GLY A C    1 
ATOM 848  O O    . GLY A 1 55 ? 13.466  -3.227  -0.136  1.00 0.00 ? 590 GLY A O    1 
ATOM 849  H H    . GLY A 1 55 ? 12.068  -4.978  -0.878  1.00 0.00 ? 590 GLY A H    1 
ATOM 850  H HA2  . GLY A 1 55 ? 14.473  -5.327  -2.095  1.00 0.00 ? 590 GLY A HA2  1 
ATOM 851  H HA3  . GLY A 1 55 ? 13.743  -4.090  -3.121  1.00 0.00 ? 590 GLY A HA3  1 
ATOM 852  N N    . ARG A 1 56 ? 15.231  -2.753  -1.353  1.00 0.00 ? 591 ARG A N    1 
ATOM 853  C CA   . ARG A 1 56 ? 15.648  -1.688  -0.400  1.00 0.00 ? 591 ARG A CA   1 
ATOM 854  C C    . ARG A 1 56 ? 14.504  -0.686  -0.248  1.00 0.00 ? 591 ARG A C    1 
ATOM 855  O O    . ARG A 1 56 ? 14.235  -0.186  0.827   1.00 0.00 ? 591 ARG A O    1 
ATOM 856  C CB   . ARG A 1 56 ? 16.886  -0.974  -0.940  1.00 0.00 ? 591 ARG A CB   1 
ATOM 857  C CG   . ARG A 1 56 ? 17.428  -0.009  0.118   1.00 0.00 ? 591 ARG A CG   1 
ATOM 858  C CD   . ARG A 1 56 ? 18.325  -0.759  1.108   1.00 0.00 ? 591 ARG A CD   1 
ATOM 859  N NE   . ARG A 1 56 ? 18.818  0.189   2.146   1.00 0.00 ? 591 ARG A NE   1 
ATOM 860  C CZ   . ARG A 1 56 ? 18.049  0.511   3.151   1.00 0.00 ? 591 ARG A CZ   1 
ATOM 861  N NH1  . ARG A 1 56 ? 16.851  0.005   3.245   1.00 0.00 ? 591 ARG A NH1  1 
ATOM 862  N NH2  . ARG A 1 56 ? 18.481  1.342   4.061   1.00 0.00 ? 591 ARG A NH2  1 
ATOM 863  H H    . ARG A 1 56 ? 15.766  -2.935  -2.153  1.00 0.00 ? 591 ARG A H    1 
ATOM 864  H HA   . ARG A 1 56 ? 15.871  -2.124  0.556   1.00 0.00 ? 591 ARG A HA   1 
ATOM 865  H HB2  . ARG A 1 56 ? 17.645  -1.704  -1.182  1.00 0.00 ? 591 ARG A HB2  1 
ATOM 866  H HB3  . ARG A 1 56 ? 16.624  -0.420  -1.828  1.00 0.00 ? 591 ARG A HB3  1 
ATOM 867  H HG2  . ARG A 1 56 ? 17.997  0.762   -0.366  1.00 0.00 ? 591 ARG A HG2  1 
ATOM 868  H HG3  . ARG A 1 56 ? 16.602  0.437   0.653   1.00 0.00 ? 591 ARG A HG3  1 
ATOM 869  H HD2  . ARG A 1 56 ? 17.766  -1.549  1.583   1.00 0.00 ? 591 ARG A HD2  1 
ATOM 870  H HD3  . ARG A 1 56 ? 19.168  -1.182  0.580   1.00 0.00 ? 591 ARG A HD3  1 
ATOM 871  H HE   . ARG A 1 56 ? 19.718  0.570   2.075   1.00 0.00 ? 591 ARG A HE   1 
ATOM 872  H HH11 . ARG A 1 56 ? 16.521  -0.632  2.548   1.00 0.00 ? 591 ARG A HH11 1 
ATOM 873  H HH12 . ARG A 1 56 ? 16.262  0.251   4.016   1.00 0.00 ? 591 ARG A HH12 1 
ATOM 874  H HH21 . ARG A 1 56 ? 19.399  1.731   3.987   1.00 0.00 ? 591 ARG A HH21 1 
ATOM 875  H HH22 . ARG A 1 56 ? 17.892  1.589   4.830   1.00 0.00 ? 591 ARG A HH22 1 
ATOM 876  N N    . LYS A 1 57 ? 13.822  -0.396  -1.320  1.00 0.00 ? 592 LYS A N    1 
ATOM 877  C CA   . LYS A 1 57 ? 12.689  0.561   -1.247  1.00 0.00 ? 592 LYS A CA   1 
ATOM 878  C C    . LYS A 1 57 ? 11.651  0.030   -0.259  1.00 0.00 ? 592 LYS A C    1 
ATOM 879  O O    . LYS A 1 57 ? 10.984  0.783   0.423   1.00 0.00 ? 592 LYS A O    1 
ATOM 880  C CB   . LYS A 1 57 ? 12.059  0.703   -2.633  1.00 0.00 ? 592 LYS A CB   1 
ATOM 881  C CG   . LYS A 1 57 ? 13.078  1.322   -3.592  1.00 0.00 ? 592 LYS A CG   1 
ATOM 882  C CD   . LYS A 1 57 ? 12.414  1.583   -4.945  1.00 0.00 ? 592 LYS A CD   1 
ATOM 883  C CE   . LYS A 1 57 ? 13.461  2.092   -5.937  1.00 0.00 ? 592 LYS A CE   1 
ATOM 884  N NZ   . LYS A 1 57 ? 12.993  3.373   -6.537  1.00 0.00 ? 592 LYS A NZ   1 
ATOM 885  H H    . LYS A 1 57 ? 14.050  -0.816  -2.173  1.00 0.00 ? 592 LYS A H    1 
ATOM 886  H HA   . LYS A 1 57 ? 13.048  1.522   -0.912  1.00 0.00 ? 592 LYS A HA   1 
ATOM 887  H HB2  . LYS A 1 57 ? 11.765  -0.271  -2.997  1.00 0.00 ? 592 LYS A HB2  1 
ATOM 888  H HB3  . LYS A 1 57 ? 11.195  1.341   -2.570  1.00 0.00 ? 592 LYS A HB3  1 
ATOM 889  H HG2  . LYS A 1 57 ? 13.440  2.253   -3.181  1.00 0.00 ? 592 LYS A HG2  1 
ATOM 890  H HG3  . LYS A 1 57 ? 13.905  0.641   -3.725  1.00 0.00 ? 592 LYS A HG3  1 
ATOM 891  H HD2  . LYS A 1 57 ? 11.980  0.666   -5.316  1.00 0.00 ? 592 LYS A HD2  1 
ATOM 892  H HD3  . LYS A 1 57 ? 11.641  2.327   -4.828  1.00 0.00 ? 592 LYS A HD3  1 
ATOM 893  H HE2  . LYS A 1 57 ? 14.396  2.256   -5.421  1.00 0.00 ? 592 LYS A HE2  1 
ATOM 894  H HE3  . LYS A 1 57 ? 13.604  1.360   -6.717  1.00 0.00 ? 592 LYS A HE3  1 
ATOM 895  H HZ1  . LYS A 1 57 ? 13.193  3.372   -7.557  1.00 0.00 ? 592 LYS A HZ1  1 
ATOM 896  H HZ2  . LYS A 1 57 ? 13.491  4.169   -6.086  1.00 0.00 ? 592 LYS A HZ2  1 
ATOM 897  H HZ3  . LYS A 1 57 ? 11.970  3.474   -6.386  1.00 0.00 ? 592 LYS A HZ3  1 
ATOM 898  N N    . LEU A 1 58 ? 11.510  -1.265  -0.177  1.00 0.00 ? 593 LEU A N    1 
ATOM 899  C CA   . LEU A 1 58 ? 10.519  -1.848  0.767   1.00 0.00 ? 593 LEU A CA   1 
ATOM 900  C C    . LEU A 1 58 ? 10.822  -1.353  2.180   1.00 0.00 ? 593 LEU A C    1 
ATOM 901  O O    . LEU A 1 58 ? 9.931   -1.059  2.951   1.00 0.00 ? 593 LEU A O    1 
ATOM 902  C CB   . LEU A 1 58 ? 10.621  -3.374  0.729   1.00 0.00 ? 593 LEU A CB   1 
ATOM 903  C CG   . LEU A 1 58 ? 9.511   -3.983  1.589   1.00 0.00 ? 593 LEU A CG   1 
ATOM 904  C CD1  . LEU A 1 58 ? 8.154   -3.766  0.914   1.00 0.00 ? 593 LEU A CD1  1 
ATOM 905  C CD2  . LEU A 1 58 ? 9.763   -5.483  1.753   1.00 0.00 ? 593 LEU A CD2  1 
ATOM 906  H H    . LEU A 1 58 ? 12.059  -1.854  -0.734  1.00 0.00 ? 593 LEU A H    1 
ATOM 907  H HA   . LEU A 1 58 ? 9.527   -1.542  0.483   1.00 0.00 ? 593 LEU A HA   1 
ATOM 908  H HB2  . LEU A 1 58 ? 10.522  -3.718  -0.289  1.00 0.00 ? 593 LEU A HB2  1 
ATOM 909  H HB3  . LEU A 1 58 ? 11.580  -3.678  1.120   1.00 0.00 ? 593 LEU A HB3  1 
ATOM 910  H HG   . LEU A 1 58 ? 9.508   -3.509  2.560   1.00 0.00 ? 593 LEU A HG   1 
ATOM 911  H HD11 . LEU A 1 58 ? 7.572   -3.063  1.493   1.00 0.00 ? 593 LEU A HD11 1 
ATOM 912  H HD12 . LEU A 1 58 ? 7.626   -4.706  0.858   1.00 0.00 ? 593 LEU A HD12 1 
ATOM 913  H HD13 . LEU A 1 58 ? 8.300   -3.376  -0.082  1.00 0.00 ? 593 LEU A HD13 1 
ATOM 914  H HD21 . LEU A 1 58 ? 10.001  -5.698  2.784   1.00 0.00 ? 593 LEU A HD21 1 
ATOM 915  H HD22 . LEU A 1 58 ? 10.590  -5.778  1.125   1.00 0.00 ? 593 LEU A HD22 1 
ATOM 916  H HD23 . LEU A 1 58 ? 8.878   -6.030  1.465   1.00 0.00 ? 593 LEU A HD23 1 
ATOM 917  N N    . ALA A 1 59 ? 12.074  -1.249  2.522   1.00 0.00 ? 594 ALA A N    1 
ATOM 918  C CA   . ALA A 1 59 ? 12.430  -0.761  3.881   1.00 0.00 ? 594 ALA A CA   1 
ATOM 919  C C    . ALA A 1 59 ? 11.951  0.682   4.029   1.00 0.00 ? 594 ALA A C    1 
ATOM 920  O O    . ALA A 1 59 ? 11.441  1.078   5.059   1.00 0.00 ? 594 ALA A O    1 
ATOM 921  C CB   . ALA A 1 59 ? 13.948  -0.819  4.066   1.00 0.00 ? 594 ALA A CB   1 
ATOM 922  H H    . ALA A 1 59 ? 12.777  -1.484  1.883   1.00 0.00 ? 594 ALA A H    1 
ATOM 923  H HA   . ALA A 1 59 ? 11.950  -1.379  4.625   1.00 0.00 ? 594 ALA A HA   1 
ATOM 924  H HB1  . ALA A 1 59 ? 14.193  -1.576  4.797   1.00 0.00 ? 594 ALA A HB1  1 
ATOM 925  H HB2  . ALA A 1 59 ? 14.306  0.140   4.407   1.00 0.00 ? 594 ALA A HB2  1 
ATOM 926  H HB3  . ALA A 1 59 ? 14.415  -1.064  3.123   1.00 0.00 ? 594 ALA A HB3  1 
ATOM 927  N N    . ALA A 1 60 ? 12.101  1.468   3.000   1.00 0.00 ? 595 ALA A N    1 
ATOM 928  C CA   . ALA A 1 60 ? 11.645  2.884   3.068   1.00 0.00 ? 595 ALA A CA   1 
ATOM 929  C C    . ALA A 1 60 ? 10.118  2.917   3.046   1.00 0.00 ? 595 ALA A C    1 
ATOM 930  O O    . ALA A 1 60 ? 9.491   3.671   3.764   1.00 0.00 ? 595 ALA A O    1 
ATOM 931  C CB   . ALA A 1 60 ? 12.192  3.656   1.865   1.00 0.00 ? 595 ALA A CB   1 
ATOM 932  H H    . ALA A 1 60 ? 12.505  1.122   2.177   1.00 0.00 ? 595 ALA A H    1 
ATOM 933  H HA   . ALA A 1 60 ? 12.002  3.334   3.980   1.00 0.00 ? 595 ALA A HA   1 
ATOM 934  H HB1  . ALA A 1 60 ? 13.228  3.907   2.040   1.00 0.00 ? 595 ALA A HB1  1 
ATOM 935  H HB2  . ALA A 1 60 ? 11.621  4.562   1.729   1.00 0.00 ? 595 ALA A HB2  1 
ATOM 936  H HB3  . ALA A 1 60 ? 12.114  3.044   0.978   1.00 0.00 ? 595 ALA A HB3  1 
ATOM 937  N N    . TYR A 1 61 ? 9.519   2.099   2.223   1.00 0.00 ? 596 TYR A N    1 
ATOM 938  C CA   . TYR A 1 61 ? 8.036   2.066   2.140   1.00 0.00 ? 596 TYR A CA   1 
ATOM 939  C C    . TYR A 1 61 ? 7.533   0.715   2.651   1.00 0.00 ? 596 TYR A C    1 
ATOM 940  O O    . TYR A 1 61 ? 7.902   -0.330  2.152   1.00 0.00 ? 596 TYR A O    1 
ATOM 941  C CB   . TYR A 1 61 ? 7.615   2.256   0.682   1.00 0.00 ? 596 TYR A CB   1 
ATOM 942  C CG   . TYR A 1 61 ? 7.046   0.967   0.143   1.00 0.00 ? 596 TYR A CG   1 
ATOM 943  C CD1  . TYR A 1 61 ? 5.708   0.635   0.387   1.00 0.00 ? 596 TYR A CD1  1 
ATOM 944  C CD2  . TYR A 1 61 ? 7.858   0.102   -0.600  1.00 0.00 ? 596 TYR A CD2  1 
ATOM 945  C CE1  . TYR A 1 61 ? 5.181   -0.562  -0.114  1.00 0.00 ? 596 TYR A CE1  1 
ATOM 946  C CE2  . TYR A 1 61 ? 7.333   -1.095  -1.100  1.00 0.00 ? 596 TYR A CE2  1 
ATOM 947  C CZ   . TYR A 1 61 ? 5.994   -1.427  -0.857  1.00 0.00 ? 596 TYR A CZ   1 
ATOM 948  O OH   . TYR A 1 61 ? 5.476   -2.607  -1.349  1.00 0.00 ? 596 TYR A OH   1 
ATOM 949  H H    . TYR A 1 61 ? 10.048  1.506   1.656   1.00 0.00 ? 596 TYR A H    1 
ATOM 950  H HA   . TYR A 1 61 ? 7.619   2.859   2.742   1.00 0.00 ? 596 TYR A HA   1 
ATOM 951  H HB2  . TYR A 1 61 ? 6.871   3.031   0.625   1.00 0.00 ? 596 TYR A HB2  1 
ATOM 952  H HB3  . TYR A 1 61 ? 8.475   2.541   0.095   1.00 0.00 ? 596 TYR A HB3  1 
ATOM 953  H HD1  . TYR A 1 61 ? 5.082   1.302   0.960   1.00 0.00 ? 596 TYR A HD1  1 
ATOM 954  H HD2  . TYR A 1 61 ? 8.891   0.358   -0.787  1.00 0.00 ? 596 TYR A HD2  1 
ATOM 955  H HE1  . TYR A 1 61 ? 4.149   -0.819  0.074   1.00 0.00 ? 596 TYR A HE1  1 
ATOM 956  H HE2  . TYR A 1 61 ? 7.960   -1.762  -1.673  1.00 0.00 ? 596 TYR A HE2  1 
ATOM 957  H HH   . TYR A 1 61 ? 5.250   -2.470  -2.273  1.00 0.00 ? 596 TYR A HH   1 
ATOM 958  N N    . GLY A 1 62 ? 6.696   0.729   3.649   1.00 0.00 ? 597 GLY A N    1 
ATOM 959  C CA   . GLY A 1 62 ? 6.170   -0.551  4.201   1.00 0.00 ? 597 GLY A CA   1 
ATOM 960  C C    . GLY A 1 62 ? 5.897   -0.382  5.696   1.00 0.00 ? 597 GLY A C    1 
ATOM 961  O O    . GLY A 1 62 ? 4.765   -0.291  6.123   1.00 0.00 ? 597 GLY A O    1 
ATOM 962  H H    . GLY A 1 62 ? 6.418   1.580   4.040   1.00 0.00 ? 597 GLY A H    1 
ATOM 963  H HA2  . GLY A 1 62 ? 5.253   -0.813  3.693   1.00 0.00 ? 597 GLY A HA2  1 
ATOM 964  H HA3  . GLY A 1 62 ? 6.898   -1.332  4.057   1.00 0.00 ? 597 GLY A HA3  1 
ATOM 965  N N    . ASP A 1 63 ? 6.928   -0.333  6.492   1.00 0.00 ? 598 ASP A N    1 
ATOM 966  C CA   . ASP A 1 63 ? 6.726   -0.165  7.959   1.00 0.00 ? 598 ASP A CA   1 
ATOM 967  C C    . ASP A 1 63 ? 5.922   1.111   8.215   1.00 0.00 ? 598 ASP A C    1 
ATOM 968  O O    . ASP A 1 63 ? 5.047   1.152   9.059   1.00 0.00 ? 598 ASP A O    1 
ATOM 969  C CB   . ASP A 1 63 ? 8.088   -0.057  8.650   1.00 0.00 ? 598 ASP A CB   1 
ATOM 970  C CG   . ASP A 1 63 ? 7.897   -0.111  10.166  1.00 0.00 ? 598 ASP A CG   1 
ATOM 971  O OD1  . ASP A 1 63 ? 6.773   -0.319  10.595  1.00 0.00 ? 598 ASP A OD1  1 
ATOM 972  O OD2  . ASP A 1 63 ? 8.877   0.057   10.874  1.00 0.00 ? 598 ASP A OD2  1 
ATOM 973  H H    . ASP A 1 63 ? 7.833   -0.405  6.125   1.00 0.00 ? 598 ASP A H    1 
ATOM 974  H HA   . ASP A 1 63 ? 6.192   -1.016  8.350   1.00 0.00 ? 598 ASP A HA   1 
ATOM 975  H HB2  . ASP A 1 63 ? 8.717   -0.876  8.336   1.00 0.00 ? 598 ASP A HB2  1 
ATOM 976  H HB3  . ASP A 1 63 ? 8.554   0.879   8.381   1.00 0.00 ? 598 ASP A HB3  1 
ATOM 977  N N    . GLU A 1 64 ? 6.213   2.153   7.488   1.00 0.00 ? 599 GLU A N    1 
ATOM 978  C CA   . GLU A 1 64 ? 5.471   3.430   7.676   1.00 0.00 ? 599 GLU A CA   1 
ATOM 979  C C    . GLU A 1 64 ? 4.009   3.233   7.282   1.00 0.00 ? 599 GLU A C    1 
ATOM 980  O O    . GLU A 1 64 ? 3.114   3.809   7.869   1.00 0.00 ? 599 GLU A O    1 
ATOM 981  C CB   . GLU A 1 64 ? 6.099   4.516   6.801   1.00 0.00 ? 599 GLU A CB   1 
ATOM 982  C CG   . GLU A 1 64 ? 7.529   4.787   7.271   1.00 0.00 ? 599 GLU A CG   1 
ATOM 983  C CD   . GLU A 1 64 ? 8.138   5.914   6.434   1.00 0.00 ? 599 GLU A CD   1 
ATOM 984  O OE1  . GLU A 1 64 ? 7.526   6.292   5.451   1.00 0.00 ? 599 GLU A OE1  1 
ATOM 985  O OE2  . GLU A 1 64 ? 9.208   6.379   6.793   1.00 0.00 ? 599 GLU A OE2  1 
ATOM 986  H H    . GLU A 1 64 ? 6.918   2.094   6.813   1.00 0.00 ? 599 GLU A H    1 
ATOM 987  H HA   . GLU A 1 64 ? 5.527   3.726   8.713   1.00 0.00 ? 599 GLU A HA   1 
ATOM 988  H HB2  . GLU A 1 64 ? 6.113   4.187   5.772   1.00 0.00 ? 599 GLU A HB2  1 
ATOM 989  H HB3  . GLU A 1 64 ? 5.519   5.424   6.881   1.00 0.00 ? 599 GLU A HB3  1 
ATOM 990  H HG2  . GLU A 1 64 ? 7.517   5.076   8.312   1.00 0.00 ? 599 GLU A HG2  1 
ATOM 991  H HG3  . GLU A 1 64 ? 8.122   3.893   7.152   1.00 0.00 ? 599 GLU A HG3  1 
ATOM 992  N N    . VAL A 1 65 ? 3.757   2.419   6.294   1.00 0.00 ? 600 VAL A N    1 
ATOM 993  C CA   . VAL A 1 65 ? 2.357   2.182   5.866   1.00 0.00 ? 600 VAL A CA   1 
ATOM 994  C C    . VAL A 1 65 ? 1.579   1.570   7.031   1.00 0.00 ? 600 VAL A C    1 
ATOM 995  O O    . VAL A 1 65 ? 0.430   1.888   7.260   1.00 0.00 ? 600 VAL A O    1 
ATOM 996  C CB   . VAL A 1 65 ? 2.353   1.219   4.680   1.00 0.00 ? 600 VAL A CB   1 
ATOM 997  C CG1  . VAL A 1 65 ? 0.916   0.842   4.344   1.00 0.00 ? 600 VAL A CG1  1 
ATOM 998  C CG2  . VAL A 1 65 ? 3.002   1.895   3.469   1.00 0.00 ? 600 VAL A CG2  1 
ATOM 999  H H    . VAL A 1 65 ? 4.488   1.961   5.836   1.00 0.00 ? 600 VAL A H    1 
ATOM 1000 H HA   . VAL A 1 65 ? 1.901   3.117   5.578   1.00 0.00 ? 600 VAL A HA   1 
ATOM 1001 H HB   . VAL A 1 65 ? 2.906   0.328   4.938   1.00 0.00 ? 600 VAL A HB   1 
ATOM 1002 H HG11 . VAL A 1 65 ? 0.723   -0.166  4.675   1.00 0.00 ? 600 VAL A HG11 1 
ATOM 1003 H HG12 . VAL A 1 65 ? 0.768   0.907   3.277   1.00 0.00 ? 600 VAL A HG12 1 
ATOM 1004 H HG13 . VAL A 1 65 ? 0.242   1.520   4.844   1.00 0.00 ? 600 VAL A HG13 1 
ATOM 1005 H HG21 . VAL A 1 65 ? 3.957   1.433   3.269   1.00 0.00 ? 600 VAL A HG21 1 
ATOM 1006 H HG22 . VAL A 1 65 ? 3.146   2.945   3.676   1.00 0.00 ? 600 VAL A HG22 1 
ATOM 1007 H HG23 . VAL A 1 65 ? 2.359   1.783   2.608   1.00 0.00 ? 600 VAL A HG23 1 
ATOM 1008 N N    . LEU A 1 66 ? 2.203   0.697   7.774   1.00 0.00 ? 601 LEU A N    1 
ATOM 1009 C CA   . LEU A 1 66 ? 1.502   0.072   8.928   1.00 0.00 ? 601 LEU A CA   1 
ATOM 1010 C C    . LEU A 1 66 ? 1.014   1.189   9.839   1.00 0.00 ? 601 LEU A C    1 
ATOM 1011 O O    . LEU A 1 66 ? -0.108  1.190   10.302  1.00 0.00 ? 601 LEU A O    1 
ATOM 1012 C CB   . LEU A 1 66 ? 2.477   -0.809  9.715   1.00 0.00 ? 601 LEU A CB   1 
ATOM 1013 C CG   . LEU A 1 66 ? 3.348   -1.613  8.753   1.00 0.00 ? 601 LEU A CG   1 
ATOM 1014 C CD1  . LEU A 1 66 ? 4.271   -2.536  9.551   1.00 0.00 ? 601 LEU A CD1  1 
ATOM 1015 C CD2  . LEU A 1 66 ? 2.460   -2.453  7.840   1.00 0.00 ? 601 LEU A CD2  1 
ATOM 1016 H H    . LEU A 1 66 ? 3.127   0.462   7.576   1.00 0.00 ? 601 LEU A H    1 
ATOM 1017 H HA   . LEU A 1 66 ? 0.667   -0.516  8.583   1.00 0.00 ? 601 LEU A HA   1 
ATOM 1018 H HB2  . LEU A 1 66 ? 3.105   -0.187  10.335  1.00 0.00 ? 601 LEU A HB2  1 
ATOM 1019 H HB3  . LEU A 1 66 ? 1.918   -1.489  10.336  1.00 0.00 ? 601 LEU A HB3  1 
ATOM 1020 H HG   . LEU A 1 66 ? 3.941   -0.937  8.161   1.00 0.00 ? 601 LEU A HG   1 
ATOM 1021 H HD11 . LEU A 1 66 ? 4.990   -1.943  10.095  1.00 0.00 ? 601 LEU A HD11 1 
ATOM 1022 H HD12 . LEU A 1 66 ? 4.790   -3.198  8.873   1.00 0.00 ? 601 LEU A HD12 1 
ATOM 1023 H HD13 . LEU A 1 66 ? 3.685   -3.119  10.245  1.00 0.00 ? 601 LEU A HD13 1 
ATOM 1024 H HD21 . LEU A 1 66 ? 1.768   -3.021  8.442   1.00 0.00 ? 601 LEU A HD21 1 
ATOM 1025 H HD22 . LEU A 1 66 ? 3.075   -3.126  7.262   1.00 0.00 ? 601 LEU A HD22 1 
ATOM 1026 H HD23 . LEU A 1 66 ? 1.912   -1.804  7.174   1.00 0.00 ? 601 LEU A HD23 1 
ATOM 1027 N N    . GLN A 1 67 ? 1.858   2.152   10.083  1.00 0.00 ? 602 GLN A N    1 
ATOM 1028 C CA   . GLN A 1 67 ? 1.454   3.290   10.953  1.00 0.00 ? 602 GLN A CA   1 
ATOM 1029 C C    . GLN A 1 67 ? 0.280   4.015   10.297  1.00 0.00 ? 602 GLN A C    1 
ATOM 1030 O O    . GLN A 1 67 ? -0.654  4.434   10.953  1.00 0.00 ? 602 GLN A O    1 
ATOM 1031 C CB   . GLN A 1 67 ? 2.630   4.256   11.113  1.00 0.00 ? 602 GLN A CB   1 
ATOM 1032 C CG   . GLN A 1 67 ? 2.276   5.326   12.148  1.00 0.00 ? 602 GLN A CG   1 
ATOM 1033 C CD   . GLN A 1 67 ? 3.469   6.265   12.340  1.00 0.00 ? 602 GLN A CD   1 
ATOM 1034 O OE1  . GLN A 1 67 ? 4.536   6.027   11.810  1.00 0.00 ? 602 GLN A OE1  1 
ATOM 1035 N NE2  . GLN A 1 67 ? 3.332   7.329   13.084  1.00 0.00 ? 602 GLN A NE2  1 
ATOM 1036 H H    . GLN A 1 67 ? 2.759   2.126   9.685   1.00 0.00 ? 602 GLN A H    1 
ATOM 1037 H HA   . GLN A 1 67 ? 1.154   2.918   11.920  1.00 0.00 ? 602 GLN A HA   1 
ATOM 1038 H HB2  . GLN A 1 67 ? 3.502   3.708   11.444  1.00 0.00 ? 602 GLN A HB2  1 
ATOM 1039 H HB3  . GLN A 1 67 ? 2.840   4.729   10.166  1.00 0.00 ? 602 GLN A HB3  1 
ATOM 1040 H HG2  . GLN A 1 67 ? 1.423   5.892   11.801  1.00 0.00 ? 602 GLN A HG2  1 
ATOM 1041 H HG3  . GLN A 1 67 ? 2.036   4.853   13.088  1.00 0.00 ? 602 GLN A HG3  1 
ATOM 1042 H HE21 . GLN A 1 67 ? 2.472   7.520   13.512  1.00 0.00 ? 602 GLN A HE21 1 
ATOM 1043 H HE22 . GLN A 1 67 ? 4.091   7.936   13.214  1.00 0.00 ? 602 GLN A HE22 1 
ATOM 1044 N N    . VAL A 1 68 ? 0.323   4.159   9.003   1.00 0.00 ? 603 VAL A N    1 
ATOM 1045 C CA   . VAL A 1 68 ? -0.779  4.844   8.283   1.00 0.00 ? 603 VAL A CA   1 
ATOM 1046 C C    . VAL A 1 68 ? -2.059  4.015   8.394   1.00 0.00 ? 603 VAL A C    1 
ATOM 1047 O O    . VAL A 1 68 ? -3.138  4.541   8.582   1.00 0.00 ? 603 VAL A O    1 
ATOM 1048 C CB   . VAL A 1 68 ? -0.387  4.993   6.814   1.00 0.00 ? 603 VAL A CB   1 
ATOM 1049 C CG1  . VAL A 1 68 ? -1.617  5.370   5.997   1.00 0.00 ? 603 VAL A CG1  1 
ATOM 1050 C CG2  . VAL A 1 68 ? 0.670   6.090   6.678   1.00 0.00 ? 603 VAL A CG2  1 
ATOM 1051 H H    . VAL A 1 68 ? 1.083   3.807   8.497   1.00 0.00 ? 603 VAL A H    1 
ATOM 1052 H HA   . VAL A 1 68 ? -0.942  5.818   8.713   1.00 0.00 ? 603 VAL A HA   1 
ATOM 1053 H HB   . VAL A 1 68 ? 0.011   4.057   6.452   1.00 0.00 ? 603 VAL A HB   1 
ATOM 1054 H HG11 . VAL A 1 68 ? -2.055  4.477   5.581   1.00 0.00 ? 603 VAL A HG11 1 
ATOM 1055 H HG12 . VAL A 1 68 ? -1.327  6.036   5.200   1.00 0.00 ? 603 VAL A HG12 1 
ATOM 1056 H HG13 . VAL A 1 68 ? -2.334  5.860   6.636   1.00 0.00 ? 603 VAL A HG13 1 
ATOM 1057 H HG21 . VAL A 1 68 ? 0.870   6.270   5.631   1.00 0.00 ? 603 VAL A HG21 1 
ATOM 1058 H HG22 . VAL A 1 68 ? 1.580   5.777   7.168   1.00 0.00 ? 603 VAL A HG22 1 
ATOM 1059 H HG23 . VAL A 1 68 ? 0.308   6.999   7.136   1.00 0.00 ? 603 VAL A HG23 1 
ATOM 1060 N N    . VAL A 1 69 ? -1.948  2.720   8.275   1.00 0.00 ? 604 VAL A N    1 
ATOM 1061 C CA   . VAL A 1 69 ? -3.150  1.855   8.368   1.00 0.00 ? 604 VAL A CA   1 
ATOM 1062 C C    . VAL A 1 69 ? -3.771  1.984   9.758   1.00 0.00 ? 604 VAL A C    1 
ATOM 1063 O O    . VAL A 1 69 ? -4.973  2.083   9.905   1.00 0.00 ? 604 VAL A O    1 
ATOM 1064 C CB   . VAL A 1 69 ? -2.739  0.408   8.119   1.00 0.00 ? 604 VAL A CB   1 
ATOM 1065 C CG1  . VAL A 1 69 ? -3.923  -0.510  8.400   1.00 0.00 ? 604 VAL A CG1  1 
ATOM 1066 C CG2  . VAL A 1 69 ? -2.304  0.250   6.662   1.00 0.00 ? 604 VAL A CG2  1 
ATOM 1067 H H    . VAL A 1 69 ? -1.072  2.316   8.122   1.00 0.00 ? 604 VAL A H    1 
ATOM 1068 H HA   . VAL A 1 69 ? -3.870  2.157   7.625   1.00 0.00 ? 604 VAL A HA   1 
ATOM 1069 H HB   . VAL A 1 69 ? -1.919  0.148   8.773   1.00 0.00 ? 604 VAL A HB   1 
ATOM 1070 H HG11 . VAL A 1 69 ? -3.783  -0.993  9.354   1.00 0.00 ? 604 VAL A HG11 1 
ATOM 1071 H HG12 . VAL A 1 69 ? -3.992  -1.255  7.623   1.00 0.00 ? 604 VAL A HG12 1 
ATOM 1072 H HG13 . VAL A 1 69 ? -4.830  0.074   8.422   1.00 0.00 ? 604 VAL A HG13 1 
ATOM 1073 H HG21 . VAL A 1 69 ? -2.405  1.197   6.153   1.00 0.00 ? 604 VAL A HG21 1 
ATOM 1074 H HG22 . VAL A 1 69 ? -2.928  -0.487  6.177   1.00 0.00 ? 604 VAL A HG22 1 
ATOM 1075 H HG23 . VAL A 1 69 ? -1.274  -0.070  6.626   1.00 0.00 ? 604 VAL A HG23 1 
ATOM 1076 N N    . ARG A 1 70 ? -2.963  1.991   10.780  1.00 0.00 ? 605 ARG A N    1 
ATOM 1077 C CA   . ARG A 1 70 ? -3.515  2.121   12.157  1.00 0.00 ? 605 ARG A CA   1 
ATOM 1078 C C    . ARG A 1 70 ? -4.245  3.459   12.272  1.00 0.00 ? 605 ARG A C    1 
ATOM 1079 O O    . ARG A 1 70 ? -5.278  3.564   12.903  1.00 0.00 ? 605 ARG A O    1 
ATOM 1080 C CB   . ARG A 1 70 ? -2.376  2.065   13.178  1.00 0.00 ? 605 ARG A CB   1 
ATOM 1081 C CG   . ARG A 1 70 ? -1.726  0.682   13.141  1.00 0.00 ? 605 ARG A CG   1 
ATOM 1082 C CD   . ARG A 1 70 ? -0.677  0.579   14.251  1.00 0.00 ? 605 ARG A CD   1 
ATOM 1083 N NE   . ARG A 1 70 ? 0.326   1.669   14.091  1.00 0.00 ? 605 ARG A NE   1 
ATOM 1084 C CZ   . ARG A 1 70 ? 1.515   1.542   14.610  1.00 0.00 ? 605 ARG A CZ   1 
ATOM 1085 N NH1  . ARG A 1 70 ? 1.827   0.459   15.270  1.00 0.00 ? 605 ARG A NH1  1 
ATOM 1086 N NH2  . ARG A 1 70 ? 2.394   2.496   14.472  1.00 0.00 ? 605 ARG A NH2  1 
ATOM 1087 H H    . ARG A 1 70 ? -1.996  1.915   10.643  1.00 0.00 ? 605 ARG A H    1 
ATOM 1088 H HA   . ARG A 1 70 ? -4.209  1.316   12.345  1.00 0.00 ? 605 ARG A HA   1 
ATOM 1089 H HB2  . ARG A 1 70 ? -1.639  2.818   12.936  1.00 0.00 ? 605 ARG A HB2  1 
ATOM 1090 H HB3  . ARG A 1 70 ? -2.770  2.250   14.166  1.00 0.00 ? 605 ARG A HB3  1 
ATOM 1091 H HG2  . ARG A 1 70 ? -2.483  -0.075  13.289  1.00 0.00 ? 605 ARG A HG2  1 
ATOM 1092 H HG3  . ARG A 1 70 ? -1.250  0.532   12.184  1.00 0.00 ? 605 ARG A HG3  1 
ATOM 1093 H HD2  . ARG A 1 70 ? -1.161  0.673   15.212  1.00 0.00 ? 605 ARG A HD2  1 
ATOM 1094 H HD3  . ARG A 1 70 ? -0.181  -0.379  14.189  1.00 0.00 ? 605 ARG A HD3  1 
ATOM 1095 H HE   . ARG A 1 70 ? 0.091   2.481   13.594  1.00 0.00 ? 605 ARG A HE   1 
ATOM 1096 H HH11 . ARG A 1 70 ? 1.155   -0.273  15.376  1.00 0.00 ? 605 ARG A HH11 1 
ATOM 1097 H HH12 . ARG A 1 70 ? 2.739   0.362   15.668  1.00 0.00 ? 605 ARG A HH12 1 
ATOM 1098 H HH21 . ARG A 1 70 ? 2.155   3.326   13.967  1.00 0.00 ? 605 ARG A HH21 1 
ATOM 1099 H HH22 . ARG A 1 70 ? 3.306   2.399   14.870  1.00 0.00 ? 605 ARG A HH22 1 
ATOM 1100 N N    . ASP A 1 71 ? -3.718  4.480   11.657  1.00 0.00 ? 606 ASP A N    1 
ATOM 1101 C CA   . ASP A 1 71 ? -4.383  5.810   11.719  1.00 0.00 ? 606 ASP A CA   1 
ATOM 1102 C C    . ASP A 1 71 ? -5.785  5.699   11.115  1.00 0.00 ? 606 ASP A C    1 
ATOM 1103 O O    . ASP A 1 71 ? -6.724  6.307   11.589  1.00 0.00 ? 606 ASP A O    1 
ATOM 1104 C CB   . ASP A 1 71 ? -3.563  6.829   10.924  1.00 0.00 ? 606 ASP A CB   1 
ATOM 1105 C CG   . ASP A 1 71 ? -4.117  8.233   11.169  1.00 0.00 ? 606 ASP A CG   1 
ATOM 1106 O OD1  . ASP A 1 71 ? -5.006  8.362   11.994  1.00 0.00 ? 606 ASP A OD1  1 
ATOM 1107 O OD2  . ASP A 1 71 ? -3.643  9.156   10.527  1.00 0.00 ? 606 ASP A OD2  1 
ATOM 1108 H H    . ASP A 1 71 ? -2.888  4.369   11.148  1.00 0.00 ? 606 ASP A H    1 
ATOM 1109 H HA   . ASP A 1 71 ? -4.456  6.129   12.748  1.00 0.00 ? 606 ASP A HA   1 
ATOM 1110 H HB2  . ASP A 1 71 ? -2.531  6.787   11.242  1.00 0.00 ? 606 ASP A HB2  1 
ATOM 1111 H HB3  . ASP A 1 71 ? -3.625  6.598   9.871   1.00 0.00 ? 606 ASP A HB3  1 
ATOM 1112 N N    . SER A 1 72 ? -5.933  4.928   10.072  1.00 0.00 ? 607 SER A N    1 
ATOM 1113 C CA   . SER A 1 72 ? -7.274  4.780   9.439   1.00 0.00 ? 607 SER A CA   1 
ATOM 1114 C C    . SER A 1 72 ? -8.241  4.135   10.433  1.00 0.00 ? 607 SER A C    1 
ATOM 1115 O O    . SER A 1 72 ? -9.433  4.368   10.395  1.00 0.00 ? 607 SER A O    1 
ATOM 1116 C CB   . SER A 1 72 ? -7.156  3.898   8.196   1.00 0.00 ? 607 SER A CB   1 
ATOM 1117 O OG   . SER A 1 72 ? -6.839  2.569   8.592   1.00 0.00 ? 607 SER A OG   1 
ATOM 1118 H H    . SER A 1 72 ? -5.160  4.445   9.704   1.00 0.00 ? 607 SER A H    1 
ATOM 1119 H HA   . SER A 1 72 ? -7.646  5.752   9.156   1.00 0.00 ? 607 SER A HA   1 
ATOM 1120 H HB2  . SER A 1 72 ? -8.092  3.895   7.664   1.00 0.00 ? 607 SER A HB2  1 
ATOM 1121 H HB3  . SER A 1 72 ? -6.379  4.287   7.551   1.00 0.00 ? 607 SER A HB3  1 
ATOM 1122 H HG   . SER A 1 72 ? -5.892  2.448   8.495   1.00 0.00 ? 607 SER A HG   1 
ATOM 1123 N N    . SER A 1 73 ? -7.739  3.326   11.324  1.00 0.00 ? 608 SER A N    1 
ATOM 1124 C CA   . SER A 1 73 ? -8.631  2.668   12.319  1.00 0.00 ? 608 SER A CA   1 
ATOM 1125 C C    . SER A 1 73 ? -9.278  3.736   13.203  1.00 0.00 ? 608 SER A C    1 
ATOM 1126 O O    . SER A 1 73 ? -10.331 3.531   13.772  1.00 0.00 ? 608 SER A O    1 
ATOM 1127 C CB   . SER A 1 73 ? -7.813  1.713   13.189  1.00 0.00 ? 608 SER A CB   1 
ATOM 1128 O OG   . SER A 1 73 ? -6.958  2.467   14.038  1.00 0.00 ? 608 SER A OG   1 
ATOM 1129 H H    . SER A 1 73 ? -6.775  3.151   11.339  1.00 0.00 ? 608 SER A H    1 
ATOM 1130 H HA   . SER A 1 73 ? -9.401  2.115   11.802  1.00 0.00 ? 608 SER A HA   1 
ATOM 1131 H HB2  . SER A 1 73 ? -8.476  1.116   13.793  1.00 0.00 ? 608 SER A HB2  1 
ATOM 1132 H HB3  . SER A 1 73 ? -7.226  1.063   12.554  1.00 0.00 ? 608 SER A HB3  1 
ATOM 1133 H HG   . SER A 1 73 ? -6.053  2.318   13.755  1.00 0.00 ? 608 SER A HG   1 
ATOM 1134 N N    . GLY A 1 74 ? -8.652  4.875   13.325  1.00 0.00 ? 609 GLY A N    1 
ATOM 1135 C CA   . GLY A 1 74 ? -9.228  5.955   14.174  1.00 0.00 ? 609 GLY A CA   1 
ATOM 1136 C C    . GLY A 1 74 ? -8.628  5.869   15.578  1.00 0.00 ? 609 GLY A C    1 
ATOM 1137 O O    . GLY A 1 74 ? -9.032  6.573   16.482  1.00 0.00 ? 609 GLY A O    1 
ATOM 1138 H H    . GLY A 1 74 ? -7.802  5.019   12.858  1.00 0.00 ? 609 GLY A H    1 
ATOM 1139 H HA2  . GLY A 1 74 ? -8.997  6.917   13.739  1.00 0.00 ? 609 GLY A HA2  1 
ATOM 1140 H HA3  . GLY A 1 74 ? -10.298 5.833   14.237  1.00 0.00 ? 609 GLY A HA3  1 
ATOM 1141 N N    . GLY A 1 75 ? -7.665  5.009   15.767  1.00 0.00 ? 610 GLY A N    1 
ATOM 1142 C CA   . GLY A 1 75 ? -7.036  4.877   17.112  1.00 0.00 ? 610 GLY A CA   1 
ATOM 1143 C C    . GLY A 1 75 ? -6.463  3.468   17.272  1.00 0.00 ? 610 GLY A C    1 
ATOM 1144 O O    . GLY A 1 75 ? -6.595  2.687   16.343  1.00 0.00 ? 610 GLY A O    1 
ATOM 1145 O OXT  . GLY A 1 75 ? -5.900  3.193   18.319  1.00 0.00 ? 610 GLY A OXT  1 
ATOM 1146 H H    . GLY A 1 75 ? -7.354  4.451   15.023  1.00 0.00 ? 610 GLY A H    1 
ATOM 1147 H HA2  . GLY A 1 75 ? -6.242  5.604   17.211  1.00 0.00 ? 610 GLY A HA2  1 
ATOM 1148 H HA3  . GLY A 1 75 ? -7.779  5.048   17.876  1.00 0.00 ? 610 GLY A HA3  1 
# 
